data_4YPJ
#
_entry.id   4YPJ
#
_cell.length_a   161.415
_cell.length_b   161.415
_cell.length_c   275.290
_cell.angle_alpha   90.00
_cell.angle_beta   90.00
_cell.angle_gamma   90.00
#
_symmetry.space_group_name_H-M   'P 41 21 2'
#
loop_
_entity.id
_entity.type
_entity.pdbx_description
1 polymer 'Beta galactosidase'
2 water water
#
_entity_poly.entity_id   1
_entity_poly.type   'polypeptide(L)'
_entity_poly.pdbx_seq_one_letter_code
;SVSYDGERRVNFNENWRFQRETNGSIAGAQNPGFDDSSWRKLNLPHDWSIELDFNKNSLATHEGGYLDGGIGWYRKTFTI
PESMKGKRISLDFDGVYMNSTTYLNGEVLGTYPFGYNAFSYDISDKLYKDGRANVLVVKVNNTQPSSRWYSGSGIYRNVY
LTVTDPIHVARYGTFVTTPNLEKSIKEDRADVNIKTKISNDAAEAKQVKIKSTIYDGAGNTVQTVETEEKTAAAGTVTPF
EQNTVIKQPKLWSIDKPYRYNLVTEVIVGGQTVDTYETKFGVRYFKFDENEGFSLNGEYMKLHGVSMHHDLGALGAATNA
RGVERQMQIMKDMGVNAIRVTHNPASPELLEAANKLGLFIIEEAFDSWAQSKKPYDYGRFFNAWAEHDIKEMVDRGKNEP
AIIMWSIGNEIYDTTNAAGVETARNLVGWVKEIDTTRPTTIGEDKTRGDKVNVTPINSYIKEIFNIVDVVGLNYSENNYD
GYHKQNPSWKLYGSETSSATRSRGVYTHPYQYNQSTKYADLQQSSYDNDYVGWGRTAEDAWKYDRDLKHIAGQFIWTGFD
YIGEPTPYYNSYPAKSSYFGAVDTAGFPKDIFYYYQSQWKKEPMVHLLPHWNWKEGEKVRVLAYTNASKVELVLNGESLG
EKNYDNKQTSWGAPYKETKDGKTYLEWAVPFKPGKLEAVAKDENGKVIARDQVVTAGEPASVRLTADRKVVKADGTDLSF
ITADIVDSKGIVVPDADHLITFNVTGQGELAGVDNGNASSVERYKDNKRKAFSGKALAIVQSSKLSGKITVHASVAGLSS
DSTSVFTVTP
;
_entity_poly.pdbx_strand_id   A,B
#
# COMPACT_ATOMS: atom_id res chain seq x y z
N SER A 1 -14.43 17.37 39.45
CA SER A 1 -13.54 17.34 40.71
C SER A 1 -13.08 15.97 41.15
N VAL A 2 -11.79 15.84 41.29
CA VAL A 2 -11.23 14.53 41.49
C VAL A 2 -11.48 13.97 42.90
N SER A 3 -11.70 12.65 42.93
CA SER A 3 -11.86 11.82 44.13
C SER A 3 -10.52 11.48 44.71
N TYR A 4 -10.22 12.05 45.85
CA TYR A 4 -8.96 11.75 46.51
C TYR A 4 -9.22 11.33 47.93
N ASP A 5 -8.91 10.08 48.25
CA ASP A 5 -8.86 9.63 49.63
C ASP A 5 -7.41 9.30 50.09
N GLY A 6 -6.43 10.11 49.76
CA GLY A 6 -5.02 9.79 50.08
C GLY A 6 -4.26 8.70 49.30
N GLU A 7 -4.86 8.03 48.31
CA GLU A 7 -4.15 6.98 47.55
C GLU A 7 -2.95 7.56 46.73
N ARG A 8 -1.90 6.78 46.48
CA ARG A 8 -0.75 7.29 45.73
C ARG A 8 -0.99 7.33 44.22
N ARG A 9 -1.86 6.42 43.71
CA ARG A 9 -2.29 6.48 42.31
C ARG A 9 -3.77 6.51 42.19
N VAL A 10 -4.26 7.50 41.47
CA VAL A 10 -5.69 7.72 41.31
C VAL A 10 -6.06 7.31 39.91
N ASN A 11 -7.11 6.53 39.80
CA ASN A 11 -7.65 6.19 38.55
C ASN A 11 -8.20 7.42 37.87
N PHE A 12 -7.74 7.71 36.67
CA PHE A 12 -8.17 8.88 35.94
C PHE A 12 -8.90 8.53 34.63
N ASN A 13 -9.45 7.33 34.55
CA ASN A 13 -10.10 6.87 33.34
C ASN A 13 -11.50 7.45 33.08
N GLU A 14 -12.15 8.07 34.05
CA GLU A 14 -13.56 8.47 33.86
C GLU A 14 -13.80 9.85 33.34
N ASN A 15 -14.88 9.99 32.65
CA ASN A 15 -15.34 11.32 32.24
C ASN A 15 -14.54 12.05 31.26
N TRP A 16 -14.31 11.39 30.16
CA TRP A 16 -13.66 12.00 29.05
C TRP A 16 -14.68 12.30 27.96
N ARG A 17 -14.37 13.30 27.17
CA ARG A 17 -15.12 13.53 25.95
C ARG A 17 -14.23 13.08 24.79
N PHE A 18 -14.85 12.60 23.73
CA PHE A 18 -14.07 12.05 22.64
C PHE A 18 -14.75 12.35 21.35
N GLN A 19 -13.94 12.64 20.35
CA GLN A 19 -14.47 12.88 19.02
C GLN A 19 -13.38 12.63 18.01
N ARG A 20 -13.75 11.88 16.99
CA ARG A 20 -12.86 11.58 15.93
C ARG A 20 -12.98 12.58 14.77
N GLU A 21 -11.88 12.99 14.13
CA GLU A 21 -12.02 13.86 12.96
C GLU A 21 -12.55 13.05 11.79
N THR A 22 -13.72 13.40 11.26
CA THR A 22 -14.26 12.79 10.03
C THR A 22 -14.39 13.77 8.89
N ASN A 23 -14.29 15.06 9.19
CA ASN A 23 -14.48 16.14 8.23
C ASN A 23 -13.33 17.11 8.21
N GLY A 24 -12.12 16.60 8.21
CA GLY A 24 -11.01 17.48 8.38
C GLY A 24 -10.88 18.04 9.80
N SER A 25 -9.98 19.02 9.87
CA SER A 25 -9.38 19.43 11.09
C SER A 25 -10.40 20.14 12.00
N ILE A 26 -10.41 19.84 13.31
CA ILE A 26 -11.36 20.48 14.26
C ILE A 26 -10.69 21.63 14.96
N ALA A 27 -10.96 22.85 14.48
CA ALA A 27 -10.30 24.06 14.99
C ALA A 27 -10.52 24.23 16.52
N GLY A 28 -9.45 24.45 17.26
CA GLY A 28 -9.56 24.93 18.63
C GLY A 28 -9.82 23.86 19.66
N ALA A 29 -9.87 22.63 19.22
CA ALA A 29 -10.08 21.50 20.13
C ALA A 29 -9.11 21.42 21.29
N GLN A 30 -7.91 21.92 21.11
CA GLN A 30 -6.93 21.90 22.16
C GLN A 30 -7.09 23.03 23.18
N ASN A 31 -7.96 23.99 22.92
CA ASN A 31 -8.09 25.13 23.85
C ASN A 31 -9.07 24.90 24.96
N PRO A 32 -8.77 25.46 26.13
CA PRO A 32 -9.66 25.39 27.32
C PRO A 32 -11.09 25.89 27.07
N GLY A 33 -11.22 27.00 26.38
CA GLY A 33 -12.53 27.46 26.02
C GLY A 33 -13.35 26.74 24.98
N PHE A 34 -12.82 25.72 24.32
CA PHE A 34 -13.58 25.01 23.26
C PHE A 34 -14.82 24.38 23.83
N ASP A 35 -15.88 24.41 23.07
CA ASP A 35 -17.12 23.84 23.51
C ASP A 35 -17.35 22.40 23.02
N ASP A 36 -17.17 21.44 23.94
CA ASP A 36 -17.28 20.02 23.65
C ASP A 36 -18.53 19.44 24.27
N SER A 37 -19.52 20.29 24.47
CA SER A 37 -20.68 19.89 25.23
C SER A 37 -21.53 18.92 24.38
N SER A 38 -21.42 18.92 23.08
CA SER A 38 -22.15 17.91 22.37
C SER A 38 -21.28 16.67 22.01
N TRP A 39 -20.08 16.58 22.55
CA TRP A 39 -19.23 15.40 22.29
C TRP A 39 -19.60 14.21 23.14
N ARG A 40 -19.41 13.05 22.58
CA ARG A 40 -19.65 11.86 23.34
C ARG A 40 -18.85 11.83 24.65
N LYS A 41 -19.46 11.33 25.73
CA LYS A 41 -18.78 11.13 27.01
C LYS A 41 -18.49 9.65 27.19
N LEU A 42 -17.30 9.31 27.66
CA LEU A 42 -16.96 7.90 27.79
C LEU A 42 -15.89 7.68 28.83
N ASN A 43 -15.66 6.40 29.16
CA ASN A 43 -14.58 6.04 30.04
C ASN A 43 -13.51 5.26 29.36
N LEU A 44 -12.30 5.46 29.81
CA LEU A 44 -11.17 4.75 29.30
C LEU A 44 -11.03 3.44 30.07
N PRO A 45 -10.34 2.44 29.53
CA PRO A 45 -9.59 2.51 28.26
C PRO A 45 -10.48 2.44 27.04
N HIS A 46 -10.00 2.93 25.91
CA HIS A 46 -10.84 3.03 24.75
C HIS A 46 -10.05 2.88 23.50
N ASP A 47 -10.62 2.10 22.57
CA ASP A 47 -10.06 1.90 21.26
C ASP A 47 -11.12 2.36 20.30
N TRP A 48 -10.89 3.45 19.60
CA TRP A 48 -11.91 3.96 18.68
C TRP A 48 -12.06 3.16 17.42
N SER A 49 -11.01 2.44 17.05
CA SER A 49 -11.01 1.77 15.74
C SER A 49 -11.99 0.63 15.78
N ILE A 50 -12.06 -0.05 16.91
CA ILE A 50 -12.85 -1.27 17.01
C ILE A 50 -14.39 -1.06 16.93
N GLU A 51 -14.80 0.18 17.13
CA GLU A 51 -16.18 0.58 17.13
C GLU A 51 -16.66 0.89 15.71
N LEU A 52 -15.71 1.07 14.78
CA LEU A 52 -16.09 1.41 13.41
C LEU A 52 -16.50 0.20 12.60
N ASP A 53 -17.31 0.44 11.58
CA ASP A 53 -17.55 -0.59 10.61
C ASP A 53 -16.24 -0.86 9.90
N PHE A 54 -16.05 -2.13 9.56
CA PHE A 54 -15.01 -2.45 8.58
C PHE A 54 -15.15 -1.68 7.27
N ASN A 55 -14.02 -1.17 6.79
CA ASN A 55 -13.97 -0.27 5.69
C ASN A 55 -12.97 -0.79 4.70
N LYS A 56 -13.48 -1.29 3.59
CA LYS A 56 -12.63 -1.86 2.56
C LYS A 56 -11.66 -0.84 1.94
N ASN A 57 -12.03 0.41 1.99
CA ASN A 57 -11.15 1.44 1.53
C ASN A 57 -10.27 2.04 2.61
N SER A 58 -10.17 1.42 3.78
CA SER A 58 -9.32 1.98 4.81
C SER A 58 -7.82 2.00 4.41
N LEU A 59 -7.12 3.05 4.80
CA LEU A 59 -5.71 3.14 4.59
C LEU A 59 -4.93 2.09 5.42
N ALA A 60 -5.61 1.50 6.41
CA ALA A 60 -5.04 0.42 7.17
C ALA A 60 -4.86 -0.83 6.35
N THR A 61 -5.61 -0.95 5.27
CA THR A 61 -5.62 -2.16 4.40
C THR A 61 -5.92 -3.45 5.16
N HIS A 62 -5.73 -4.55 4.50
CA HIS A 62 -5.84 -5.81 5.17
C HIS A 62 -4.83 -5.89 6.33
N GLU A 63 -3.67 -5.27 6.19
CA GLU A 63 -2.65 -5.46 7.22
C GLU A 63 -3.18 -5.04 8.59
N GLY A 64 -3.94 -3.96 8.65
CA GLY A 64 -4.43 -3.41 9.91
C GLY A 64 -5.89 -3.68 10.16
N GLY A 65 -6.43 -4.64 9.42
CA GLY A 65 -7.78 -5.15 9.62
C GLY A 65 -8.87 -4.29 9.07
N TYR A 66 -8.56 -3.42 8.13
CA TYR A 66 -9.59 -2.62 7.44
C TYR A 66 -10.40 -1.82 8.45
N LEU A 67 -9.72 -1.35 9.48
CA LEU A 67 -10.35 -0.42 10.43
C LEU A 67 -9.59 0.90 10.54
N ASP A 68 -10.33 1.97 10.34
CA ASP A 68 -9.74 3.29 10.30
C ASP A 68 -9.17 3.80 11.64
N GLY A 69 -8.09 4.57 11.53
CA GLY A 69 -7.46 5.27 12.60
C GLY A 69 -7.82 6.74 12.38
N GLY A 70 -6.82 7.51 12.01
CA GLY A 70 -6.99 8.92 11.70
C GLY A 70 -6.60 9.75 12.89
N ILE A 71 -7.29 10.88 13.04
CA ILE A 71 -7.01 11.80 14.14
C ILE A 71 -8.21 11.75 15.09
N GLY A 72 -7.91 11.55 16.38
CA GLY A 72 -8.92 11.46 17.41
C GLY A 72 -8.59 12.43 18.52
N TRP A 73 -9.63 13.05 19.11
CA TRP A 73 -9.42 13.95 20.25
C TRP A 73 -10.10 13.49 21.52
N TYR A 74 -9.35 13.54 22.61
CA TYR A 74 -9.87 13.23 23.94
C TYR A 74 -9.74 14.49 24.83
N ARG A 75 -10.78 14.81 25.60
CA ARG A 75 -10.83 16.05 26.39
C ARG A 75 -11.36 15.73 27.77
N LYS A 76 -10.68 16.22 28.82
CA LYS A 76 -11.20 16.08 30.19
C LYS A 76 -11.09 17.40 30.96
N THR A 77 -12.22 17.86 31.46
CA THR A 77 -12.29 19.05 32.26
C THR A 77 -12.39 18.67 33.72
N PHE A 78 -11.54 19.18 34.59
CA PHE A 78 -11.56 18.65 35.96
C PHE A 78 -10.92 19.66 36.92
N THR A 79 -11.19 19.43 38.22
CA THR A 79 -10.63 20.24 39.29
C THR A 79 -9.98 19.42 40.33
N ILE A 80 -9.08 20.07 41.05
CA ILE A 80 -8.28 19.39 42.07
C ILE A 80 -8.80 19.72 43.44
N PRO A 81 -9.05 18.75 44.31
CA PRO A 81 -9.52 19.19 45.65
C PRO A 81 -8.47 19.93 46.53
N GLU A 82 -8.93 20.55 47.63
CA GLU A 82 -8.05 21.10 48.69
C GLU A 82 -7.12 19.97 49.14
N SER A 83 -7.60 18.73 49.26
CA SER A 83 -6.79 17.66 49.87
C SER A 83 -5.49 17.34 49.17
N MET A 84 -5.37 17.81 47.92
CA MET A 84 -4.17 17.59 47.11
C MET A 84 -3.25 18.78 47.07
N LYS A 85 -3.56 19.83 47.82
CA LYS A 85 -2.80 21.08 47.63
C LYS A 85 -1.34 20.77 48.02
N GLY A 86 -0.38 21.31 47.27
CA GLY A 86 1.02 21.11 47.63
C GLY A 86 1.55 19.69 47.54
N LYS A 87 0.76 18.79 46.93
CA LYS A 87 1.28 17.52 46.43
C LYS A 87 1.91 17.69 45.04
N ARG A 88 2.77 16.72 44.74
CA ARG A 88 3.28 16.46 43.39
C ARG A 88 2.29 15.59 42.67
N ILE A 89 2.01 15.98 41.43
CA ILE A 89 1.00 15.33 40.65
C ILE A 89 1.51 15.13 39.28
N SER A 90 1.58 13.85 38.89
CA SER A 90 1.89 13.53 37.48
C SER A 90 0.70 12.83 36.80
N LEU A 91 0.48 13.22 35.54
CA LEU A 91 -0.44 12.57 34.64
C LEU A 91 0.33 11.41 33.93
N ASP A 92 -0.20 10.20 34.09
CA ASP A 92 0.47 8.95 33.72
C ASP A 92 -0.40 8.11 32.78
N PHE A 93 0.03 7.98 31.53
CA PHE A 93 -0.64 7.10 30.56
C PHE A 93 0.11 5.79 30.45
N ASP A 94 -0.59 4.67 30.56
CA ASP A 94 0.01 3.32 30.39
C ASP A 94 0.28 3.04 28.89
N GLY A 95 -0.50 3.71 28.01
CA GLY A 95 -0.28 3.69 26.58
C GLY A 95 -1.31 4.43 25.72
N VAL A 96 -0.82 5.03 24.64
CA VAL A 96 -1.67 5.71 23.67
C VAL A 96 -1.12 5.46 22.24
N TYR A 97 -1.92 4.83 21.39
CA TYR A 97 -1.54 4.60 19.99
C TYR A 97 -2.18 5.61 19.04
N MET A 98 -1.40 6.49 18.41
CA MET A 98 0.03 6.71 18.61
C MET A 98 0.27 8.18 18.32
N ASN A 99 1.51 8.59 18.50
CA ASN A 99 1.90 9.97 18.19
C ASN A 99 0.96 11.04 18.77
N SER A 100 0.85 11.06 20.07
CA SER A 100 -0.08 11.90 20.75
C SER A 100 0.53 13.18 21.12
N THR A 101 -0.28 14.20 21.20
CA THR A 101 0.14 15.46 21.72
C THR A 101 -0.81 15.80 22.85
N THR A 102 -0.24 16.08 24.02
CA THR A 102 -1.02 16.36 25.19
C THR A 102 -0.98 17.84 25.57
N TYR A 103 -2.15 18.44 25.76
CA TYR A 103 -2.25 19.85 26.12
C TYR A 103 -2.90 20.00 27.48
N LEU A 104 -2.44 20.99 28.24
CA LEU A 104 -3.07 21.31 29.52
C LEU A 104 -3.26 22.80 29.63
N ASN A 105 -4.54 23.17 29.77
CA ASN A 105 -4.89 24.58 29.91
C ASN A 105 -4.27 25.37 28.76
N GLY A 106 -4.39 24.94 27.53
CA GLY A 106 -3.78 25.64 26.41
C GLY A 106 -2.28 25.48 26.12
N GLU A 107 -1.50 24.91 27.03
CA GLU A 107 -0.04 24.76 26.87
C GLU A 107 0.18 23.33 26.44
N VAL A 108 1.12 23.13 25.54
CA VAL A 108 1.58 21.80 25.25
C VAL A 108 2.40 21.17 26.39
N LEU A 109 1.99 20.02 26.91
CA LEU A 109 2.86 19.29 27.82
C LEU A 109 3.94 18.51 27.08
N GLY A 110 3.57 17.94 25.92
CA GLY A 110 4.45 17.08 25.18
C GLY A 110 3.82 16.31 24.02
N THR A 111 4.70 15.73 23.20
CA THR A 111 4.31 14.86 22.15
C THR A 111 5.01 13.54 22.36
N TYR A 112 4.26 12.44 22.27
CA TYR A 112 4.78 11.09 22.54
C TYR A 112 4.55 10.20 21.32
N PRO A 113 5.61 9.90 20.58
CA PRO A 113 5.34 9.20 19.34
C PRO A 113 5.00 7.70 19.46
N PHE A 114 5.75 6.98 20.27
CA PHE A 114 5.61 5.54 20.34
C PHE A 114 4.26 5.17 20.91
N GLY A 115 3.68 4.10 20.42
CA GLY A 115 2.27 3.77 20.76
C GLY A 115 2.09 2.68 21.80
N TYR A 116 3.20 2.18 22.31
CA TYR A 116 3.11 0.99 23.14
C TYR A 116 3.85 1.11 24.49
N ASN A 117 4.32 2.29 24.85
CA ASN A 117 4.97 2.51 26.15
C ASN A 117 4.11 3.42 27.02
N ALA A 118 4.30 3.30 28.31
CA ALA A 118 3.78 4.28 29.21
C ALA A 118 4.56 5.58 29.14
N PHE A 119 3.91 6.68 29.50
CA PHE A 119 4.63 7.96 29.57
C PHE A 119 3.95 8.86 30.59
N SER A 120 4.66 9.92 30.99
CA SER A 120 4.22 10.71 32.13
C SER A 120 4.57 12.16 32.01
N TYR A 121 3.67 13.03 32.40
CA TYR A 121 3.96 14.46 32.48
C TYR A 121 3.72 14.99 33.94
N ASP A 122 4.67 15.73 34.47
CA ASP A 122 4.48 16.35 35.77
C ASP A 122 3.64 17.57 35.57
N ILE A 123 2.60 17.71 36.36
CA ILE A 123 1.69 18.83 36.18
C ILE A 123 1.48 19.61 37.48
N SER A 124 2.27 19.31 38.51
CA SER A 124 2.18 19.93 39.82
C SER A 124 1.99 21.43 39.72
N ASP A 125 2.81 22.11 38.95
CA ASP A 125 2.77 23.58 38.89
C ASP A 125 1.97 24.13 37.77
N LYS A 126 1.35 23.27 36.99
CA LYS A 126 0.66 23.66 35.78
C LYS A 126 -0.86 23.73 36.01
N LEU A 127 -1.36 23.08 37.04
CA LEU A 127 -2.79 23.13 37.35
C LEU A 127 -3.17 24.45 38.03
N TYR A 128 -4.38 24.94 37.76
CA TYR A 128 -4.85 26.10 38.50
C TYR A 128 -5.18 25.71 39.91
N LYS A 129 -4.83 26.61 40.84
CA LYS A 129 -4.87 26.34 42.30
C LYS A 129 -6.06 27.00 43.05
N ASP A 130 -6.95 27.65 42.32
CA ASP A 130 -8.14 28.34 42.85
C ASP A 130 -9.41 27.46 42.84
N GLY A 131 -9.33 26.25 42.30
CA GLY A 131 -10.55 25.51 41.96
C GLY A 131 -11.11 25.96 40.60
N ARG A 132 -10.47 26.85 39.83
CA ARG A 132 -10.86 26.95 38.41
C ARG A 132 -10.53 25.68 37.66
N ALA A 133 -11.36 25.41 36.67
CA ALA A 133 -11.33 24.16 35.97
C ALA A 133 -10.15 24.06 35.04
N ASN A 134 -9.51 22.90 35.08
CA ASN A 134 -8.46 22.56 34.13
C ASN A 134 -9.03 21.76 32.96
N VAL A 135 -8.44 21.98 31.80
CA VAL A 135 -8.83 21.30 30.60
C VAL A 135 -7.64 20.64 29.98
N LEU A 136 -7.71 19.33 30.05
CA LEU A 136 -6.71 18.43 29.51
C LEU A 136 -7.14 17.93 28.14
N VAL A 137 -6.24 17.98 27.18
CA VAL A 137 -6.55 17.48 25.86
C VAL A 137 -5.48 16.55 25.33
N VAL A 138 -5.90 15.43 24.76
CA VAL A 138 -5.00 14.55 24.07
C VAL A 138 -5.41 14.38 22.62
N LYS A 139 -4.56 14.86 21.72
CA LYS A 139 -4.71 14.70 20.29
C LYS A 139 -3.94 13.45 19.87
N VAL A 140 -4.66 12.52 19.27
CA VAL A 140 -4.10 11.26 18.93
C VAL A 140 -3.97 11.19 17.42
N ASN A 141 -2.73 11.01 16.95
CA ASN A 141 -2.49 10.93 15.53
C ASN A 141 -2.07 9.54 15.00
N ASN A 142 -3.10 8.73 14.66
CA ASN A 142 -2.84 7.44 14.06
C ASN A 142 -3.18 7.52 12.58
N THR A 143 -2.43 8.38 11.90
CA THR A 143 -2.41 8.40 10.47
C THR A 143 -1.83 7.06 9.95
N GLN A 144 -2.47 6.54 8.91
CA GLN A 144 -2.24 5.17 8.47
C GLN A 144 -1.65 5.23 7.06
N PRO A 145 -0.80 4.26 6.72
CA PRO A 145 -0.56 3.03 7.48
C PRO A 145 0.68 3.12 8.36
N SER A 146 0.52 2.59 9.57
CA SER A 146 1.54 2.68 10.59
C SER A 146 1.92 1.33 11.08
N SER A 147 1.28 0.29 10.61
CA SER A 147 1.34 -0.98 11.32
C SER A 147 1.08 -2.18 10.38
N ARG A 148 1.84 -3.26 10.62
CA ARG A 148 1.72 -4.50 9.86
C ARG A 148 0.59 -5.38 10.45
N TRP A 149 0.08 -5.00 11.61
CA TRP A 149 -1.04 -5.71 12.27
C TRP A 149 -2.10 -4.69 12.78
N TYR A 150 -3.22 -5.17 13.34
CA TYR A 150 -4.20 -4.25 13.90
C TYR A 150 -3.61 -3.57 15.13
N SER A 151 -3.58 -2.22 15.11
CA SER A 151 -3.07 -1.46 16.27
C SER A 151 -4.16 -1.02 17.22
N GLY A 152 -5.33 -0.73 16.68
CA GLY A 152 -6.30 0.08 17.46
C GLY A 152 -5.81 1.54 17.38
N SER A 153 -6.65 2.42 17.89
CA SER A 153 -6.33 3.81 18.02
C SER A 153 -6.90 4.36 19.34
N GLY A 154 -6.15 5.26 19.97
CA GLY A 154 -6.62 6.04 21.09
C GLY A 154 -5.97 5.63 22.40
N ILE A 155 -6.67 5.93 23.49
CA ILE A 155 -6.13 5.73 24.84
C ILE A 155 -6.60 4.37 25.33
N TYR A 156 -5.92 3.34 24.82
CA TYR A 156 -6.37 1.94 24.88
C TYR A 156 -5.85 1.27 26.13
N ARG A 157 -4.97 1.96 26.87
CA ARG A 157 -4.58 1.53 28.20
C ARG A 157 -4.93 2.59 29.31
N ASN A 158 -4.88 2.14 30.58
CA ASN A 158 -5.34 2.95 31.70
C ASN A 158 -4.56 4.26 31.87
N VAL A 159 -5.19 5.22 32.56
CA VAL A 159 -4.62 6.50 32.88
C VAL A 159 -4.75 6.75 34.38
N TYR A 160 -3.77 7.46 34.92
CA TYR A 160 -3.64 7.68 36.35
C TYR A 160 -3.14 9.08 36.66
N LEU A 161 -3.40 9.50 37.87
CA LEU A 161 -2.61 10.54 38.51
C LEU A 161 -1.76 9.89 39.58
N THR A 162 -0.48 10.24 39.57
CA THR A 162 0.42 9.79 40.61
C THR A 162 0.60 10.99 41.54
N VAL A 163 0.23 10.79 42.80
CA VAL A 163 0.13 11.88 43.79
C VAL A 163 1.00 11.61 44.99
N THR A 164 2.00 12.47 45.19
CA THR A 164 2.97 12.25 46.26
C THR A 164 3.39 13.52 46.99
N ASP A 165 4.07 13.26 48.12
CA ASP A 165 4.78 14.26 48.85
C ASP A 165 5.90 14.77 47.97
N PRO A 166 6.33 16.02 48.19
CA PRO A 166 7.49 16.50 47.38
C PRO A 166 8.78 15.67 47.56
N ILE A 167 8.84 14.88 48.64
CA ILE A 167 9.88 13.91 48.82
C ILE A 167 9.28 12.53 48.60
N HIS A 168 9.78 11.83 47.58
CA HIS A 168 9.12 10.57 47.19
C HIS A 168 10.07 9.62 46.50
N VAL A 169 9.63 8.37 46.46
CA VAL A 169 10.27 7.39 45.58
C VAL A 169 10.04 7.83 44.12
N ALA A 170 11.10 7.77 43.31
CA ALA A 170 11.00 8.22 41.91
C ALA A 170 10.18 7.21 41.05
N ARG A 171 9.86 7.63 39.84
CA ARG A 171 9.21 6.74 38.92
C ARG A 171 10.09 5.53 38.75
N TYR A 172 9.50 4.34 38.84
CA TYR A 172 10.24 3.07 38.75
C TYR A 172 11.42 3.07 39.70
N GLY A 173 11.29 3.71 40.85
CA GLY A 173 12.44 3.99 41.71
C GLY A 173 12.88 2.88 42.64
N THR A 174 12.33 1.67 42.52
CA THR A 174 12.94 0.55 43.21
C THR A 174 13.55 -0.43 42.22
N PHE A 175 14.64 -1.07 42.64
CA PHE A 175 15.21 -2.16 41.90
C PHE A 175 15.60 -3.29 42.86
N VAL A 176 14.85 -4.37 42.81
CA VAL A 176 15.09 -5.49 43.64
C VAL A 176 15.73 -6.64 42.89
N THR A 177 16.92 -7.07 43.35
CA THR A 177 17.63 -8.22 42.78
C THR A 177 17.98 -9.29 43.81
N THR A 178 18.33 -10.46 43.32
CA THR A 178 18.78 -11.60 44.14
C THR A 178 20.09 -12.14 43.57
N PRO A 179 21.19 -11.47 43.84
CA PRO A 179 22.47 -11.87 43.27
C PRO A 179 22.92 -13.25 43.75
N ASN A 180 23.54 -14.00 42.84
CA ASN A 180 24.12 -15.31 43.12
C ASN A 180 23.17 -16.20 43.80
N LEU A 181 21.92 -16.13 43.37
CA LEU A 181 20.92 -17.00 43.91
C LEU A 181 21.25 -18.47 43.60
N GLU A 182 21.83 -18.77 42.43
CA GLU A 182 22.45 -20.09 42.11
C GLU A 182 23.14 -20.67 43.34
N LYS A 183 23.98 -19.88 43.99
CA LYS A 183 24.80 -20.34 45.11
C LYS A 183 24.11 -20.16 46.45
N SER A 184 23.58 -18.97 46.69
CA SER A 184 22.96 -18.71 47.97
C SER A 184 21.85 -19.68 48.26
N ILE A 185 21.18 -20.18 47.24
CA ILE A 185 20.11 -21.10 47.46
C ILE A 185 20.62 -22.44 48.03
N LYS A 186 21.86 -22.80 47.70
CA LYS A 186 22.45 -24.04 48.23
C LYS A 186 22.45 -24.10 49.74
N GLU A 187 22.57 -22.94 50.41
CA GLU A 187 22.46 -22.86 51.84
C GLU A 187 21.10 -22.34 52.26
N ASP A 188 20.08 -22.62 51.44
CA ASP A 188 18.69 -22.28 51.72
C ASP A 188 18.37 -20.80 52.08
N ARG A 189 19.10 -19.88 51.46
CA ARG A 189 18.91 -18.44 51.68
C ARG A 189 18.79 -17.75 50.32
N ALA A 190 18.13 -16.60 50.29
CA ALA A 190 18.21 -15.65 49.16
C ALA A 190 18.79 -14.31 49.57
N ASP A 191 19.86 -13.90 48.93
CA ASP A 191 20.38 -12.58 49.25
C ASP A 191 19.63 -11.57 48.44
N VAL A 192 18.97 -10.64 49.11
CA VAL A 192 18.19 -9.63 48.43
C VAL A 192 18.84 -8.27 48.40
N ASN A 193 19.08 -7.71 47.22
CA ASN A 193 19.64 -6.36 47.12
C ASN A 193 18.56 -5.40 46.73
N ILE A 194 18.55 -4.22 47.36
CA ILE A 194 17.49 -3.25 47.13
C ILE A 194 18.03 -1.87 46.86
N LYS A 195 17.81 -1.35 45.66
CA LYS A 195 18.25 -0.04 45.35
C LYS A 195 17.03 0.86 45.24
N THR A 196 16.99 1.93 46.04
CA THR A 196 15.87 2.87 46.08
C THR A 196 16.30 4.26 45.62
N LYS A 197 15.53 4.92 44.75
CA LYS A 197 15.89 6.27 44.28
C LYS A 197 14.83 7.23 44.83
N ILE A 198 15.29 8.29 45.52
CA ILE A 198 14.40 9.26 46.18
C ILE A 198 14.55 10.64 45.58
N SER A 199 13.43 11.16 45.07
CA SER A 199 13.40 12.49 44.52
C SER A 199 13.05 13.49 45.60
N ASN A 200 13.73 14.63 45.57
CA ASN A 200 13.38 15.79 46.36
C ASN A 200 12.98 16.91 45.44
N ASP A 201 11.68 17.05 45.26
CA ASP A 201 11.13 18.10 44.41
C ASP A 201 10.68 19.30 45.26
N ALA A 202 11.06 19.35 46.54
CA ALA A 202 10.85 20.55 47.36
C ALA A 202 11.92 21.61 47.16
N ALA A 203 11.63 22.77 47.74
CA ALA A 203 12.51 23.92 47.77
C ALA A 203 13.88 23.69 48.52
N GLU A 204 13.89 23.02 49.67
CA GLU A 204 15.12 22.93 50.47
C GLU A 204 15.56 21.49 50.78
N ALA A 205 16.87 21.24 50.83
CA ALA A 205 17.41 19.93 51.27
C ALA A 205 16.73 19.33 52.54
N LYS A 206 16.77 18.03 52.73
CA LYS A 206 16.06 17.40 53.82
C LYS A 206 16.76 16.12 54.18
N GLN A 207 16.46 15.60 55.34
CA GLN A 207 17.22 14.49 55.88
C GLN A 207 16.29 13.34 55.81
N VAL A 208 16.75 12.30 55.11
CA VAL A 208 15.87 11.22 54.72
C VAL A 208 16.43 9.86 55.04
N LYS A 209 15.57 9.00 55.55
CA LYS A 209 15.82 7.56 55.71
C LYS A 209 14.80 6.73 54.97
N ILE A 210 15.09 5.45 54.76
CA ILE A 210 14.24 4.55 54.03
C ILE A 210 14.05 3.35 54.88
N LYS A 211 12.81 2.99 55.13
CA LYS A 211 12.52 1.74 55.78
C LYS A 211 11.91 0.80 54.77
N SER A 212 12.50 -0.41 54.66
CA SER A 212 12.15 -1.40 53.65
C SER A 212 11.67 -2.68 54.30
N THR A 213 10.44 -3.05 54.06
CA THR A 213 9.87 -4.21 54.72
C THR A 213 9.44 -5.23 53.64
N ILE A 214 9.82 -6.49 53.83
CA ILE A 214 9.37 -7.54 52.96
C ILE A 214 8.30 -8.39 53.57
N TYR A 215 7.19 -8.53 52.85
CA TYR A 215 6.09 -9.40 53.28
C TYR A 215 6.00 -10.58 52.37
N ASP A 216 5.47 -11.67 52.87
CA ASP A 216 5.23 -12.80 52.03
C ASP A 216 3.83 -12.72 51.41
N GLY A 217 3.42 -13.78 50.72
CA GLY A 217 2.13 -13.79 50.03
C GLY A 217 0.91 -13.72 50.96
N ALA A 218 1.11 -14.13 52.21
CA ALA A 218 0.06 -14.07 53.19
C ALA A 218 -0.02 -12.74 53.92
N GLY A 219 0.98 -11.88 53.81
CA GLY A 219 0.97 -10.62 54.55
C GLY A 219 1.91 -10.62 55.75
N ASN A 220 2.58 -11.75 56.03
CA ASN A 220 3.50 -11.82 57.17
C ASN A 220 4.79 -11.11 56.92
N THR A 221 5.26 -10.39 57.91
CA THR A 221 6.55 -9.73 57.82
C THR A 221 7.69 -10.71 57.77
N VAL A 222 8.61 -10.50 56.87
CA VAL A 222 9.76 -11.36 56.70
C VAL A 222 11.08 -10.67 57.04
N GLN A 223 11.20 -9.40 56.69
CA GLN A 223 12.38 -8.66 57.04
C GLN A 223 12.02 -7.21 57.11
N THR A 224 12.83 -6.44 57.83
CA THR A 224 12.66 -5.02 57.92
C THR A 224 14.03 -4.49 57.98
N VAL A 225 14.29 -3.41 57.28
CA VAL A 225 15.62 -2.93 57.17
C VAL A 225 15.52 -1.43 56.94
N GLU A 226 16.14 -0.63 57.83
CA GLU A 226 16.00 0.84 57.86
C GLU A 226 17.40 1.43 57.62
N THR A 227 17.51 2.49 56.86
CA THR A 227 18.83 3.06 56.61
C THR A 227 19.19 4.13 57.64
N GLU A 228 20.44 4.56 57.57
CA GLU A 228 20.89 5.82 58.13
C GLU A 228 20.19 6.97 57.43
N GLU A 229 19.96 8.07 58.14
CA GLU A 229 19.60 9.32 57.45
C GLU A 229 20.65 9.73 56.47
N LYS A 230 20.29 10.61 55.55
CA LYS A 230 21.15 10.97 54.43
C LYS A 230 20.63 12.30 53.86
N THR A 231 21.52 13.14 53.39
CA THR A 231 21.10 14.42 52.90
C THR A 231 20.56 14.32 51.47
N ALA A 232 19.32 14.75 51.31
CA ALA A 232 18.70 14.70 50.01
C ALA A 232 18.60 16.11 49.44
N ALA A 233 19.55 16.50 48.64
CA ALA A 233 19.55 17.88 48.16
C ALA A 233 18.32 18.21 47.33
N ALA A 234 17.80 19.41 47.54
CA ALA A 234 16.71 19.92 46.72
C ALA A 234 17.00 19.73 45.24
N GLY A 235 15.94 19.42 44.48
CA GLY A 235 15.97 19.32 43.03
C GLY A 235 16.83 18.17 42.53
N THR A 236 17.09 17.15 43.35
CA THR A 236 17.92 16.02 42.91
C THR A 236 17.30 14.71 43.27
N VAL A 237 17.93 13.67 42.76
CA VAL A 237 17.66 12.31 43.17
C VAL A 237 18.80 11.78 44.04
N THR A 238 18.46 11.04 45.09
CA THR A 238 19.41 10.58 46.03
C THR A 238 19.19 9.07 46.18
N PRO A 239 20.23 8.26 45.91
CA PRO A 239 20.17 6.80 46.00
C PRO A 239 20.41 6.20 47.37
N PHE A 240 19.77 5.08 47.65
CA PHE A 240 19.98 4.26 48.81
C PHE A 240 20.13 2.82 48.35
N GLU A 241 20.92 2.03 49.07
CA GLU A 241 21.15 0.65 48.73
C GLU A 241 21.10 -0.19 49.98
N GLN A 242 20.46 -1.35 50.02
CA GLN A 242 20.38 -2.18 51.23
C GLN A 242 20.52 -3.66 50.87
N ASN A 243 21.05 -4.48 51.76
CA ASN A 243 21.12 -5.91 51.53
C ASN A 243 20.47 -6.59 52.68
N THR A 244 19.73 -7.63 52.43
CA THR A 244 19.11 -8.37 53.48
C THR A 244 19.01 -9.78 52.91
N VAL A 245 18.12 -10.57 53.50
CA VAL A 245 18.13 -11.99 53.30
C VAL A 245 16.74 -12.53 53.50
N ILE A 246 16.37 -13.56 52.71
CA ILE A 246 15.21 -14.34 53.00
C ILE A 246 15.61 -15.77 53.14
N LYS A 247 15.19 -16.36 54.26
CA LYS A 247 15.55 -17.69 54.65
C LYS A 247 14.44 -18.63 54.21
N GLN A 248 14.85 -19.83 53.79
CA GLN A 248 13.98 -20.78 53.05
C GLN A 248 12.98 -20.10 52.10
N PRO A 249 13.49 -19.31 51.15
CA PRO A 249 12.62 -18.54 50.27
C PRO A 249 11.69 -19.44 49.46
N LYS A 250 10.43 -19.03 49.30
CA LYS A 250 9.52 -19.68 48.37
C LYS A 250 9.83 -19.15 46.95
N LEU A 251 10.17 -20.03 46.04
CA LEU A 251 10.62 -19.56 44.72
C LEU A 251 9.46 -19.31 43.79
N TRP A 252 9.61 -18.33 42.92
CA TRP A 252 8.70 -18.16 41.78
C TRP A 252 9.01 -19.23 40.72
N SER A 253 8.00 -19.94 40.24
CA SER A 253 8.22 -20.84 39.14
C SER A 253 6.97 -20.90 38.28
N ILE A 254 7.04 -21.63 37.17
CA ILE A 254 5.91 -21.81 36.27
C ILE A 254 4.78 -22.54 36.99
N ASP A 255 5.15 -23.58 37.74
CA ASP A 255 4.15 -24.34 38.48
C ASP A 255 3.65 -23.63 39.70
N LYS A 256 4.50 -22.83 40.36
CA LYS A 256 4.18 -22.16 41.63
C LYS A 256 4.66 -20.70 41.61
N PRO A 257 3.85 -19.83 41.01
CA PRO A 257 4.23 -18.46 40.79
C PRO A 257 4.19 -17.56 42.03
N TYR A 258 4.99 -17.87 43.02
CA TYR A 258 4.98 -17.14 44.27
C TYR A 258 5.71 -15.80 44.24
N ARG A 259 5.08 -14.77 44.79
CA ARG A 259 5.72 -13.49 44.95
C ARG A 259 5.65 -12.97 46.38
N TYR A 260 6.70 -12.20 46.70
CA TYR A 260 6.79 -11.37 47.87
C TYR A 260 6.45 -9.92 47.53
N ASN A 261 6.35 -9.07 48.56
CA ASN A 261 6.06 -7.67 48.37
C ASN A 261 6.92 -6.75 49.24
N LEU A 262 7.61 -5.86 48.61
CA LEU A 262 8.41 -4.92 49.33
C LEU A 262 7.65 -3.62 49.53
N VAL A 263 7.53 -3.21 50.78
CA VAL A 263 6.99 -1.90 51.08
C VAL A 263 8.11 -0.95 51.47
N THR A 264 8.17 0.16 50.76
CA THR A 264 9.22 1.14 50.92
C THR A 264 8.59 2.35 51.61
N GLU A 265 9.09 2.69 52.80
CA GLU A 265 8.62 3.86 53.57
C GLU A 265 9.71 4.93 53.54
N VAL A 266 9.35 6.07 52.98
CA VAL A 266 10.23 7.24 52.97
C VAL A 266 9.91 8.12 54.18
N ILE A 267 10.95 8.33 54.99
CA ILE A 267 10.84 8.90 56.34
C ILE A 267 11.62 10.20 56.54
N VAL A 268 10.88 11.26 56.87
CA VAL A 268 11.43 12.58 57.08
C VAL A 268 10.89 13.18 58.35
N GLY A 269 11.83 13.51 59.25
CA GLY A 269 11.52 13.93 60.61
C GLY A 269 10.62 12.95 61.35
N GLY A 270 11.01 11.68 61.45
CA GLY A 270 10.19 10.64 62.11
C GLY A 270 8.77 10.41 61.54
N GLN A 271 8.47 11.02 60.38
CA GLN A 271 7.17 10.85 59.70
C GLN A 271 7.38 10.04 58.41
N THR A 272 6.57 9.01 58.19
CA THR A 272 6.52 8.36 56.90
C THR A 272 5.74 9.28 55.96
N VAL A 273 6.42 9.95 55.03
CA VAL A 273 5.73 10.80 54.05
C VAL A 273 5.43 10.19 52.69
N ASP A 274 5.91 8.99 52.40
CA ASP A 274 5.64 8.34 51.10
C ASP A 274 5.84 6.85 51.20
N THR A 275 4.96 6.13 50.53
CA THR A 275 4.91 4.69 50.65
C THR A 275 4.74 4.07 49.27
N TYR A 276 5.59 3.09 48.94
CA TYR A 276 5.69 2.54 47.56
C TYR A 276 5.81 1.05 47.67
N GLU A 277 5.05 0.34 46.86
CA GLU A 277 5.06 -1.10 46.90
C GLU A 277 5.77 -1.65 45.64
N THR A 278 6.48 -2.77 45.80
CA THR A 278 7.17 -3.46 44.70
C THR A 278 6.96 -4.98 44.83
N LYS A 279 6.03 -5.56 44.07
CA LYS A 279 5.84 -7.00 44.04
C LYS A 279 7.05 -7.62 43.29
N PHE A 280 7.60 -8.70 43.81
CA PHE A 280 8.75 -9.34 43.16
C PHE A 280 8.81 -10.84 43.40
N GLY A 281 9.56 -11.53 42.54
CA GLY A 281 9.69 -12.97 42.67
C GLY A 281 11.16 -13.31 42.89
N VAL A 282 11.34 -14.46 43.54
CA VAL A 282 12.68 -15.04 43.77
C VAL A 282 12.90 -16.26 42.88
N ARG A 283 13.76 -16.07 41.87
CA ARG A 283 14.07 -17.13 40.89
C ARG A 283 15.32 -16.83 40.10
N TYR A 284 15.95 -17.88 39.59
CA TYR A 284 17.15 -17.74 38.78
C TYR A 284 17.00 -18.66 37.58
N PHE A 285 17.73 -18.34 36.52
CA PHE A 285 17.56 -19.15 35.30
C PHE A 285 18.77 -18.96 34.48
N LYS A 286 18.90 -19.76 33.43
CA LYS A 286 20.11 -19.76 32.60
C LYS A 286 19.82 -20.29 31.21
N PHE A 287 20.40 -19.63 30.22
CA PHE A 287 20.47 -20.15 28.89
C PHE A 287 21.85 -20.69 28.73
N ASP A 288 21.94 -21.99 28.45
CA ASP A 288 23.26 -22.67 28.29
C ASP A 288 23.46 -23.05 26.85
N GLU A 289 24.65 -22.81 26.32
CA GLU A 289 24.97 -23.07 24.91
C GLU A 289 24.81 -24.49 24.43
N ASN A 290 24.87 -25.47 25.32
CA ASN A 290 24.66 -26.88 24.92
C ASN A 290 23.47 -27.51 25.54
N GLU A 291 23.09 -27.07 26.74
CA GLU A 291 22.04 -27.76 27.49
C GLU A 291 20.70 -27.04 27.43
N GLY A 292 20.70 -25.85 26.87
CA GLY A 292 19.46 -25.09 26.71
C GLY A 292 19.09 -24.37 27.98
N PHE A 293 17.79 -24.36 28.29
CA PHE A 293 17.28 -23.43 29.29
C PHE A 293 16.97 -24.14 30.58
N SER A 294 17.12 -23.44 31.67
CA SER A 294 16.67 -23.94 32.97
C SER A 294 16.16 -22.80 33.86
N LEU A 295 15.28 -23.19 34.79
CA LEU A 295 14.71 -22.29 35.78
C LEU A 295 14.89 -22.93 37.15
N ASN A 296 15.55 -22.19 38.02
CA ASN A 296 15.83 -22.65 39.37
C ASN A 296 16.51 -24.00 39.30
N GLY A 297 17.47 -24.13 38.37
CA GLY A 297 18.21 -25.37 38.21
C GLY A 297 17.47 -26.48 37.53
N GLU A 298 16.21 -26.31 37.15
CA GLU A 298 15.43 -27.37 36.45
C GLU A 298 15.45 -27.12 34.94
N TYR A 299 16.00 -28.07 34.20
CA TYR A 299 16.03 -28.04 32.74
C TYR A 299 14.56 -28.11 32.25
N MET A 300 14.23 -27.26 31.29
CA MET A 300 12.96 -27.32 30.59
C MET A 300 13.12 -26.63 29.26
N LYS A 301 12.26 -27.06 28.34
CA LYS A 301 12.09 -26.37 27.12
C LYS A 301 11.10 -25.24 27.28
N LEU A 302 11.38 -24.12 26.61
CA LEU A 302 10.45 -23.03 26.39
C LEU A 302 9.42 -23.43 25.33
N HIS A 303 8.24 -23.80 25.79
CA HIS A 303 7.10 -24.03 24.91
C HIS A 303 6.36 -22.70 24.75
N GLY A 304 6.73 -21.94 23.75
CA GLY A 304 6.32 -20.57 23.65
C GLY A 304 5.31 -20.28 22.57
N VAL A 305 4.58 -19.17 22.78
CA VAL A 305 3.84 -18.53 21.73
C VAL A 305 4.15 -17.05 21.61
N SER A 306 3.96 -16.54 20.40
CA SER A 306 3.91 -15.12 20.18
C SER A 306 2.46 -14.61 20.36
N MET A 307 2.34 -13.40 20.87
CA MET A 307 1.03 -12.73 21.10
C MET A 307 1.05 -11.27 20.72
N HIS A 308 0.08 -10.87 19.91
CA HIS A 308 -0.16 -9.45 19.70
C HIS A 308 -1.07 -8.94 20.83
N HIS A 309 -1.34 -7.65 20.82
CA HIS A 309 -1.86 -6.99 22.00
C HIS A 309 -3.38 -6.91 22.02
N ASP A 310 -4.06 -7.04 20.87
CA ASP A 310 -5.52 -6.89 20.91
C ASP A 310 -6.13 -8.06 21.65
N LEU A 311 -7.34 -7.81 22.15
CA LEU A 311 -8.13 -8.80 22.88
C LEU A 311 -9.44 -9.07 22.14
N GLY A 312 -9.33 -9.20 20.83
CA GLY A 312 -10.47 -9.65 20.07
C GLY A 312 -11.56 -8.61 19.94
N ALA A 313 -12.75 -8.96 20.39
CA ALA A 313 -13.89 -8.06 20.28
C ALA A 313 -13.74 -6.83 21.17
N LEU A 314 -12.84 -6.89 22.12
CA LEU A 314 -12.49 -5.70 22.84
C LEU A 314 -11.55 -4.74 22.11
N GLY A 315 -10.99 -5.19 21.00
CA GLY A 315 -10.01 -4.38 20.30
C GLY A 315 -8.77 -4.30 21.16
N ALA A 316 -8.10 -3.17 21.09
CA ALA A 316 -6.88 -2.94 21.83
C ALA A 316 -7.15 -2.57 23.31
N ALA A 317 -8.39 -2.21 23.63
CA ALA A 317 -8.69 -1.69 24.97
C ALA A 317 -8.34 -2.73 26.02
N THR A 318 -7.30 -2.47 26.83
CA THR A 318 -6.78 -3.49 27.70
C THR A 318 -7.77 -3.82 28.78
N ASN A 319 -7.61 -4.99 29.36
CA ASN A 319 -8.52 -5.50 30.40
C ASN A 319 -7.89 -6.67 31.15
N ALA A 320 -7.88 -6.55 32.45
CA ALA A 320 -7.12 -7.50 33.20
C ALA A 320 -7.63 -8.92 32.95
N ARG A 321 -8.93 -9.11 33.06
CA ARG A 321 -9.48 -10.44 32.90
C ARG A 321 -9.35 -10.95 31.46
N GLY A 322 -9.48 -10.03 30.53
CA GLY A 322 -9.34 -10.32 29.12
C GLY A 322 -8.02 -11.02 28.77
N VAL A 323 -6.89 -10.39 29.15
CA VAL A 323 -5.58 -10.98 28.89
C VAL A 323 -5.37 -12.23 29.74
N GLU A 324 -5.84 -12.16 30.98
CA GLU A 324 -5.64 -13.25 31.93
C GLU A 324 -6.26 -14.50 31.33
N ARG A 325 -7.41 -14.33 30.67
CA ARG A 325 -8.11 -15.42 30.05
C ARG A 325 -7.24 -16.00 28.94
N GLN A 326 -6.66 -15.11 28.16
CA GLN A 326 -5.84 -15.54 27.04
C GLN A 326 -4.69 -16.36 27.58
N MET A 327 -4.09 -15.85 28.67
CA MET A 327 -2.97 -16.54 29.22
C MET A 327 -3.41 -17.88 29.85
N GLN A 328 -4.61 -18.00 30.40
CA GLN A 328 -5.00 -19.30 30.96
C GLN A 328 -5.16 -20.32 29.91
N ILE A 329 -5.70 -19.88 28.79
CA ILE A 329 -5.97 -20.78 27.67
C ILE A 329 -4.63 -21.27 27.07
N MET A 330 -3.65 -20.40 27.08
CA MET A 330 -2.33 -20.79 26.65
C MET A 330 -1.71 -21.75 27.65
N LYS A 331 -1.88 -21.52 28.94
CA LYS A 331 -1.44 -22.50 29.91
C LYS A 331 -2.11 -23.81 29.63
N ASP A 332 -3.40 -23.86 29.30
CA ASP A 332 -4.02 -25.19 29.09
C ASP A 332 -3.40 -25.89 27.90
N MET A 333 -2.86 -25.17 26.93
CA MET A 333 -2.35 -25.77 25.74
C MET A 333 -0.98 -26.37 26.04
N GLY A 334 -0.38 -26.01 27.18
CA GLY A 334 0.93 -26.49 27.55
C GLY A 334 2.00 -25.42 27.43
N VAL A 335 1.60 -24.19 27.19
CA VAL A 335 2.54 -23.08 26.94
C VAL A 335 3.17 -22.65 28.27
N ASN A 336 4.45 -22.33 28.27
CA ASN A 336 5.06 -21.73 29.49
C ASN A 336 5.75 -20.44 29.22
N ALA A 337 5.64 -19.92 28.00
CA ALA A 337 6.36 -18.68 27.66
C ALA A 337 5.68 -17.84 26.61
N ILE A 338 5.87 -16.53 26.72
CA ILE A 338 5.23 -15.61 25.84
C ILE A 338 6.19 -14.63 25.27
N ARG A 339 6.20 -14.52 23.95
CA ARG A 339 7.00 -13.47 23.33
C ARG A 339 6.01 -12.36 23.03
N VAL A 340 6.27 -11.19 23.57
CA VAL A 340 5.29 -10.13 23.34
C VAL A 340 5.69 -9.37 22.10
N THR A 341 5.07 -9.81 21.01
CA THR A 341 5.44 -9.43 19.65
C THR A 341 4.62 -8.22 19.19
N HIS A 342 5.21 -7.09 18.81
CA HIS A 342 6.63 -6.82 18.74
C HIS A 342 6.81 -5.42 19.39
N ASN A 343 6.55 -5.37 20.70
CA ASN A 343 6.35 -4.09 21.40
C ASN A 343 6.08 -4.42 22.84
N PRO A 344 6.21 -3.45 23.73
CA PRO A 344 6.03 -3.78 25.12
C PRO A 344 4.62 -4.19 25.49
N ALA A 345 4.54 -4.90 26.60
CA ALA A 345 3.33 -5.44 27.14
C ALA A 345 2.53 -4.39 27.86
N SER A 346 1.23 -4.61 27.98
CA SER A 346 0.46 -3.85 28.93
C SER A 346 0.89 -4.32 30.33
N PRO A 347 0.69 -3.51 31.34
CA PRO A 347 0.78 -3.94 32.73
C PRO A 347 -0.08 -5.13 33.04
N GLU A 348 -1.24 -5.18 32.41
CA GLU A 348 -2.14 -6.28 32.70
C GLU A 348 -1.60 -7.62 32.26
N LEU A 349 -0.93 -7.62 31.10
CA LEU A 349 -0.34 -8.85 30.58
C LEU A 349 0.83 -9.31 31.44
N LEU A 350 1.67 -8.35 31.85
CA LEU A 350 2.76 -8.69 32.73
C LEU A 350 2.21 -9.35 34.00
N GLU A 351 1.17 -8.74 34.55
CA GLU A 351 0.61 -9.20 35.80
C GLU A 351 0.05 -10.62 35.62
N ALA A 352 -0.62 -10.86 34.49
CA ALA A 352 -1.14 -12.20 34.21
C ALA A 352 -0.03 -13.24 34.23
N ALA A 353 1.11 -12.90 33.65
CA ALA A 353 2.17 -13.88 33.58
C ALA A 353 2.79 -14.05 34.93
N ASN A 354 3.00 -12.94 35.64
CA ASN A 354 3.52 -13.01 36.99
C ASN A 354 2.61 -13.93 37.90
N LYS A 355 1.31 -13.84 37.72
CA LYS A 355 0.34 -14.47 38.60
C LYS A 355 0.11 -15.92 38.19
N LEU A 356 0.09 -16.22 36.90
CA LEU A 356 -0.28 -17.58 36.45
C LEU A 356 0.85 -18.51 36.17
N GLY A 357 2.06 -17.95 36.06
CA GLY A 357 3.22 -18.76 35.74
C GLY A 357 3.54 -18.84 34.25
N LEU A 358 4.04 -17.75 33.68
CA LEU A 358 4.52 -17.75 32.31
C LEU A 358 5.77 -16.88 32.19
N PHE A 359 6.77 -17.36 31.47
CA PHE A 359 7.87 -16.50 31.13
C PHE A 359 7.44 -15.48 30.13
N ILE A 360 8.11 -14.36 30.15
CA ILE A 360 7.91 -13.28 29.21
C ILE A 360 9.20 -12.85 28.58
N ILE A 361 9.14 -12.68 27.27
CA ILE A 361 10.18 -11.98 26.53
C ILE A 361 9.55 -10.76 25.98
N GLU A 362 10.12 -9.63 26.34
CA GLU A 362 9.52 -8.40 26.02
C GLU A 362 10.35 -7.72 24.98
N GLU A 363 9.68 -7.32 23.93
CA GLU A 363 10.32 -6.77 22.79
C GLU A 363 10.00 -5.29 22.61
N ALA A 364 11.01 -4.51 22.30
CA ALA A 364 10.83 -3.08 22.12
C ALA A 364 10.29 -2.63 20.77
N PHE A 365 10.81 -3.21 19.68
CA PHE A 365 10.72 -2.59 18.37
C PHE A 365 10.50 -3.54 17.22
N ASP A 366 9.69 -3.07 16.26
CA ASP A 366 9.45 -3.72 15.00
C ASP A 366 10.20 -3.03 13.85
N SER A 367 10.78 -1.88 14.11
CA SER A 367 11.73 -1.35 13.14
C SER A 367 12.76 -0.57 13.93
N TRP A 368 13.93 -0.35 13.33
CA TRP A 368 14.84 0.66 13.85
C TRP A 368 14.62 1.86 12.93
N ALA A 369 15.69 2.47 12.43
CA ALA A 369 15.54 3.71 11.62
C ALA A 369 14.92 3.51 10.23
N GLN A 370 15.02 2.30 9.68
CA GLN A 370 14.37 2.04 8.41
C GLN A 370 12.96 1.56 8.60
N SER A 371 12.02 2.34 8.10
CA SER A 371 10.60 2.05 8.27
C SER A 371 10.19 0.78 7.53
N LYS A 372 9.18 0.12 8.06
CA LYS A 372 8.45 -0.92 7.31
C LYS A 372 7.18 -0.32 6.73
N LYS A 373 6.50 0.53 7.48
CA LYS A 373 5.39 1.34 6.98
C LYS A 373 5.73 2.80 7.17
N PRO A 374 5.24 3.67 6.28
CA PRO A 374 5.67 5.09 6.30
C PRO A 374 5.41 5.84 7.63
N TYR A 375 4.29 5.55 8.29
CA TYR A 375 3.95 6.19 9.56
C TYR A 375 4.30 5.36 10.76
N ASP A 376 5.17 4.37 10.61
CA ASP A 376 5.56 3.65 11.81
C ASP A 376 6.60 4.46 12.65
N TYR A 377 7.29 3.78 13.60
CA TYR A 377 8.15 4.44 14.54
C TYR A 377 9.55 4.70 13.93
N GLY A 378 9.80 4.21 12.73
CA GLY A 378 11.09 4.43 12.06
C GLY A 378 11.45 5.92 12.04
N ARG A 379 10.47 6.74 11.74
CA ARG A 379 10.71 8.14 11.56
C ARG A 379 11.02 8.83 12.91
N PHE A 380 10.73 8.19 14.01
CA PHE A 380 11.06 8.74 15.31
C PHE A 380 12.26 8.11 16.01
N PHE A 381 12.84 7.08 15.39
CA PHE A 381 13.67 6.11 16.10
C PHE A 381 14.96 6.74 16.61
N ASN A 382 15.62 7.50 15.76
CA ASN A 382 16.91 8.10 16.15
C ASN A 382 16.76 9.03 17.32
N ALA A 383 15.66 9.77 17.39
CA ALA A 383 15.45 10.63 18.52
C ALA A 383 14.95 9.86 19.76
N TRP A 384 14.15 8.82 19.58
CA TRP A 384 13.41 8.32 20.72
C TRP A 384 13.80 6.95 21.23
N ALA A 385 14.60 6.22 20.48
CA ALA A 385 14.84 4.86 20.83
C ALA A 385 15.48 4.65 22.22
N GLU A 386 16.47 5.49 22.57
CA GLU A 386 17.07 5.42 23.90
C GLU A 386 16.03 5.56 24.96
N HIS A 387 15.20 6.58 24.80
CA HIS A 387 14.14 6.76 25.76
C HIS A 387 13.18 5.57 25.84
N ASP A 388 12.72 5.11 24.69
CA ASP A 388 11.66 4.11 24.70
C ASP A 388 12.16 2.75 25.18
N ILE A 389 13.41 2.40 24.84
CA ILE A 389 13.86 1.09 25.29
C ILE A 389 14.15 1.15 26.77
N LYS A 390 14.65 2.28 27.25
CA LYS A 390 14.84 2.40 28.70
C LYS A 390 13.52 2.39 29.47
N GLU A 391 12.50 3.08 28.95
CA GLU A 391 11.17 2.99 29.54
C GLU A 391 10.70 1.56 29.69
N MET A 392 10.86 0.77 28.64
CA MET A 392 10.47 -0.66 28.73
C MET A 392 11.18 -1.33 29.87
N VAL A 393 12.50 -1.23 29.88
CA VAL A 393 13.28 -2.03 30.84
C VAL A 393 13.08 -1.51 32.26
N ASP A 394 13.09 -0.19 32.41
CA ASP A 394 12.93 0.39 33.73
C ASP A 394 11.59 -0.02 34.29
N ARG A 395 10.58 0.00 33.44
CA ARG A 395 9.24 -0.38 33.90
C ARG A 395 9.18 -1.82 34.45
N GLY A 396 9.83 -2.74 33.74
CA GLY A 396 9.66 -4.15 33.97
C GLY A 396 10.76 -4.82 34.74
N LYS A 397 11.79 -4.09 35.14
CA LYS A 397 12.97 -4.73 35.77
C LYS A 397 12.78 -5.56 37.09
N ASN A 398 11.60 -5.49 37.69
CA ASN A 398 11.34 -6.27 38.92
C ASN A 398 10.43 -7.47 38.74
N GLU A 399 9.98 -7.63 37.51
CA GLU A 399 8.94 -8.60 37.21
C GLU A 399 9.55 -9.97 37.03
N PRO A 400 9.19 -10.91 37.89
CA PRO A 400 9.84 -12.20 37.80
C PRO A 400 9.53 -12.98 36.52
N ALA A 401 8.38 -12.74 35.91
CA ALA A 401 8.08 -13.45 34.69
C ALA A 401 8.99 -13.05 33.56
N ILE A 402 9.47 -11.82 33.56
CA ILE A 402 10.25 -11.37 32.45
C ILE A 402 11.63 -11.98 32.55
N ILE A 403 12.08 -12.64 31.46
CA ILE A 403 13.42 -13.27 31.42
C ILE A 403 14.34 -12.78 30.33
N MET A 404 13.85 -11.98 29.41
CA MET A 404 14.72 -11.58 28.30
C MET A 404 14.18 -10.33 27.60
N TRP A 405 15.06 -9.44 27.20
CA TRP A 405 14.72 -8.21 26.56
C TRP A 405 15.13 -8.30 25.07
N SER A 406 14.15 -8.12 24.18
CA SER A 406 14.43 -8.24 22.74
C SER A 406 14.53 -6.88 22.16
N ILE A 407 15.62 -6.63 21.46
CA ILE A 407 15.87 -5.27 20.96
C ILE A 407 15.23 -5.03 19.63
N GLY A 408 14.63 -6.06 19.02
CA GLY A 408 14.01 -5.85 17.71
C GLY A 408 13.56 -7.09 17.03
N ASN A 409 12.68 -6.95 16.06
CA ASN A 409 12.13 -8.05 15.26
C ASN A 409 12.28 -7.78 13.78
N GLU A 410 12.91 -8.69 13.07
CA GLU A 410 12.95 -8.63 11.59
C GLU A 410 13.38 -7.22 11.15
N ILE A 411 14.48 -6.76 11.72
CA ILE A 411 14.94 -5.40 11.53
C ILE A 411 15.73 -5.30 10.28
N TYR A 412 15.30 -4.46 9.34
CA TYR A 412 16.00 -4.33 8.03
C TYR A 412 17.47 -3.98 8.19
N ASP A 413 17.75 -3.09 9.15
CA ASP A 413 19.03 -2.48 9.35
C ASP A 413 20.13 -3.50 9.66
N THR A 414 19.80 -4.76 10.00
CA THR A 414 20.80 -5.69 10.51
C THR A 414 21.81 -6.17 9.49
N THR A 415 21.59 -5.81 8.23
CA THR A 415 22.50 -6.19 7.16
C THR A 415 23.40 -5.04 6.74
N ASN A 416 23.53 -4.05 7.61
CA ASN A 416 24.54 -3.00 7.36
C ASN A 416 25.22 -2.45 8.60
N ALA A 417 26.21 -1.62 8.37
CA ALA A 417 27.08 -1.16 9.44
C ALA A 417 26.37 -0.26 10.46
N ALA A 418 25.48 0.58 9.94
CA ALA A 418 24.64 1.42 10.78
C ALA A 418 23.80 0.61 11.77
N GLY A 419 23.28 -0.52 11.30
CA GLY A 419 22.52 -1.40 12.15
C GLY A 419 23.35 -2.07 13.23
N VAL A 420 24.58 -2.45 12.92
CA VAL A 420 25.45 -2.95 13.96
C VAL A 420 25.71 -1.87 15.06
N GLU A 421 25.90 -0.62 14.63
CA GLU A 421 26.10 0.47 15.57
C GLU A 421 24.87 0.59 16.45
N THR A 422 23.71 0.53 15.81
CA THR A 422 22.47 0.73 16.47
C THR A 422 22.28 -0.40 17.50
N ALA A 423 22.63 -1.62 17.14
CA ALA A 423 22.50 -2.73 18.09
C ALA A 423 23.38 -2.55 19.31
N ARG A 424 24.60 -2.06 19.11
CA ARG A 424 25.48 -1.75 20.22
C ARG A 424 24.83 -0.78 21.16
N ASN A 425 24.32 0.32 20.62
CA ASN A 425 23.67 1.31 21.47
C ASN A 425 22.56 0.72 22.31
N LEU A 426 21.70 -0.07 21.65
CA LEU A 426 20.47 -0.52 22.22
C LEU A 426 20.79 -1.42 23.36
N VAL A 427 21.72 -2.31 23.12
CA VAL A 427 22.14 -3.24 24.16
C VAL A 427 22.78 -2.49 25.33
N GLY A 428 23.51 -1.43 25.03
CA GLY A 428 24.12 -0.61 26.07
C GLY A 428 23.07 0.09 26.89
N TRP A 429 22.10 0.69 26.19
CA TRP A 429 21.02 1.36 26.87
C TRP A 429 20.27 0.41 27.80
N VAL A 430 20.05 -0.82 27.37
CA VAL A 430 19.37 -1.78 28.23
C VAL A 430 20.17 -1.99 29.51
N LYS A 431 21.46 -2.18 29.34
CA LYS A 431 22.34 -2.56 30.42
C LYS A 431 22.58 -1.42 31.41
N GLU A 432 22.44 -0.17 30.95
CA GLU A 432 22.40 0.94 31.90
C GLU A 432 21.30 0.73 32.94
N ILE A 433 20.21 0.05 32.63
CA ILE A 433 19.11 -0.14 33.56
C ILE A 433 19.17 -1.52 34.21
N ASP A 434 19.45 -2.57 33.41
CA ASP A 434 19.33 -3.95 33.92
C ASP A 434 20.33 -4.83 33.23
N THR A 435 21.16 -5.49 34.02
CA THR A 435 22.14 -6.45 33.53
C THR A 435 21.80 -7.84 33.99
N THR A 436 20.71 -8.03 34.74
CA THR A 436 20.31 -9.36 35.24
C THR A 436 19.55 -10.25 34.25
N ARG A 437 19.28 -9.76 33.06
CA ARG A 437 18.54 -10.54 32.08
C ARG A 437 19.23 -10.39 30.74
N PRO A 438 19.26 -11.47 29.94
CA PRO A 438 19.90 -11.41 28.64
C PRO A 438 19.13 -10.59 27.62
N THR A 439 19.86 -9.90 26.75
CA THR A 439 19.28 -9.29 25.60
C THR A 439 19.14 -10.35 24.47
N THR A 440 18.27 -10.04 23.51
CA THR A 440 18.09 -10.88 22.36
C THR A 440 17.61 -10.06 21.19
N ILE A 441 17.42 -10.78 20.08
CA ILE A 441 16.81 -10.20 18.91
C ILE A 441 16.10 -11.31 18.17
N GLY A 442 15.08 -10.95 17.38
CA GLY A 442 14.43 -11.95 16.47
C GLY A 442 14.88 -11.68 15.05
N GLU A 443 15.49 -12.68 14.42
CA GLU A 443 16.11 -12.44 13.09
C GLU A 443 15.66 -13.48 12.07
N ASP A 444 15.21 -12.95 10.92
CA ASP A 444 14.65 -13.74 9.83
C ASP A 444 15.56 -13.93 8.67
N LYS A 445 16.50 -13.03 8.50
CA LYS A 445 17.26 -12.98 7.23
C LYS A 445 18.42 -14.00 7.10
N THR A 446 18.52 -15.01 7.96
CA THR A 446 19.49 -16.08 7.74
C THR A 446 18.77 -17.30 7.23
N ARG A 447 17.48 -17.17 6.96
CA ARG A 447 16.69 -18.29 6.50
C ARG A 447 17.23 -18.98 5.20
N GLY A 448 17.62 -18.19 4.21
CA GLY A 448 18.24 -18.73 3.02
C GLY A 448 17.28 -19.64 2.27
N ASP A 449 17.72 -20.83 1.88
CA ASP A 449 16.84 -21.73 1.14
C ASP A 449 16.09 -22.70 2.02
N LYS A 450 16.10 -22.46 3.33
CA LYS A 450 15.40 -23.31 4.32
C LYS A 450 15.97 -24.71 4.47
N VAL A 451 17.04 -25.00 3.76
CA VAL A 451 17.58 -26.35 3.77
C VAL A 451 19.06 -26.35 4.14
N ASN A 452 19.88 -25.57 3.45
CA ASN A 452 21.27 -25.48 3.82
C ASN A 452 21.50 -24.55 4.98
N VAL A 453 22.57 -24.80 5.69
CA VAL A 453 23.00 -23.93 6.74
C VAL A 453 23.50 -22.67 6.13
N THR A 454 22.69 -21.63 6.20
CA THR A 454 22.93 -20.40 5.50
C THR A 454 24.19 -19.67 6.02
N PRO A 455 25.14 -19.38 5.15
CA PRO A 455 26.30 -18.59 5.57
C PRO A 455 25.83 -17.27 6.07
N ILE A 456 26.28 -16.86 7.24
CA ILE A 456 25.68 -15.69 7.85
C ILE A 456 26.21 -14.40 7.29
N ASN A 457 25.33 -13.48 6.93
CA ASN A 457 25.72 -12.11 6.63
C ASN A 457 26.59 -11.65 7.77
N SER A 458 27.66 -10.92 7.43
CA SER A 458 28.69 -10.58 8.42
C SER A 458 28.17 -9.54 9.45
N TYR A 459 27.34 -8.62 8.99
CA TYR A 459 26.73 -7.64 9.90
C TYR A 459 25.73 -8.31 10.85
N ILE A 460 24.96 -9.26 10.36
CA ILE A 460 24.05 -9.99 11.21
C ILE A 460 24.85 -10.78 12.24
N LYS A 461 25.95 -11.33 11.79
CA LYS A 461 26.77 -12.09 12.70
C LYS A 461 27.43 -11.20 13.77
N GLU A 462 27.86 -9.98 13.39
CA GLU A 462 28.34 -9.05 14.40
C GLU A 462 27.25 -8.87 15.46
N ILE A 463 26.02 -8.70 15.00
CA ILE A 463 24.91 -8.42 15.90
C ILE A 463 24.52 -9.61 16.80
N PHE A 464 24.55 -10.82 16.25
CA PHE A 464 24.37 -12.02 17.07
C PHE A 464 25.44 -12.11 18.18
N ASN A 465 26.62 -11.54 17.91
CA ASN A 465 27.66 -11.50 18.92
C ASN A 465 27.48 -10.38 19.90
N ILE A 466 26.73 -9.35 19.52
CA ILE A 466 26.45 -8.27 20.43
C ILE A 466 25.35 -8.56 21.42
N VAL A 467 24.33 -9.33 21.04
CA VAL A 467 23.29 -9.72 22.00
C VAL A 467 23.73 -10.96 22.77
N ASP A 468 23.03 -11.26 23.85
CA ASP A 468 23.35 -12.39 24.72
C ASP A 468 22.76 -13.72 24.26
N VAL A 469 21.59 -13.67 23.69
CA VAL A 469 20.89 -14.88 23.24
C VAL A 469 20.31 -14.61 21.85
N VAL A 470 20.52 -15.54 20.93
CA VAL A 470 20.15 -15.36 19.52
C VAL A 470 18.81 -16.01 19.15
N GLY A 471 17.87 -15.18 18.71
CA GLY A 471 16.54 -15.64 18.29
C GLY A 471 16.48 -15.73 16.79
N LEU A 472 16.16 -16.93 16.30
CA LEU A 472 15.95 -17.14 14.87
C LEU A 472 14.48 -17.26 14.50
N ASN A 473 14.06 -16.41 13.57
CA ASN A 473 12.77 -16.53 12.89
C ASN A 473 12.84 -17.45 11.67
N TYR A 474 12.05 -18.49 11.71
CA TYR A 474 11.76 -19.36 10.57
C TYR A 474 13.00 -19.99 9.94
N SER A 475 14.01 -20.28 10.75
CA SER A 475 15.33 -20.61 10.25
C SER A 475 15.89 -21.89 10.90
N GLU A 476 15.03 -22.89 10.97
CA GLU A 476 15.34 -24.18 11.60
C GLU A 476 16.57 -24.86 10.97
N ASN A 477 16.80 -24.54 9.70
CA ASN A 477 17.90 -25.09 8.97
C ASN A 477 19.21 -24.74 9.58
N ASN A 478 19.22 -23.69 10.40
CA ASN A 478 20.45 -23.22 11.05
C ASN A 478 20.56 -23.61 12.55
N TYR A 479 19.58 -24.32 13.08
CA TYR A 479 19.56 -24.54 14.53
C TYR A 479 20.82 -25.27 14.99
N ASP A 480 21.18 -26.36 14.35
CA ASP A 480 22.33 -27.13 14.80
C ASP A 480 23.61 -26.51 14.27
N GLY A 481 23.56 -26.15 13.00
CA GLY A 481 24.71 -25.63 12.31
C GLY A 481 25.32 -24.40 12.97
N TYR A 482 24.52 -23.39 13.31
CA TYR A 482 25.07 -22.19 13.91
C TYR A 482 25.65 -22.48 15.33
N HIS A 483 25.09 -23.49 15.99
CA HIS A 483 25.55 -23.96 17.28
C HIS A 483 26.94 -24.58 17.17
N LYS A 484 27.15 -25.41 16.13
CA LYS A 484 28.44 -25.99 15.93
C LYS A 484 29.45 -25.00 15.47
N GLN A 485 29.07 -24.03 14.67
CA GLN A 485 30.03 -23.05 14.18
C GLN A 485 30.40 -22.00 15.22
N ASN A 486 29.55 -21.80 16.22
CA ASN A 486 29.68 -20.70 17.23
C ASN A 486 29.30 -21.33 18.55
N PRO A 487 30.28 -22.04 19.11
CA PRO A 487 30.00 -22.86 20.26
C PRO A 487 29.59 -22.05 21.47
N SER A 488 29.85 -20.74 21.51
CA SER A 488 29.46 -19.98 22.69
C SER A 488 27.97 -19.48 22.59
N TRP A 489 27.35 -19.61 21.42
CA TRP A 489 26.00 -19.06 21.22
C TRP A 489 24.88 -19.79 21.90
N LYS A 490 23.94 -19.01 22.37
CA LYS A 490 22.69 -19.57 22.85
C LYS A 490 21.57 -19.27 21.85
N LEU A 491 20.89 -20.31 21.41
CA LEU A 491 19.91 -20.19 20.36
C LEU A 491 18.51 -20.72 20.66
N TYR A 492 17.55 -20.04 20.07
CA TYR A 492 16.18 -20.47 20.13
C TYR A 492 15.41 -19.97 18.90
N GLY A 493 14.24 -20.56 18.70
CA GLY A 493 13.30 -20.13 17.64
C GLY A 493 12.44 -18.99 18.15
N SER A 494 12.82 -17.77 17.81
CA SER A 494 12.06 -16.61 18.24
C SER A 494 10.71 -16.48 17.54
N GLU A 495 10.55 -17.10 16.36
CA GLU A 495 9.29 -17.09 15.69
C GLU A 495 9.30 -18.29 14.76
N THR A 496 8.28 -19.16 14.88
CA THR A 496 8.24 -20.40 14.13
C THR A 496 6.85 -20.76 13.61
N SER A 497 6.85 -21.65 12.62
CA SER A 497 5.68 -22.26 11.99
C SER A 497 4.94 -21.30 11.09
N SER A 498 4.10 -20.46 11.67
CA SER A 498 3.24 -19.57 10.89
C SER A 498 2.35 -20.40 9.97
N ALA A 499 1.98 -21.58 10.45
CA ALA A 499 0.93 -22.34 9.84
C ALA A 499 -0.41 -21.61 10.03
N THR A 500 -1.31 -21.85 9.09
CA THR A 500 -2.56 -21.13 8.96
C THR A 500 -3.74 -22.12 8.95
N ARG A 501 -4.79 -21.76 9.70
CA ARG A 501 -5.84 -22.67 9.96
C ARG A 501 -7.10 -21.97 10.47
N SER A 502 -8.28 -22.44 10.01
CA SER A 502 -9.58 -21.93 10.47
C SER A 502 -10.22 -22.98 11.38
N ARG A 503 -10.94 -22.48 12.40
CA ARG A 503 -11.59 -23.35 13.40
C ARG A 503 -12.68 -24.18 12.72
N GLY A 504 -12.62 -25.48 12.87
CA GLY A 504 -13.68 -26.33 12.30
C GLY A 504 -13.69 -26.52 10.77
N VAL A 505 -12.59 -26.16 10.12
CA VAL A 505 -12.51 -26.30 8.66
C VAL A 505 -11.58 -27.41 8.29
N TYR A 506 -12.06 -28.31 7.43
CA TYR A 506 -11.34 -29.56 7.16
C TYR A 506 -11.09 -29.83 5.71
N THR A 507 -10.48 -28.89 5.03
CA THR A 507 -10.31 -28.98 3.61
C THR A 507 -8.97 -29.63 3.16
N HIS A 508 -8.95 -30.03 1.88
CA HIS A 508 -7.84 -30.70 1.18
C HIS A 508 -7.01 -31.60 2.06
N PRO A 509 -7.67 -32.55 2.69
CA PRO A 509 -7.06 -33.28 3.83
C PRO A 509 -5.78 -33.98 3.51
N TYR A 510 -5.59 -34.40 2.25
CA TYR A 510 -4.37 -35.11 1.90
C TYR A 510 -3.29 -34.27 1.17
N GLN A 511 -3.50 -32.96 1.07
CA GLN A 511 -2.49 -32.09 0.52
C GLN A 511 -1.99 -31.04 1.48
N TYR A 512 -0.68 -30.90 1.48
CA TYR A 512 0.04 -29.95 2.26
C TYR A 512 0.38 -28.77 1.32
N ASN A 513 -0.27 -27.63 1.56
CA ASN A 513 -0.12 -26.51 0.69
C ASN A 513 0.55 -25.29 1.30
N GLN A 514 1.29 -24.57 0.47
CA GLN A 514 1.97 -23.36 0.93
C GLN A 514 1.32 -22.07 0.43
N SER A 515 1.08 -21.12 1.35
CA SER A 515 0.59 -19.79 0.94
C SER A 515 -0.50 -19.87 -0.14
N THR A 516 -1.47 -20.72 0.10
CA THR A 516 -2.49 -21.03 -0.87
C THR A 516 -3.88 -20.52 -0.46
N LYS A 517 -4.55 -19.83 -1.38
CA LYS A 517 -5.91 -19.29 -1.10
C LYS A 517 -7.01 -20.15 -1.62
N TYR A 518 -8.14 -20.21 -0.92
CA TYR A 518 -9.28 -20.99 -1.38
C TYR A 518 -10.47 -20.10 -1.52
N ALA A 519 -11.50 -20.60 -2.20
CA ALA A 519 -12.66 -19.80 -2.54
C ALA A 519 -13.50 -19.55 -1.29
N ASP A 520 -13.39 -20.43 -0.31
CA ASP A 520 -14.10 -20.28 0.94
C ASP A 520 -13.51 -19.25 1.89
N LEU A 521 -12.39 -18.63 1.54
CA LEU A 521 -11.71 -17.68 2.43
C LEU A 521 -11.36 -18.25 3.81
N GLN A 522 -10.98 -19.51 3.84
CA GLN A 522 -10.59 -20.16 5.07
C GLN A 522 -9.29 -20.92 4.88
N GLN A 523 -8.81 -21.56 5.94
CA GLN A 523 -7.61 -22.41 5.82
C GLN A 523 -7.87 -23.66 6.61
N SER A 524 -7.17 -24.74 6.33
CA SER A 524 -7.51 -26.07 6.86
C SER A 524 -6.87 -26.35 8.19
N SER A 525 -7.59 -27.12 9.00
CA SER A 525 -7.15 -27.50 10.37
C SER A 525 -6.59 -28.93 10.41
N TYR A 526 -6.05 -29.37 9.26
CA TYR A 526 -5.32 -30.63 9.23
C TYR A 526 -3.79 -30.44 9.30
N ASP A 527 -3.35 -29.34 9.94
CA ASP A 527 -1.92 -28.93 9.94
C ASP A 527 -1.32 -29.08 8.54
N ASN A 528 -2.02 -28.55 7.55
CA ASN A 528 -1.64 -28.75 6.13
C ASN A 528 -1.77 -27.50 5.28
N ASP A 529 -1.94 -26.36 5.93
CA ASP A 529 -1.80 -25.07 5.27
C ASP A 529 -0.77 -24.30 6.09
N TYR A 530 0.24 -23.78 5.41
CA TYR A 530 1.23 -22.94 6.06
C TYR A 530 1.92 -22.03 5.06
N VAL A 531 2.50 -20.92 5.52
CA VAL A 531 3.08 -19.94 4.61
C VAL A 531 4.38 -20.45 4.04
N GLY A 532 4.78 -19.95 2.89
CA GLY A 532 5.93 -20.50 2.17
C GLY A 532 7.23 -20.45 2.93
N TRP A 533 7.36 -19.46 3.83
CA TRP A 533 8.59 -19.28 4.59
C TRP A 533 8.57 -20.05 5.90
N GLY A 534 7.45 -20.71 6.15
CA GLY A 534 7.27 -21.40 7.41
C GLY A 534 7.17 -22.89 7.29
N ARG A 535 6.46 -23.49 8.24
CA ARG A 535 6.35 -24.91 8.36
C ARG A 535 5.05 -25.32 9.04
N THR A 536 4.69 -26.60 8.88
CA THR A 536 3.65 -27.19 9.73
C THR A 536 3.97 -27.05 11.22
N ALA A 537 2.96 -27.05 12.07
CA ALA A 537 3.25 -27.04 13.48
C ALA A 537 4.21 -28.18 13.86
N GLU A 538 3.90 -29.35 13.30
CA GLU A 538 4.66 -30.54 13.57
C GLU A 538 6.15 -30.39 13.20
N ASP A 539 6.40 -29.89 11.99
CA ASP A 539 7.73 -29.84 11.48
C ASP A 539 8.52 -28.85 12.30
N ALA A 540 8.00 -27.66 12.51
CA ALA A 540 8.68 -26.72 13.42
C ALA A 540 8.92 -27.28 14.82
N TRP A 541 7.96 -28.01 15.34
CA TRP A 541 8.17 -28.66 16.64
C TRP A 541 9.36 -29.67 16.64
N LYS A 542 9.38 -30.61 15.68
CA LYS A 542 10.40 -31.64 15.59
C LYS A 542 11.82 -31.10 15.62
N TYR A 543 12.09 -30.05 14.85
CA TYR A 543 13.40 -29.43 14.92
C TYR A 543 13.84 -29.06 16.35
N ASP A 544 12.92 -28.47 17.10
CA ASP A 544 13.14 -28.03 18.47
C ASP A 544 13.22 -29.24 19.36
N ARG A 545 12.22 -30.11 19.27
CA ARG A 545 12.14 -31.31 20.09
C ARG A 545 13.44 -32.13 20.11
N ASP A 546 14.07 -32.20 18.94
CA ASP A 546 15.22 -33.05 18.70
C ASP A 546 16.57 -32.45 19.14
N LEU A 547 16.61 -31.20 19.60
CA LEU A 547 17.89 -30.55 19.90
C LEU A 547 17.91 -29.99 21.29
N LYS A 548 18.77 -30.52 22.15
CA LYS A 548 18.85 -30.06 23.54
C LYS A 548 19.28 -28.59 23.66
N HIS A 549 20.14 -28.13 22.77
CA HIS A 549 20.69 -26.80 22.94
C HIS A 549 19.75 -25.70 22.56
N ILE A 550 18.72 -26.09 21.78
CA ILE A 550 17.71 -25.13 21.38
C ILE A 550 16.82 -24.89 22.60
N ALA A 551 16.81 -23.65 23.09
CA ALA A 551 16.12 -23.35 24.35
C ALA A 551 14.66 -23.62 24.25
N GLY A 552 14.11 -23.42 23.04
CA GLY A 552 12.68 -23.70 22.74
C GLY A 552 12.20 -22.91 21.53
N GLN A 553 10.89 -22.68 21.44
CA GLN A 553 10.39 -21.83 20.36
C GLN A 553 9.19 -21.03 20.75
N PHE A 554 8.86 -20.09 19.89
CA PHE A 554 7.71 -19.22 20.08
C PHE A 554 6.90 -19.22 18.79
N ILE A 555 5.80 -19.93 18.77
CA ILE A 555 5.09 -20.10 17.50
C ILE A 555 4.39 -18.82 17.09
N TRP A 556 4.22 -18.66 15.79
CA TRP A 556 3.39 -17.56 15.28
C TRP A 556 2.01 -18.16 14.89
N THR A 557 0.94 -18.02 15.69
CA THR A 557 0.87 -17.35 16.99
C THR A 557 0.01 -18.17 17.94
N GLY A 558 -0.03 -17.73 19.18
CA GLY A 558 -0.90 -18.38 20.19
C GLY A 558 -2.38 -18.10 19.89
N PHE A 559 -2.73 -16.83 19.83
CA PHE A 559 -4.07 -16.38 19.58
C PHE A 559 -4.07 -15.67 18.24
N ASP A 560 -5.14 -15.86 17.48
CA ASP A 560 -5.35 -15.02 16.33
C ASP A 560 -5.45 -13.60 16.83
N TYR A 561 -5.25 -12.68 15.90
CA TYR A 561 -5.28 -11.22 16.18
C TYR A 561 -5.85 -10.58 14.95
N ILE A 562 -6.24 -9.34 15.13
CA ILE A 562 -6.94 -8.65 14.05
C ILE A 562 -5.92 -8.14 13.09
N GLY A 563 -6.26 -8.16 11.80
CA GLY A 563 -5.31 -7.85 10.75
C GLY A 563 -4.58 -9.09 10.17
N GLU A 564 -3.49 -8.79 9.40
CA GLU A 564 -2.61 -9.75 8.78
C GLU A 564 -3.24 -11.10 8.45
N PRO A 565 -4.28 -11.08 7.60
CA PRO A 565 -5.02 -12.29 7.18
C PRO A 565 -4.33 -13.16 6.10
N THR A 566 -3.02 -13.22 6.20
CA THR A 566 -2.21 -14.04 5.37
C THR A 566 -2.66 -15.50 5.36
N PRO A 567 -2.77 -16.16 4.18
CA PRO A 567 -2.36 -15.69 2.82
C PRO A 567 -3.35 -14.85 2.01
N TYR A 568 -4.42 -14.40 2.60
CA TYR A 568 -5.39 -13.62 1.83
C TYR A 568 -5.05 -12.13 1.87
N TYR A 569 -4.09 -11.73 1.08
CA TYR A 569 -3.75 -10.32 0.97
C TYR A 569 -4.72 -9.56 0.09
N ASN A 570 -5.10 -8.34 0.42
CA ASN A 570 -5.94 -7.57 -0.50
C ASN A 570 -7.23 -8.37 -0.89
N SER A 571 -7.85 -9.06 0.05
CA SER A 571 -9.10 -9.79 -0.22
C SER A 571 -10.16 -9.55 0.82
N TYR A 572 -10.48 -8.31 1.06
CA TYR A 572 -11.66 -8.06 1.85
C TYR A 572 -12.73 -9.05 1.41
N PRO A 573 -13.46 -9.70 2.30
CA PRO A 573 -13.49 -9.47 3.73
C PRO A 573 -12.56 -10.28 4.61
N ALA A 574 -11.56 -10.90 4.06
CA ALA A 574 -10.54 -11.44 4.98
C ALA A 574 -9.86 -10.27 5.71
N LYS A 575 -10.05 -10.22 7.02
CA LYS A 575 -9.54 -9.09 7.82
C LYS A 575 -8.73 -9.43 9.08
N SER A 576 -8.76 -10.69 9.54
CA SER A 576 -8.06 -11.06 10.75
C SER A 576 -7.34 -12.37 10.50
N SER A 577 -6.58 -12.84 11.50
CA SER A 577 -5.52 -13.80 11.22
C SER A 577 -6.02 -15.25 11.24
N TYR A 578 -5.19 -16.12 10.67
CA TYR A 578 -5.39 -17.54 10.63
C TYR A 578 -4.26 -18.26 11.39
N PHE A 579 -3.29 -17.51 11.90
CA PHE A 579 -2.07 -18.12 12.48
C PHE A 579 -2.23 -18.75 13.84
N GLY A 580 -3.29 -18.37 14.56
CA GLY A 580 -3.41 -18.71 15.94
C GLY A 580 -3.77 -20.16 16.13
N ALA A 581 -3.32 -20.70 17.25
CA ALA A 581 -3.82 -22.00 17.69
C ALA A 581 -5.23 -21.91 18.25
N VAL A 582 -5.58 -20.70 18.70
CA VAL A 582 -6.85 -20.41 19.28
C VAL A 582 -7.35 -19.21 18.50
N ASP A 583 -8.66 -19.16 18.20
CA ASP A 583 -9.26 -18.01 17.51
C ASP A 583 -9.43 -16.75 18.38
N THR A 584 -9.79 -15.63 17.77
CA THR A 584 -9.90 -14.39 18.52
C THR A 584 -10.89 -14.52 19.67
N ALA A 585 -11.87 -15.40 19.53
CA ALA A 585 -12.86 -15.63 20.54
C ALA A 585 -12.45 -16.52 21.69
N GLY A 586 -11.24 -17.04 21.70
CA GLY A 586 -10.83 -17.95 22.80
C GLY A 586 -11.25 -19.39 22.59
N PHE A 587 -11.71 -19.69 21.37
CA PHE A 587 -12.09 -21.07 21.05
C PHE A 587 -10.92 -21.76 20.39
N PRO A 588 -10.57 -22.93 20.92
CA PRO A 588 -9.42 -23.63 20.35
C PRO A 588 -9.68 -24.27 18.99
N LYS A 589 -8.64 -24.26 18.15
CA LYS A 589 -8.69 -24.97 16.90
C LYS A 589 -8.11 -26.32 17.19
N ASP A 590 -8.24 -27.24 16.26
CA ASP A 590 -7.77 -28.59 16.57
C ASP A 590 -6.25 -28.61 16.95
N ILE A 591 -5.47 -27.71 16.36
CA ILE A 591 -4.05 -27.69 16.61
C ILE A 591 -3.68 -27.40 18.07
N PHE A 592 -4.58 -26.76 18.82
CA PHE A 592 -4.40 -26.59 20.30
C PHE A 592 -4.19 -27.94 20.95
N TYR A 593 -4.98 -28.91 20.54
CA TYR A 593 -4.86 -30.25 21.08
C TYR A 593 -3.57 -30.94 20.62
N TYR A 594 -3.08 -30.58 19.44
CA TYR A 594 -1.84 -31.14 19.00
C TYR A 594 -0.75 -30.66 19.93
N TYR A 595 -0.71 -29.36 20.20
CA TYR A 595 0.29 -28.87 21.10
C TYR A 595 0.18 -29.51 22.49
N GLN A 596 -1.01 -29.72 22.99
CA GLN A 596 -1.18 -30.46 24.25
C GLN A 596 -0.51 -31.80 24.20
N SER A 597 -0.74 -32.51 23.10
CA SER A 597 -0.26 -33.87 22.93
C SER A 597 1.26 -33.91 22.96
N GLN A 598 1.89 -32.83 22.51
CA GLN A 598 3.33 -32.73 22.52
C GLN A 598 3.91 -32.10 23.77
N TRP A 599 3.16 -31.27 24.48
CA TRP A 599 3.76 -30.46 25.55
C TRP A 599 3.27 -30.71 26.97
N LYS A 600 2.27 -31.55 27.17
CA LYS A 600 1.72 -31.81 28.54
C LYS A 600 1.80 -33.25 28.96
N LYS A 601 1.97 -33.53 30.25
CA LYS A 601 2.02 -34.94 30.74
C LYS A 601 0.65 -35.59 30.90
N GLU A 602 -0.37 -34.85 31.33
CA GLU A 602 -1.69 -35.41 31.59
C GLU A 602 -2.14 -36.08 30.33
N PRO A 603 -2.49 -37.37 30.42
CA PRO A 603 -3.00 -38.11 29.25
C PRO A 603 -4.21 -37.50 28.65
N MET A 604 -4.23 -37.40 27.34
CA MET A 604 -5.38 -36.93 26.65
C MET A 604 -5.46 -37.56 25.29
N VAL A 605 -6.62 -37.38 24.68
CA VAL A 605 -6.81 -37.74 23.28
C VAL A 605 -7.90 -36.85 22.68
N HIS A 606 -7.69 -36.42 21.44
CA HIS A 606 -8.59 -35.52 20.75
C HIS A 606 -8.80 -35.93 19.32
N LEU A 607 -10.02 -36.16 18.91
CA LEU A 607 -10.29 -36.51 17.52
C LEU A 607 -10.65 -35.35 16.70
N LEU A 608 -10.31 -35.47 15.42
CA LEU A 608 -10.87 -34.65 14.36
C LEU A 608 -11.01 -35.49 13.13
N PRO A 609 -11.93 -35.12 12.24
CA PRO A 609 -12.71 -33.89 12.27
C PRO A 609 -14.05 -34.09 12.98
N HIS A 610 -15.05 -33.31 12.64
CA HIS A 610 -16.40 -33.59 13.06
C HIS A 610 -16.92 -34.82 12.33
N TRP A 611 -18.13 -35.26 12.71
CA TRP A 611 -18.76 -36.45 12.17
C TRP A 611 -20.10 -36.17 11.49
N ASN A 612 -20.10 -35.16 10.61
CA ASN A 612 -21.19 -34.82 9.71
C ASN A 612 -20.75 -34.77 8.25
N TRP A 613 -20.73 -35.94 7.61
CA TRP A 613 -20.27 -36.11 6.22
C TRP A 613 -21.33 -36.84 5.37
N LYS A 614 -21.09 -37.13 4.08
CA LYS A 614 -22.00 -37.95 3.29
C LYS A 614 -21.67 -39.42 3.49
N GLU A 615 -22.70 -40.27 3.54
CA GLU A 615 -22.55 -41.71 3.70
C GLU A 615 -21.52 -42.24 2.74
N GLY A 616 -20.57 -43.06 3.22
CA GLY A 616 -19.63 -43.72 2.33
C GLY A 616 -18.40 -42.94 1.89
N GLU A 617 -18.51 -41.62 1.76
CA GLU A 617 -17.35 -40.69 1.73
C GLU A 617 -16.26 -41.09 2.77
N LYS A 618 -15.01 -41.13 2.32
CA LYS A 618 -13.92 -41.61 3.17
C LYS A 618 -13.30 -40.39 3.90
N VAL A 619 -13.25 -40.42 5.22
CA VAL A 619 -12.86 -39.26 6.01
C VAL A 619 -11.45 -39.45 6.61
N ARG A 620 -10.62 -38.40 6.51
CA ARG A 620 -9.31 -38.45 7.15
C ARG A 620 -9.52 -38.18 8.63
N VAL A 621 -9.24 -39.17 9.46
CA VAL A 621 -9.47 -39.03 10.86
C VAL A 621 -8.17 -39.08 11.61
N LEU A 622 -7.98 -38.11 12.50
CA LEU A 622 -6.74 -37.99 13.25
C LEU A 622 -6.99 -38.00 14.73
N ALA A 623 -6.04 -38.53 15.48
CA ALA A 623 -6.10 -38.42 16.90
C ALA A 623 -4.87 -37.76 17.38
N TYR A 624 -5.03 -36.66 18.08
CA TYR A 624 -3.91 -36.04 18.71
C TYR A 624 -3.91 -36.57 20.11
N THR A 625 -2.75 -37.03 20.57
CA THR A 625 -2.70 -37.82 21.79
C THR A 625 -1.30 -38.11 22.29
N ASN A 626 -1.16 -38.17 23.62
CA ASN A 626 0.10 -38.56 24.25
C ASN A 626 0.10 -39.97 24.80
N ALA A 627 -0.98 -40.69 24.56
CA ALA A 627 -1.05 -42.13 24.85
C ALA A 627 -0.16 -42.96 23.91
N SER A 628 0.10 -44.21 24.28
CA SER A 628 0.86 -45.14 23.42
C SER A 628 0.10 -45.58 22.23
N LYS A 629 -1.19 -45.79 22.43
CA LYS A 629 -2.03 -46.27 21.32
C LYS A 629 -3.48 -45.86 21.50
N VAL A 630 -4.21 -45.95 20.40
CA VAL A 630 -5.57 -45.58 20.40
C VAL A 630 -6.33 -46.56 19.55
N GLU A 631 -7.47 -47.02 20.09
CA GLU A 631 -8.48 -47.73 19.35
C GLU A 631 -9.71 -46.85 19.03
N LEU A 632 -10.17 -47.02 17.82
CA LEU A 632 -11.14 -46.19 17.26
C LEU A 632 -12.32 -47.10 17.06
N VAL A 633 -13.48 -46.63 17.51
CA VAL A 633 -14.70 -47.39 17.48
C VAL A 633 -15.79 -46.57 16.87
N LEU A 634 -16.40 -47.10 15.84
CA LEU A 634 -17.52 -46.47 15.23
C LEU A 634 -18.80 -47.24 15.56
N ASN A 635 -19.67 -46.65 16.39
CA ASN A 635 -21.01 -47.23 16.69
C ASN A 635 -20.82 -48.58 17.34
N GLY A 636 -19.94 -48.60 18.33
CA GLY A 636 -19.60 -49.81 19.01
C GLY A 636 -18.74 -50.82 18.26
N GLU A 637 -18.47 -50.64 16.96
CA GLU A 637 -17.58 -51.57 16.22
C GLU A 637 -16.13 -51.09 16.02
N SER A 638 -15.18 -51.89 16.48
CA SER A 638 -13.79 -51.51 16.39
C SER A 638 -13.30 -51.33 14.97
N LEU A 639 -12.52 -50.28 14.73
CA LEU A 639 -11.82 -50.02 13.46
C LEU A 639 -10.29 -50.17 13.59
N GLY A 640 -9.86 -50.71 14.71
CA GLY A 640 -8.45 -51.00 14.89
C GLY A 640 -7.66 -50.07 15.79
N GLU A 641 -6.58 -50.61 16.36
CA GLU A 641 -5.64 -49.81 17.11
C GLU A 641 -4.62 -49.20 16.16
N LYS A 642 -4.15 -48.00 16.46
CA LYS A 642 -2.92 -47.52 15.87
C LYS A 642 -2.01 -47.14 17.02
N ASN A 643 -0.70 -47.29 16.81
CA ASN A 643 0.24 -46.98 17.90
C ASN A 643 1.49 -46.20 17.49
N TYR A 644 2.05 -45.58 18.51
CA TYR A 644 3.31 -44.88 18.40
C TYR A 644 4.40 -45.88 18.66
N ASP A 645 5.63 -45.61 18.23
CA ASP A 645 6.77 -46.28 18.80
C ASP A 645 7.29 -45.44 19.96
N ASN A 646 7.87 -46.06 21.00
CA ASN A 646 8.65 -45.23 21.94
C ASN A 646 10.01 -44.94 21.39
N LYS A 647 10.30 -43.65 21.22
CA LYS A 647 11.56 -43.19 20.71
C LYS A 647 12.29 -42.40 21.75
N GLN A 648 13.53 -42.09 21.43
CA GLN A 648 14.33 -41.25 22.29
C GLN A 648 15.17 -40.26 21.52
N THR A 649 15.40 -39.11 22.10
CA THR A 649 16.30 -38.18 21.52
C THR A 649 17.72 -38.64 21.69
N SER A 650 18.59 -38.00 20.96
CA SER A 650 19.98 -38.27 21.09
C SER A 650 20.49 -38.06 22.52
N TRP A 651 19.78 -37.41 23.42
CA TRP A 651 20.26 -37.33 24.81
C TRP A 651 19.46 -38.21 25.74
N GLY A 652 18.63 -39.06 25.16
CA GLY A 652 17.88 -40.10 25.92
C GLY A 652 16.49 -39.78 26.46
N ALA A 653 15.94 -38.63 26.06
CA ALA A 653 14.59 -38.22 26.47
C ALA A 653 13.61 -38.94 25.60
N PRO A 654 12.61 -39.58 26.21
CA PRO A 654 11.64 -40.34 25.41
C PRO A 654 10.60 -39.44 24.79
N TYR A 655 10.04 -39.86 23.68
CA TYR A 655 8.94 -39.15 23.00
C TYR A 655 8.23 -40.15 22.13
N LYS A 656 7.02 -39.78 21.75
CA LYS A 656 6.21 -40.66 20.91
C LYS A 656 6.04 -40.22 19.46
N GLU A 657 6.19 -41.18 18.56
CA GLU A 657 6.16 -40.95 17.14
C GLU A 657 5.96 -42.30 16.44
N THR A 658 5.25 -42.29 15.32
CA THR A 658 5.02 -43.50 14.57
C THR A 658 6.28 -43.91 13.81
N LYS A 659 6.30 -45.15 13.31
CA LYS A 659 7.46 -45.68 12.57
C LYS A 659 7.71 -44.77 11.40
N ASP A 660 6.64 -44.20 10.83
CA ASP A 660 6.78 -43.30 9.65
C ASP A 660 6.94 -41.82 9.94
N GLY A 661 7.18 -41.46 11.18
CA GLY A 661 7.53 -40.08 11.49
C GLY A 661 6.42 -39.20 12.02
N LYS A 662 5.17 -39.67 12.04
CA LYS A 662 4.02 -38.85 12.43
C LYS A 662 3.93 -38.74 13.94
N THR A 663 3.60 -37.53 14.42
CA THR A 663 3.42 -37.26 15.86
C THR A 663 1.93 -37.20 16.23
N TYR A 664 1.14 -37.97 15.51
CA TYR A 664 -0.27 -38.12 15.74
C TYR A 664 -0.72 -39.47 15.11
N LEU A 665 -1.94 -39.91 15.38
CA LEU A 665 -2.43 -41.16 14.81
C LEU A 665 -3.51 -40.93 13.80
N GLU A 666 -3.59 -41.80 12.79
CA GLU A 666 -4.45 -41.57 11.63
C GLU A 666 -5.16 -42.83 11.19
N TRP A 667 -6.40 -42.64 10.73
CA TRP A 667 -7.23 -43.66 10.08
C TRP A 667 -7.90 -43.03 8.88
N ALA A 668 -8.41 -43.88 7.99
CA ALA A 668 -9.19 -43.42 6.87
C ALA A 668 -10.50 -44.19 7.01
N VAL A 669 -11.62 -43.49 7.19
CA VAL A 669 -12.86 -44.12 7.64
C VAL A 669 -14.05 -43.76 6.73
N PRO A 670 -14.66 -44.79 6.13
CA PRO A 670 -15.83 -44.44 5.35
C PRO A 670 -16.96 -43.97 6.29
N PHE A 671 -17.63 -42.89 5.92
CA PHE A 671 -18.58 -42.28 6.83
C PHE A 671 -19.81 -43.13 6.98
N LYS A 672 -20.17 -43.33 8.23
CA LYS A 672 -21.42 -43.91 8.65
C LYS A 672 -21.83 -43.02 9.83
N PRO A 673 -23.06 -42.47 9.84
CA PRO A 673 -23.53 -41.59 10.96
C PRO A 673 -23.55 -42.29 12.29
N GLY A 674 -23.29 -41.56 13.36
CA GLY A 674 -23.34 -42.12 14.67
C GLY A 674 -22.37 -41.49 15.61
N LYS A 675 -21.64 -42.35 16.29
CA LYS A 675 -20.70 -41.97 17.33
C LYS A 675 -19.35 -42.65 17.03
N LEU A 676 -18.31 -41.82 16.91
CA LEU A 676 -16.96 -42.26 16.66
C LEU A 676 -16.17 -41.96 17.89
N GLU A 677 -15.60 -42.99 18.50
CA GLU A 677 -14.98 -42.88 19.78
C GLU A 677 -13.52 -43.27 19.74
N ALA A 678 -12.70 -42.61 20.55
CA ALA A 678 -11.31 -42.98 20.64
C ALA A 678 -10.95 -43.39 22.03
N VAL A 679 -10.31 -44.55 22.10
CA VAL A 679 -9.97 -45.12 23.36
C VAL A 679 -8.47 -45.16 23.47
N ALA A 680 -7.93 -44.30 24.31
CA ALA A 680 -6.51 -44.15 24.42
C ALA A 680 -6.00 -45.03 25.54
N LYS A 681 -4.93 -45.77 25.26
CA LYS A 681 -4.43 -46.76 26.20
C LYS A 681 -2.94 -46.62 26.40
N ASP A 682 -2.45 -47.07 27.56
CA ASP A 682 -0.99 -47.24 27.74
C ASP A 682 -0.44 -48.55 27.07
N GLU A 683 0.82 -48.92 27.33
CA GLU A 683 1.41 -50.08 26.60
C GLU A 683 0.73 -51.32 27.05
N ASN A 684 0.37 -51.35 28.32
CA ASN A 684 -0.34 -52.51 28.90
C ASN A 684 -1.80 -52.66 28.49
N GLY A 685 -2.29 -51.92 27.49
CA GLY A 685 -3.69 -51.99 27.10
C GLY A 685 -4.69 -51.29 28.07
N LYS A 686 -4.20 -50.66 29.14
CA LYS A 686 -5.07 -49.96 30.06
C LYS A 686 -5.59 -48.59 29.54
N VAL A 687 -6.87 -48.29 29.78
CA VAL A 687 -7.49 -47.09 29.21
C VAL A 687 -7.15 -45.86 30.05
N ILE A 688 -6.60 -44.82 29.42
CA ILE A 688 -6.20 -43.64 30.13
C ILE A 688 -6.84 -42.35 29.64
N ALA A 689 -7.46 -42.37 28.45
CA ALA A 689 -8.30 -41.23 28.05
C ALA A 689 -9.32 -41.59 26.98
N ARG A 690 -10.35 -40.74 26.85
CA ARG A 690 -11.36 -40.92 25.79
C ARG A 690 -11.80 -39.65 25.14
N ASP A 691 -12.28 -39.77 23.92
CA ASP A 691 -12.84 -38.66 23.22
C ASP A 691 -13.83 -39.22 22.23
N GLN A 692 -14.79 -38.40 21.89
CA GLN A 692 -15.85 -38.75 21.04
C GLN A 692 -16.12 -37.71 20.06
N VAL A 693 -16.53 -38.11 18.90
CA VAL A 693 -17.12 -37.18 17.97
C VAL A 693 -18.47 -37.80 17.49
N VAL A 694 -19.52 -36.99 17.42
CA VAL A 694 -20.87 -37.50 17.22
C VAL A 694 -21.62 -36.79 16.11
N THR A 695 -22.27 -37.53 15.23
CA THR A 695 -23.11 -36.88 14.21
C THR A 695 -24.24 -36.08 14.83
N ALA A 696 -24.39 -34.85 14.38
CA ALA A 696 -25.37 -33.96 14.95
C ALA A 696 -26.63 -33.98 14.12
N GLY A 697 -27.78 -33.77 14.78
CA GLY A 697 -29.05 -33.68 14.10
C GLY A 697 -29.31 -32.30 13.54
N GLU A 698 -30.57 -32.04 13.22
CA GLU A 698 -31.05 -30.70 12.92
C GLU A 698 -30.78 -29.76 14.11
N PRO A 699 -30.33 -28.54 13.81
CA PRO A 699 -30.25 -27.51 14.82
C PRO A 699 -31.59 -27.37 15.53
N ALA A 700 -31.58 -27.34 16.84
CA ALA A 700 -32.80 -27.29 17.63
C ALA A 700 -32.83 -26.06 18.54
N SER A 701 -31.69 -25.70 19.10
CA SER A 701 -31.60 -24.56 19.97
C SER A 701 -30.21 -23.92 20.05
N VAL A 702 -30.17 -22.76 20.67
CA VAL A 702 -28.93 -22.16 21.09
C VAL A 702 -28.70 -22.45 22.57
N ARG A 703 -27.45 -22.60 22.98
CA ARG A 703 -27.13 -23.02 24.33
C ARG A 703 -25.97 -22.16 24.88
N LEU A 704 -26.19 -21.55 26.03
CA LEU A 704 -25.21 -20.64 26.57
C LEU A 704 -24.41 -21.28 27.68
N THR A 705 -23.11 -21.00 27.68
CA THR A 705 -22.24 -21.42 28.77
C THR A 705 -21.30 -20.27 29.16
N ALA A 706 -21.40 -19.87 30.42
CA ALA A 706 -20.51 -18.86 30.94
C ALA A 706 -19.20 -19.45 31.47
N ASP A 707 -18.10 -18.77 31.26
CA ASP A 707 -16.84 -19.34 31.71
C ASP A 707 -16.64 -19.31 33.22
N ARG A 708 -17.28 -18.37 33.88
CA ARG A 708 -17.16 -18.18 35.33
C ARG A 708 -18.55 -17.80 35.75
N LYS A 709 -19.04 -18.39 36.83
CA LYS A 709 -20.39 -18.09 37.29
C LYS A 709 -20.42 -16.95 38.37
N VAL A 710 -19.24 -16.50 38.81
CA VAL A 710 -19.10 -15.36 39.70
C VAL A 710 -17.94 -14.48 39.27
N VAL A 711 -18.16 -13.17 39.22
CA VAL A 711 -17.17 -12.20 38.84
C VAL A 711 -17.28 -10.98 39.74
N LYS A 712 -16.39 -10.02 39.61
CA LYS A 712 -16.38 -8.88 40.44
C LYS A 712 -17.27 -7.79 39.87
N ALA A 713 -17.94 -7.06 40.77
CA ALA A 713 -18.73 -5.90 40.43
C ALA A 713 -17.86 -4.67 40.61
N ASP A 714 -16.85 -4.56 39.74
CA ASP A 714 -15.92 -3.46 39.76
C ASP A 714 -16.00 -2.60 38.51
N GLY A 715 -16.97 -2.82 37.63
CA GLY A 715 -17.01 -2.05 36.37
C GLY A 715 -16.04 -2.48 35.25
N THR A 716 -15.09 -3.39 35.51
CA THR A 716 -14.19 -3.89 34.45
C THR A 716 -14.12 -5.38 34.24
N ASP A 717 -14.43 -6.18 35.26
CA ASP A 717 -14.28 -7.63 35.17
C ASP A 717 -15.23 -8.10 34.11
N LEU A 718 -14.97 -9.28 33.55
CA LEU A 718 -15.74 -9.80 32.38
C LEU A 718 -16.24 -11.21 32.54
N SER A 719 -17.40 -11.53 31.98
CA SER A 719 -17.80 -12.92 31.83
C SER A 719 -17.89 -13.24 30.35
N PHE A 720 -17.30 -14.38 29.99
CA PHE A 720 -17.26 -14.83 28.60
C PHE A 720 -18.28 -15.93 28.38
N ILE A 721 -19.22 -15.66 27.48
CA ILE A 721 -20.38 -16.53 27.27
C ILE A 721 -20.31 -17.20 25.92
N THR A 722 -20.12 -18.52 25.96
CA THR A 722 -20.12 -19.31 24.76
C THR A 722 -21.55 -19.52 24.33
N ALA A 723 -21.81 -19.28 23.06
CA ALA A 723 -23.09 -19.67 22.49
C ALA A 723 -22.87 -20.73 21.45
N ASP A 724 -23.47 -21.89 21.67
CA ASP A 724 -23.35 -23.04 20.76
C ASP A 724 -24.70 -23.27 20.06
N ILE A 725 -24.70 -23.57 18.77
CA ILE A 725 -25.91 -24.09 18.11
C ILE A 725 -25.86 -25.59 18.23
N VAL A 726 -26.88 -26.15 18.87
CA VAL A 726 -26.92 -27.58 19.14
C VAL A 726 -28.18 -28.23 18.54
N ASP A 727 -28.11 -29.54 18.29
CA ASP A 727 -29.29 -30.35 17.97
C ASP A 727 -30.06 -30.66 19.28
N SER A 728 -31.14 -31.41 19.15
CA SER A 728 -32.02 -31.76 20.27
C SER A 728 -31.33 -32.59 21.34
N LYS A 729 -30.21 -33.21 21.02
CA LYS A 729 -29.47 -34.04 21.98
C LYS A 729 -28.29 -33.26 22.61
N GLY A 730 -28.09 -32.00 22.25
CA GLY A 730 -27.02 -31.21 22.86
C GLY A 730 -25.68 -31.29 22.14
N ILE A 731 -25.69 -31.88 20.96
CA ILE A 731 -24.50 -31.94 20.17
C ILE A 731 -24.32 -30.69 19.37
N VAL A 732 -23.10 -30.16 19.31
CA VAL A 732 -22.90 -28.97 18.51
C VAL A 732 -22.98 -29.24 17.01
N VAL A 733 -23.73 -28.44 16.29
CA VAL A 733 -23.81 -28.57 14.84
C VAL A 733 -22.60 -27.96 14.18
N PRO A 734 -21.71 -28.79 13.59
CA PRO A 734 -20.32 -28.38 13.37
C PRO A 734 -20.13 -27.34 12.27
N ASP A 735 -21.11 -27.19 11.39
CA ASP A 735 -21.01 -26.19 10.35
C ASP A 735 -22.07 -25.04 10.49
N ALA A 736 -22.72 -24.96 11.64
CA ALA A 736 -23.77 -23.97 11.84
C ALA A 736 -23.29 -22.54 11.85
N ASP A 737 -24.09 -21.67 11.21
CA ASP A 737 -23.76 -20.26 11.05
C ASP A 737 -24.94 -19.27 11.27
N HIS A 738 -25.85 -19.69 12.13
CA HIS A 738 -27.05 -19.00 12.44
C HIS A 738 -26.79 -17.70 13.13
N LEU A 739 -27.59 -16.69 12.76
CA LEU A 739 -27.52 -15.41 13.45
C LEU A 739 -28.15 -15.47 14.83
N ILE A 740 -27.35 -15.15 15.84
CA ILE A 740 -27.74 -15.14 17.25
C ILE A 740 -27.84 -13.71 17.78
N THR A 741 -28.93 -13.42 18.49
CA THR A 741 -29.14 -12.16 19.12
C THR A 741 -29.06 -12.29 20.64
N PHE A 742 -28.27 -11.40 21.24
CA PHE A 742 -27.98 -11.43 22.64
C PHE A 742 -28.63 -10.24 23.33
N ASN A 743 -29.03 -10.41 24.59
CA ASN A 743 -29.55 -9.33 25.47
C ASN A 743 -29.10 -9.56 26.84
N VAL A 744 -28.59 -8.52 27.43
CA VAL A 744 -28.06 -8.63 28.76
C VAL A 744 -28.95 -7.83 29.68
N THR A 745 -29.26 -8.42 30.83
CA THR A 745 -30.07 -7.73 31.83
C THR A 745 -29.38 -7.90 33.17
N GLY A 746 -29.69 -7.03 34.12
CA GLY A 746 -29.08 -7.14 35.42
C GLY A 746 -27.83 -6.29 35.45
N GLN A 747 -26.87 -6.68 36.29
CA GLN A 747 -25.73 -5.85 36.67
C GLN A 747 -24.51 -6.01 35.72
N GLY A 748 -24.75 -5.73 34.44
CA GLY A 748 -23.71 -5.81 33.45
C GLY A 748 -24.18 -5.39 32.07
N GLU A 749 -23.24 -5.27 31.13
CA GLU A 749 -23.46 -4.73 29.80
C GLU A 749 -22.67 -5.53 28.81
N LEU A 750 -23.26 -5.72 27.66
CA LEU A 750 -22.57 -6.37 26.58
C LEU A 750 -21.40 -5.48 26.12
N ALA A 751 -20.24 -6.08 25.98
CA ALA A 751 -19.03 -5.40 25.63
C ALA A 751 -18.54 -5.79 24.24
N GLY A 752 -19.01 -6.93 23.72
CA GLY A 752 -18.69 -7.29 22.37
C GLY A 752 -19.12 -8.69 22.02
N VAL A 753 -19.03 -9.00 20.74
CA VAL A 753 -19.37 -10.34 20.26
C VAL A 753 -18.35 -10.78 19.20
N ASP A 754 -18.21 -12.08 18.97
CA ASP A 754 -17.17 -12.59 18.13
C ASP A 754 -17.51 -14.00 17.71
N ASN A 755 -16.96 -14.44 16.57
CA ASN A 755 -16.90 -15.86 16.25
C ASN A 755 -15.57 -16.42 15.73
N GLY A 756 -14.53 -15.61 15.74
CA GLY A 756 -13.22 -16.05 15.27
C GLY A 756 -13.10 -16.20 13.77
N ASN A 757 -14.17 -15.98 13.03
CA ASN A 757 -14.07 -16.07 11.60
C ASN A 757 -13.27 -14.94 10.95
N ALA A 758 -12.14 -15.31 10.36
CA ALA A 758 -11.16 -14.35 9.87
C ALA A 758 -11.67 -13.54 8.67
N SER A 759 -12.59 -14.13 7.93
CA SER A 759 -13.14 -13.48 6.74
C SER A 759 -14.55 -13.02 6.98
N SER A 760 -14.90 -12.81 8.25
CA SER A 760 -16.13 -12.10 8.61
C SER A 760 -15.85 -10.68 8.82
N VAL A 761 -16.78 -9.90 8.33
CA VAL A 761 -16.65 -8.49 8.51
C VAL A 761 -17.87 -7.98 9.29
N GLU A 762 -18.41 -8.87 10.10
CA GLU A 762 -19.41 -8.50 11.11
C GLU A 762 -18.83 -7.62 12.20
N ARG A 763 -19.63 -6.71 12.72
CA ARG A 763 -19.21 -5.82 13.80
C ARG A 763 -18.89 -6.66 15.03
N TYR A 764 -17.85 -6.25 15.75
CA TYR A 764 -17.52 -6.76 17.07
C TYR A 764 -18.38 -6.05 18.13
N LYS A 765 -18.68 -4.77 17.89
CA LYS A 765 -19.48 -3.96 18.78
C LYS A 765 -20.89 -3.90 18.33
N ASP A 766 -21.63 -4.93 18.70
CA ASP A 766 -22.99 -5.13 18.29
C ASP A 766 -23.55 -6.16 19.24
N ASN A 767 -24.82 -6.42 19.11
CA ASN A 767 -25.45 -7.39 19.96
C ASN A 767 -25.92 -8.65 19.22
N LYS A 768 -25.57 -8.77 17.95
CA LYS A 768 -25.82 -9.98 17.17
C LYS A 768 -24.54 -10.50 16.50
N ARG A 769 -24.47 -11.78 16.26
CA ARG A 769 -23.29 -12.42 15.67
C ARG A 769 -23.65 -13.79 15.14
N LYS A 770 -23.20 -14.14 13.94
CA LYS A 770 -23.44 -15.47 13.45
C LYS A 770 -22.55 -16.44 14.20
N ALA A 771 -23.02 -17.66 14.34
CA ALA A 771 -22.12 -18.70 14.78
C ALA A 771 -21.11 -18.97 13.69
N PHE A 772 -19.97 -19.53 14.09
CA PHE A 772 -19.01 -20.04 13.08
C PHE A 772 -18.56 -21.42 13.51
N SER A 773 -18.67 -22.39 12.60
CA SER A 773 -18.44 -23.78 12.98
C SER A 773 -19.13 -24.06 14.31
N GLY A 774 -20.41 -23.70 14.38
CA GLY A 774 -21.27 -23.99 15.52
C GLY A 774 -21.20 -23.06 16.73
N LYS A 775 -20.29 -22.08 16.75
CA LYS A 775 -20.03 -21.32 17.98
C LYS A 775 -19.92 -19.82 17.76
N ALA A 776 -20.41 -19.08 18.76
CA ALA A 776 -20.14 -17.66 18.91
C ALA A 776 -19.86 -17.25 20.37
N LEU A 777 -19.45 -16.01 20.55
CA LEU A 777 -19.05 -15.52 21.83
C LEU A 777 -19.70 -14.18 22.10
N ALA A 778 -20.12 -14.03 23.37
CA ALA A 778 -20.57 -12.74 23.90
C ALA A 778 -19.77 -12.43 25.14
N ILE A 779 -19.27 -11.20 25.19
CA ILE A 779 -18.49 -10.72 26.30
C ILE A 779 -19.28 -9.72 27.11
N VAL A 780 -19.38 -9.97 28.40
CA VAL A 780 -20.13 -9.09 29.25
C VAL A 780 -19.25 -8.47 30.31
N GLN A 781 -19.49 -7.21 30.58
CA GLN A 781 -18.75 -6.48 31.58
C GLN A 781 -19.65 -6.10 32.75
N SER A 782 -19.14 -6.28 33.94
CA SER A 782 -19.88 -6.05 35.13
C SER A 782 -19.95 -4.54 35.30
N SER A 783 -20.88 -4.10 36.12
CA SER A 783 -21.02 -2.72 36.53
C SER A 783 -20.38 -2.58 37.89
N LYS A 784 -20.55 -1.42 38.51
CA LYS A 784 -20.10 -1.25 39.87
C LYS A 784 -21.12 -1.67 40.92
N LEU A 785 -22.33 -2.07 40.51
CA LEU A 785 -23.30 -2.58 41.46
C LEU A 785 -23.21 -4.10 41.57
N SER A 786 -23.08 -4.67 42.78
CA SER A 786 -23.16 -6.09 42.95
C SER A 786 -24.56 -6.58 42.63
N GLY A 787 -24.67 -7.82 42.22
CA GLY A 787 -25.98 -8.36 41.92
C GLY A 787 -25.88 -9.57 41.04
N LYS A 788 -26.55 -9.49 39.90
CA LYS A 788 -26.60 -10.63 39.00
C LYS A 788 -26.82 -10.20 37.55
N ILE A 789 -26.11 -10.90 36.66
CA ILE A 789 -26.22 -10.72 35.23
C ILE A 789 -26.99 -11.86 34.57
N THR A 790 -27.91 -11.52 33.68
CA THR A 790 -28.55 -12.51 32.86
C THR A 790 -28.34 -12.23 31.38
N VAL A 791 -27.89 -13.26 30.68
CA VAL A 791 -27.69 -13.19 29.24
C VAL A 791 -28.71 -14.05 28.53
N HIS A 792 -29.47 -13.43 27.63
CA HIS A 792 -30.49 -14.13 26.88
C HIS A 792 -29.97 -14.24 25.42
N ALA A 793 -30.26 -15.35 24.76
CA ALA A 793 -29.90 -15.49 23.39
C ALA A 793 -31.02 -16.16 22.59
N SER A 794 -31.19 -15.71 21.36
CA SER A 794 -32.19 -16.26 20.51
C SER A 794 -31.73 -16.35 19.02
N VAL A 795 -32.38 -17.27 18.29
CA VAL A 795 -32.08 -17.58 16.90
C VAL A 795 -33.39 -17.94 16.29
N ALA A 796 -33.69 -17.30 15.16
CA ALA A 796 -34.91 -17.55 14.40
C ALA A 796 -35.04 -19.02 14.19
N GLY A 797 -36.15 -19.58 14.67
CA GLY A 797 -36.49 -20.94 14.37
C GLY A 797 -36.06 -21.89 15.44
N LEU A 798 -35.31 -21.47 16.45
CA LEU A 798 -34.80 -22.46 17.44
C LEU A 798 -35.16 -21.99 18.79
N SER A 799 -34.94 -22.80 19.81
CA SER A 799 -35.28 -22.28 21.14
C SER A 799 -34.21 -21.37 21.64
N SER A 800 -34.68 -20.35 22.37
CA SER A 800 -33.82 -19.48 23.11
C SER A 800 -33.20 -20.18 24.30
N ASP A 801 -32.28 -19.47 24.95
CA ASP A 801 -31.62 -19.91 26.17
C ASP A 801 -31.12 -18.68 26.94
N SER A 802 -30.85 -18.93 28.22
CA SER A 802 -30.44 -17.97 29.22
C SER A 802 -29.38 -18.57 30.15
N THR A 803 -28.47 -17.73 30.63
CA THR A 803 -27.63 -18.13 31.72
C THR A 803 -27.30 -16.89 32.57
N SER A 804 -26.83 -17.16 33.78
CA SER A 804 -26.62 -16.15 34.78
C SER A 804 -25.26 -16.16 35.44
N VAL A 805 -24.80 -14.97 35.80
CA VAL A 805 -23.55 -14.81 36.47
C VAL A 805 -23.74 -13.80 37.62
N PHE A 806 -23.30 -14.17 38.81
CA PHE A 806 -23.38 -13.32 39.96
C PHE A 806 -22.19 -12.38 39.97
N THR A 807 -22.40 -11.15 40.42
CA THR A 807 -21.31 -10.18 40.60
C THR A 807 -21.26 -9.70 42.05
N VAL A 808 -20.04 -9.50 42.54
CA VAL A 808 -19.78 -9.36 43.96
C VAL A 808 -18.89 -8.17 44.19
N THR A 809 -19.14 -7.38 45.22
CA THR A 809 -18.32 -6.19 45.49
C THR A 809 -16.97 -6.74 45.96
N PRO A 810 -15.92 -6.37 45.24
CA PRO A 810 -14.61 -6.92 45.57
C PRO A 810 -14.11 -6.45 46.94
N SER B 1 19.47 29.52 -2.43
CA SER B 1 18.20 30.27 -2.12
C SER B 1 17.28 30.34 -3.33
N VAL B 2 15.99 30.03 -3.14
CA VAL B 2 15.03 29.97 -4.24
C VAL B 2 14.81 31.36 -4.87
N SER B 3 14.63 31.36 -6.18
CA SER B 3 14.33 32.51 -7.02
C SER B 3 12.86 32.84 -7.00
N TYR B 4 12.52 33.94 -6.36
CA TYR B 4 11.14 34.36 -6.29
C TYR B 4 11.04 35.78 -6.74
N ASP B 5 10.35 35.98 -7.85
CA ASP B 5 9.93 37.32 -8.21
C ASP B 5 8.40 37.49 -8.29
N GLY B 6 7.72 37.08 -7.22
CA GLY B 6 6.26 37.20 -7.14
C GLY B 6 5.40 36.22 -7.96
N GLU B 7 5.98 35.27 -8.70
CA GLU B 7 5.15 34.29 -9.49
C GLU B 7 4.20 33.52 -8.60
N ARG B 8 3.02 33.12 -9.08
CA ARG B 8 2.15 32.27 -8.25
C ARG B 8 2.65 30.82 -8.24
N ARG B 9 3.39 30.42 -9.27
CA ARG B 9 4.12 29.19 -9.10
C ARG B 9 5.51 29.15 -9.71
N VAL B 10 6.40 28.47 -8.98
CA VAL B 10 7.82 28.51 -9.19
C VAL B 10 8.28 27.17 -9.66
N ASN B 11 9.09 27.17 -10.69
CA ASN B 11 9.70 25.99 -11.17
C ASN B 11 10.67 25.47 -10.12
N PHE B 12 10.53 24.21 -9.67
CA PHE B 12 11.38 23.64 -8.65
C PHE B 12 12.21 22.48 -9.14
N ASN B 13 12.43 22.41 -10.44
CA ASN B 13 13.14 21.29 -11.05
C ASN B 13 14.63 21.25 -10.81
N GLU B 14 15.25 22.36 -10.40
CA GLU B 14 16.73 22.42 -10.44
C GLU B 14 17.43 22.05 -9.17
N ASN B 15 18.66 21.55 -9.33
CA ASN B 15 19.59 21.33 -8.20
C ASN B 15 19.13 20.28 -7.25
N TRP B 16 18.91 19.08 -7.80
CA TRP B 16 18.59 17.92 -7.01
C TRP B 16 19.80 17.01 -6.96
N ARG B 17 19.85 16.21 -5.92
CA ARG B 17 20.81 15.12 -5.86
C ARG B 17 20.04 13.81 -6.06
N PHE B 18 20.69 12.83 -6.67
CA PHE B 18 20.01 11.60 -6.95
C PHE B 18 20.95 10.42 -6.76
N GLN B 19 20.42 9.36 -6.19
CA GLN B 19 21.14 8.12 -6.16
C GLN B 19 20.21 6.93 -6.11
N ARG B 20 20.51 5.98 -6.95
CA ARG B 20 19.79 4.74 -6.98
C ARG B 20 20.37 3.71 -6.03
N GLU B 21 19.55 2.97 -5.30
CA GLU B 21 20.12 1.86 -4.51
C GLU B 21 20.57 0.70 -5.43
N THR B 22 21.86 0.36 -5.39
CA THR B 22 22.38 -0.84 -6.10
C THR B 22 22.98 -1.89 -5.15
N ASN B 23 23.19 -1.51 -3.88
CA ASN B 23 23.76 -2.38 -2.82
C ASN B 23 22.88 -2.51 -1.58
N GLY B 24 21.58 -2.68 -1.76
CA GLY B 24 20.66 -2.56 -0.64
C GLY B 24 20.47 -1.13 -0.14
N SER B 25 19.84 -1.08 1.03
CA SER B 25 19.32 0.17 1.54
C SER B 25 20.42 1.14 1.80
N ILE B 26 20.20 2.40 1.52
CA ILE B 26 21.11 3.46 1.92
C ILE B 26 20.68 4.10 3.25
N ALA B 27 21.39 3.77 4.32
CA ALA B 27 21.04 4.22 5.65
C ALA B 27 21.03 5.72 5.76
N GLY B 28 19.98 6.29 6.34
CA GLY B 28 19.96 7.70 6.71
C GLY B 28 19.69 8.70 5.60
N ALA B 29 19.45 8.17 4.42
CA ALA B 29 19.15 9.02 3.27
C ALA B 29 18.02 10.03 3.49
N GLN B 30 17.04 9.70 4.33
CA GLN B 30 15.93 10.63 4.55
C GLN B 30 16.23 11.76 5.50
N ASN B 31 17.35 11.68 6.24
CA ASN B 31 17.65 12.66 7.33
C ASN B 31 18.35 13.93 6.83
N PRO B 32 18.00 15.07 7.42
CA PRO B 32 18.55 16.36 7.02
C PRO B 32 20.07 16.35 7.10
N GLY B 33 20.59 15.77 8.18
CA GLY B 33 22.01 15.66 8.35
C GLY B 33 22.79 14.76 7.42
N PHE B 34 22.16 14.02 6.54
CA PHE B 34 22.88 13.09 5.69
C PHE B 34 23.80 13.85 4.73
N ASP B 35 24.98 13.31 4.50
CA ASP B 35 25.94 13.88 3.60
C ASP B 35 25.77 13.29 2.22
N ASP B 36 25.21 14.09 1.31
CA ASP B 36 25.01 13.71 -0.08
C ASP B 36 25.95 14.46 -1.01
N SER B 37 27.07 14.87 -0.49
CA SER B 37 27.95 15.78 -1.23
C SER B 37 28.60 15.04 -2.39
N SER B 38 28.76 13.73 -2.27
CA SER B 38 29.32 12.98 -3.38
C SER B 38 28.22 12.45 -4.35
N TRP B 39 26.95 12.78 -4.13
CA TRP B 39 25.90 12.27 -5.01
C TRP B 39 25.82 13.05 -6.31
N ARG B 40 25.34 12.39 -7.34
CA ARG B 40 25.11 13.02 -8.59
C ARG B 40 24.17 14.19 -8.45
N LYS B 41 24.46 15.30 -9.14
CA LYS B 41 23.59 16.47 -9.16
C LYS B 41 22.85 16.45 -10.43
N LEU B 42 21.56 16.75 -10.42
CA LEU B 42 20.83 16.81 -11.70
C LEU B 42 19.57 17.68 -11.66
N ASN B 43 19.01 17.91 -12.83
CA ASN B 43 17.76 18.62 -12.90
C ASN B 43 16.63 17.70 -13.35
N LEU B 44 15.43 18.00 -12.88
CA LEU B 44 14.23 17.32 -13.29
C LEU B 44 13.64 18.00 -14.55
N PRO B 45 12.74 17.33 -15.28
CA PRO B 45 12.27 15.97 -15.01
C PRO B 45 13.27 14.90 -15.29
N HIS B 46 13.11 13.76 -14.65
CA HIS B 46 14.12 12.70 -14.75
C HIS B 46 13.53 11.29 -14.70
N ASP B 47 14.00 10.45 -15.61
CA ASP B 47 13.68 9.05 -15.64
C ASP B 47 14.96 8.31 -15.47
N TRP B 48 15.14 7.67 -14.34
CA TRP B 48 16.40 6.96 -14.15
C TRP B 48 16.52 5.66 -14.95
N SER B 49 15.40 5.07 -15.34
CA SER B 49 15.43 3.73 -15.97
C SER B 49 16.02 3.85 -17.36
N ILE B 50 15.74 4.94 -18.07
CA ILE B 50 16.17 5.11 -19.45
C ILE B 50 17.69 5.28 -19.62
N GLU B 51 18.34 5.62 -18.51
CA GLU B 51 19.79 5.84 -18.47
C GLU B 51 20.52 4.54 -18.32
N LEU B 52 19.86 3.50 -17.88
CA LEU B 52 20.55 2.23 -17.65
C LEU B 52 20.76 1.44 -18.94
N ASP B 53 21.75 0.56 -18.90
CA ASP B 53 21.84 -0.43 -19.94
C ASP B 53 20.67 -1.38 -19.80
N PHE B 54 20.20 -1.81 -20.96
CA PHE B 54 19.28 -2.93 -20.99
C PHE B 54 19.90 -4.09 -20.26
N ASN B 55 19.06 -4.75 -19.49
CA ASN B 55 19.44 -5.87 -18.68
C ASN B 55 18.49 -7.05 -18.92
N LYS B 56 19.04 -8.07 -19.56
CA LYS B 56 18.25 -9.22 -19.97
C LYS B 56 17.67 -9.97 -18.79
N ASN B 57 18.23 -9.81 -17.60
CA ASN B 57 17.76 -10.44 -16.43
C ASN B 57 16.86 -9.54 -15.60
N SER B 58 16.42 -8.41 -16.13
CA SER B 58 15.67 -7.45 -15.33
C SER B 58 14.38 -8.05 -14.92
N LEU B 59 13.94 -7.72 -13.71
CA LEU B 59 12.64 -8.10 -13.22
C LEU B 59 11.48 -7.41 -14.01
N ALA B 60 11.80 -6.35 -14.74
CA ALA B 60 10.79 -5.76 -15.62
C ALA B 60 10.37 -6.71 -16.75
N THR B 61 11.26 -7.66 -17.11
CA THR B 61 11.11 -8.55 -18.29
C THR B 61 10.93 -7.81 -19.59
N HIS B 62 10.58 -8.56 -20.61
CA HIS B 62 10.24 -7.92 -21.85
C HIS B 62 9.09 -6.93 -21.66
N GLU B 63 8.17 -7.21 -20.75
CA GLU B 63 6.98 -6.36 -20.64
C GLU B 63 7.35 -4.92 -20.37
N GLY B 64 8.36 -4.71 -19.52
CA GLY B 64 8.79 -3.36 -19.18
C GLY B 64 10.07 -2.90 -19.86
N GLY B 65 10.40 -3.56 -20.96
CA GLY B 65 11.56 -3.19 -21.80
C GLY B 65 12.97 -3.52 -21.26
N TYR B 66 13.04 -4.47 -20.34
CA TYR B 66 14.30 -4.92 -19.81
C TYR B 66 15.12 -3.76 -19.23
N LEU B 67 14.44 -2.80 -18.64
CA LEU B 67 15.12 -1.71 -17.92
C LEU B 67 14.70 -1.68 -16.47
N ASP B 68 15.73 -1.68 -15.61
CA ASP B 68 15.53 -1.75 -14.19
C ASP B 68 14.91 -0.52 -13.54
N GLY B 69 14.20 -0.76 -12.46
CA GLY B 69 13.59 0.30 -11.63
C GLY B 69 14.32 0.23 -10.31
N GLY B 70 13.65 -0.25 -9.28
CA GLY B 70 14.25 -0.43 -7.99
C GLY B 70 13.90 0.77 -7.12
N ILE B 71 14.83 1.13 -6.21
CA ILE B 71 14.62 2.16 -5.22
C ILE B 71 15.57 3.23 -5.58
N GLY B 72 15.05 4.43 -5.68
CA GLY B 72 15.82 5.60 -6.03
C GLY B 72 15.58 6.68 -4.98
N TRP B 73 16.61 7.49 -4.71
CA TRP B 73 16.45 8.62 -3.81
C TRP B 73 16.76 9.99 -4.45
N TYR B 74 15.88 10.96 -4.21
CA TYR B 74 16.08 12.30 -4.67
C TYR B 74 16.14 13.20 -3.45
N ARG B 75 17.11 14.13 -3.43
CA ARG B 75 17.34 15.02 -2.26
C ARG B 75 17.47 16.44 -2.80
N LYS B 76 16.79 17.39 -2.19
CA LYS B 76 17.07 18.81 -2.50
C LYS B 76 17.25 19.64 -1.23
N THR B 77 18.38 20.32 -1.14
CA THR B 77 18.67 21.19 0.00
C THR B 77 18.45 22.65 -0.44
N PHE B 78 17.66 23.44 0.27
CA PHE B 78 17.32 24.73 -0.26
C PHE B 78 16.85 25.69 0.83
N THR B 79 16.87 26.99 0.48
CA THR B 79 16.41 28.04 1.39
C THR B 79 15.39 28.93 0.72
N ILE B 80 14.57 29.51 1.57
CA ILE B 80 13.42 30.36 1.16
C ILE B 80 13.81 31.84 1.33
N PRO B 81 13.61 32.70 0.32
CA PRO B 81 13.92 34.11 0.60
C PRO B 81 13.00 34.81 1.59
N GLU B 82 13.43 35.99 2.04
CA GLU B 82 12.58 36.92 2.80
C GLU B 82 11.25 37.22 2.04
N SER B 83 11.29 37.34 0.70
CA SER B 83 10.09 37.68 -0.09
C SER B 83 8.94 36.71 -0.01
N MET B 84 9.19 35.51 0.48
CA MET B 84 8.13 34.51 0.65
C MET B 84 7.64 34.37 2.07
N LYS B 85 8.09 35.23 2.97
CA LYS B 85 7.73 35.09 4.39
C LYS B 85 6.21 35.35 4.51
N GLY B 86 5.50 34.56 5.31
CA GLY B 86 4.04 34.74 5.47
C GLY B 86 3.15 34.30 4.30
N LYS B 87 3.75 33.74 3.26
CA LYS B 87 3.01 33.06 2.19
C LYS B 87 2.66 31.61 2.55
N ARG B 88 1.63 31.12 1.85
CA ARG B 88 1.33 29.69 1.73
C ARG B 88 2.19 29.11 0.62
N ILE B 89 2.74 27.97 0.91
CA ILE B 89 3.66 27.30 -0.02
C ILE B 89 3.34 25.83 -0.04
N SER B 90 3.02 25.32 -1.24
CA SER B 90 2.85 23.89 -1.42
C SER B 90 3.86 23.38 -2.43
N LEU B 91 4.34 22.18 -2.13
CA LEU B 91 5.22 21.42 -2.99
C LEU B 91 4.32 20.55 -3.87
N ASP B 92 4.47 20.71 -5.18
CA ASP B 92 3.57 20.16 -6.19
C ASP B 92 4.31 19.30 -7.19
N PHE B 93 4.07 18.00 -7.16
CA PHE B 93 4.62 17.07 -8.19
C PHE B 93 3.58 16.78 -9.27
N ASP B 94 3.94 16.90 -10.54
CA ASP B 94 3.05 16.54 -11.63
C ASP B 94 2.95 15.01 -11.79
N GLY B 95 4.02 14.33 -11.33
CA GLY B 95 4.03 12.89 -11.29
C GLY B 95 5.35 12.25 -10.83
N VAL B 96 5.22 11.17 -10.08
CA VAL B 96 6.36 10.37 -9.64
C VAL B 96 6.04 8.85 -9.71
N TYR B 97 6.81 8.08 -10.49
CA TYR B 97 6.60 6.63 -10.66
C TYR B 97 7.64 5.90 -9.84
N MET B 98 7.25 5.20 -8.78
CA MET B 98 5.92 5.17 -8.21
C MET B 98 6.13 4.87 -6.71
N ASN B 99 5.03 4.82 -5.98
CA ASN B 99 5.08 4.48 -4.58
C ASN B 99 6.13 5.28 -3.79
N SER B 100 5.96 6.59 -3.78
CA SER B 100 6.94 7.45 -3.21
C SER B 100 6.60 7.71 -1.76
N THR B 101 7.64 8.08 -1.03
CA THR B 101 7.50 8.65 0.29
C THR B 101 8.34 9.92 0.34
N THR B 102 7.72 11.02 0.78
CA THR B 102 8.35 12.32 0.77
C THR B 102 8.61 12.79 2.21
N TYR B 103 9.83 13.20 2.46
CA TYR B 103 10.23 13.71 3.74
C TYR B 103 10.70 15.17 3.65
N LEU B 104 10.44 15.93 4.70
CA LEU B 104 10.94 17.31 4.78
C LEU B 104 11.43 17.60 6.17
N ASN B 105 12.69 17.94 6.20
CA ASN B 105 13.37 18.20 7.44
C ASN B 105 13.17 17.04 8.45
N GLY B 106 13.39 15.80 8.06
CA GLY B 106 13.18 14.67 8.98
C GLY B 106 11.75 14.28 9.29
N GLU B 107 10.75 14.97 8.76
CA GLU B 107 9.37 14.54 8.98
C GLU B 107 8.78 14.03 7.71
N VAL B 108 7.94 13.02 7.84
CA VAL B 108 7.24 12.52 6.68
C VAL B 108 6.15 13.51 6.26
N LEU B 109 6.14 13.97 5.03
CA LEU B 109 4.98 14.69 4.50
C LEU B 109 3.88 13.79 4.02
N GLY B 110 4.23 12.65 3.46
CA GLY B 110 3.24 11.73 2.93
C GLY B 110 3.81 10.65 2.02
N THR B 111 2.90 9.74 1.67
CA THR B 111 3.22 8.70 0.75
C THR B 111 2.26 8.78 -0.38
N TYR B 112 2.70 8.45 -1.60
CA TYR B 112 1.84 8.48 -2.76
C TYR B 112 2.04 7.28 -3.72
N PRO B 113 1.09 6.35 -3.74
CA PRO B 113 1.38 5.12 -4.47
C PRO B 113 1.30 5.25 -5.98
N PHE B 114 0.27 5.89 -6.50
CA PHE B 114 -0.02 5.90 -7.92
C PHE B 114 1.07 6.65 -8.65
N GLY B 115 1.44 6.18 -9.82
CA GLY B 115 2.61 6.73 -10.53
C GLY B 115 2.32 7.69 -11.66
N TYR B 116 1.05 8.04 -11.84
CA TYR B 116 0.66 8.82 -12.98
C TYR B 116 -0.23 10.01 -12.66
N ASN B 117 -0.44 10.33 -11.38
CA ASN B 117 -1.19 11.54 -11.01
C ASN B 117 -0.31 12.58 -10.32
N ALA B 118 -0.75 13.80 -10.39
CA ALA B 118 -0.11 14.85 -9.62
C ALA B 118 -0.49 14.76 -8.15
N PHE B 119 0.37 15.30 -7.30
CA PHE B 119 0.05 15.38 -5.88
C PHE B 119 0.76 16.53 -5.24
N SER B 120 0.30 16.90 -4.03
CA SER B 120 0.71 18.15 -3.42
C SER B 120 0.72 18.09 -1.91
N TYR B 121 1.80 18.61 -1.32
CA TYR B 121 1.91 18.73 0.13
C TYR B 121 2.09 20.23 0.54
N ASP B 122 1.30 20.65 1.52
CA ASP B 122 1.42 21.99 2.04
C ASP B 122 2.62 22.01 2.96
N ILE B 123 3.52 22.96 2.75
CA ILE B 123 4.74 23.01 3.57
C ILE B 123 4.96 24.38 4.23
N SER B 124 3.95 25.24 4.14
CA SER B 124 3.97 26.58 4.73
C SER B 124 4.66 26.65 6.12
N ASP B 125 4.18 25.84 7.07
CA ASP B 125 4.65 25.86 8.45
C ASP B 125 5.74 24.88 8.75
N LYS B 126 6.18 24.13 7.76
CA LYS B 126 7.14 23.07 7.96
C LYS B 126 8.52 23.55 7.55
N LEU B 127 8.64 24.62 6.77
CA LEU B 127 9.96 25.14 6.39
C LEU B 127 10.56 25.98 7.49
N TYR B 128 11.89 25.96 7.63
CA TYR B 128 12.56 26.94 8.47
C TYR B 128 12.61 28.21 7.61
N LYS B 129 12.14 29.34 8.16
CA LYS B 129 12.16 30.62 7.40
C LYS B 129 13.18 31.62 8.02
N ASP B 130 14.16 31.09 8.80
CA ASP B 130 15.34 31.85 9.28
C ASP B 130 16.45 31.96 8.21
N GLY B 131 16.38 31.15 7.17
CA GLY B 131 17.52 30.95 6.28
C GLY B 131 18.35 29.69 6.60
N ARG B 132 18.05 28.94 7.68
CA ARG B 132 18.63 27.57 7.77
C ARG B 132 18.07 26.76 6.62
N ALA B 133 18.89 25.86 6.15
CA ALA B 133 18.58 25.11 4.96
C ALA B 133 17.55 24.02 5.25
N ASN B 134 16.61 23.88 4.31
CA ASN B 134 15.67 22.79 4.35
C ASN B 134 16.17 21.64 3.51
N VAL B 135 15.84 20.43 3.95
CA VAL B 135 16.20 19.25 3.21
C VAL B 135 14.98 18.43 2.88
N LEU B 136 14.69 18.41 1.57
CA LEU B 136 13.59 17.65 1.01
C LEU B 136 14.07 16.31 0.45
N VAL B 137 13.37 15.22 0.79
CA VAL B 137 13.75 13.90 0.29
C VAL B 137 12.59 13.11 -0.27
N VAL B 138 12.77 12.55 -1.46
CA VAL B 138 11.77 11.70 -2.04
C VAL B 138 12.38 10.36 -2.30
N LYS B 139 11.85 9.38 -1.63
CA LYS B 139 12.18 8.00 -1.86
C LYS B 139 11.21 7.46 -2.86
N VAL B 140 11.75 6.90 -3.91
CA VAL B 140 10.94 6.36 -4.97
C VAL B 140 11.05 4.84 -5.04
N ASN B 141 9.93 4.16 -4.88
CA ASN B 141 9.95 2.73 -4.89
C ASN B 141 9.30 2.07 -6.08
N ASN B 142 10.08 1.78 -7.09
CA ASN B 142 9.55 1.09 -8.27
C ASN B 142 10.08 -0.32 -8.32
N THR B 143 9.75 -1.06 -7.29
CA THR B 143 10.00 -2.44 -7.26
C THR B 143 9.18 -3.08 -8.42
N GLN B 144 9.83 -4.03 -9.12
CA GLN B 144 9.33 -4.60 -10.32
C GLN B 144 9.04 -6.11 -10.12
N PRO B 145 8.09 -6.67 -10.88
CA PRO B 145 7.36 -5.98 -11.97
C PRO B 145 6.10 -5.24 -11.54
N SER B 146 5.95 -4.05 -12.07
CA SER B 146 4.82 -3.19 -11.74
C SER B 146 4.01 -2.81 -12.94
N SER B 147 4.38 -3.26 -14.14
CA SER B 147 3.81 -2.66 -15.30
C SER B 147 3.85 -3.64 -16.50
N ARG B 148 2.79 -3.57 -17.30
CA ARG B 148 2.70 -4.33 -18.56
C ARG B 148 3.44 -3.63 -19.72
N TRP B 149 3.86 -2.38 -19.48
CA TRP B 149 4.61 -1.59 -20.47
C TRP B 149 5.77 -0.86 -19.80
N TYR B 150 6.61 -0.16 -20.57
CA TYR B 150 7.73 0.58 -19.94
C TYR B 150 7.18 1.76 -19.17
N SER B 151 7.46 1.78 -17.86
CA SER B 151 6.95 2.86 -17.00
C SER B 151 7.97 4.01 -16.86
N GLY B 152 9.26 3.70 -16.83
CA GLY B 152 10.25 4.62 -16.33
C GLY B 152 10.20 4.55 -14.82
N SER B 153 11.19 5.19 -14.19
CA SER B 153 11.21 5.37 -12.73
C SER B 153 11.68 6.80 -12.38
N GLY B 154 11.09 7.37 -11.33
CA GLY B 154 11.53 8.61 -10.73
C GLY B 154 10.57 9.78 -10.90
N ILE B 155 11.14 10.99 -10.84
CA ILE B 155 10.35 12.22 -10.89
C ILE B 155 10.36 12.70 -12.34
N TYR B 156 9.54 12.02 -13.12
CA TYR B 156 9.60 12.06 -14.57
C TYR B 156 8.72 13.20 -15.10
N ARG B 157 7.97 13.82 -14.20
CA ARG B 157 7.26 15.03 -14.54
C ARG B 157 7.70 16.22 -13.67
N ASN B 158 7.30 17.41 -14.10
CA ASN B 158 7.79 18.63 -13.48
C ASN B 158 7.38 18.72 -12.03
N VAL B 159 8.09 19.57 -11.29
CA VAL B 159 7.83 19.90 -9.91
C VAL B 159 7.78 21.42 -9.74
N TYR B 160 6.98 21.85 -8.78
CA TYR B 160 6.70 23.26 -8.58
C TYR B 160 6.53 23.63 -7.11
N LEU B 161 6.69 24.92 -6.83
CA LEU B 161 6.13 25.51 -5.61
C LEU B 161 4.98 26.38 -5.99
N THR B 162 3.87 26.21 -5.29
CA THR B 162 2.71 27.08 -5.49
C THR B 162 2.66 28.04 -4.29
N VAL B 163 2.75 29.33 -4.59
CA VAL B 163 3.01 30.36 -3.59
C VAL B 163 1.91 31.39 -3.59
N THR B 164 1.13 31.45 -2.50
CA THR B 164 -0.03 32.35 -2.45
C THR B 164 -0.18 33.08 -1.14
N ASP B 165 -1.08 34.06 -1.19
CA ASP B 165 -1.61 34.69 -0.01
C ASP B 165 -2.39 33.67 0.78
N PRO B 166 -2.52 33.89 2.09
CA PRO B 166 -3.33 32.93 2.87
C PRO B 166 -4.80 32.83 2.41
N ILE B 167 -5.27 33.84 1.68
CA ILE B 167 -6.59 33.81 1.04
C ILE B 167 -6.34 33.59 -0.44
N HIS B 168 -6.82 32.47 -0.98
CA HIS B 168 -6.47 32.11 -2.33
C HIS B 168 -7.48 31.21 -2.97
N VAL B 169 -7.40 31.19 -4.30
CA VAL B 169 -8.15 30.19 -5.04
C VAL B 169 -7.56 28.85 -4.67
N ALA B 170 -8.44 27.87 -4.41
CA ALA B 170 -8.00 26.51 -4.02
C ALA B 170 -7.34 25.78 -5.20
N ARG B 171 -6.71 24.67 -4.88
CA ARG B 171 -6.18 23.81 -5.91
C ARG B 171 -7.33 23.42 -6.79
N TYR B 172 -7.12 23.55 -8.10
CA TYR B 172 -8.15 23.26 -9.10
C TYR B 172 -9.44 24.00 -8.79
N GLY B 173 -9.31 25.20 -8.24
CA GLY B 173 -10.45 25.84 -7.68
C GLY B 173 -11.39 26.55 -8.63
N THR B 174 -11.19 26.43 -9.94
CA THR B 174 -12.18 26.98 -10.86
C THR B 174 -12.85 25.86 -11.60
N PHE B 175 -14.11 26.07 -11.92
CA PHE B 175 -14.81 25.20 -12.82
C PHE B 175 -15.65 26.03 -13.80
N VAL B 176 -15.23 26.05 -15.04
CA VAL B 176 -15.93 26.79 -16.07
C VAL B 176 -16.70 25.90 -17.03
N THR B 177 -18.01 26.13 -17.13
CA THR B 177 -18.88 25.36 -18.00
C THR B 177 -19.71 26.25 -18.91
N THR B 178 -20.29 25.63 -19.93
CA THR B 178 -21.16 26.27 -20.89
C THR B 178 -22.38 25.41 -20.97
N PRO B 179 -23.31 25.61 -20.05
CA PRO B 179 -24.52 24.78 -20.06
C PRO B 179 -25.42 25.09 -21.22
N ASN B 180 -26.04 24.03 -21.74
CA ASN B 180 -26.96 24.13 -22.87
C ASN B 180 -26.41 24.96 -23.99
N LEU B 181 -25.15 24.78 -24.27
CA LEU B 181 -24.57 25.39 -25.43
C LEU B 181 -25.25 24.91 -26.75
N GLU B 182 -25.64 23.64 -26.82
CA GLU B 182 -26.54 23.14 -27.88
C GLU B 182 -27.58 24.20 -28.28
N LYS B 183 -28.28 24.76 -27.28
CA LYS B 183 -29.43 25.68 -27.49
C LYS B 183 -28.99 27.11 -27.53
N SER B 184 -28.19 27.51 -26.56
CA SER B 184 -27.74 28.89 -26.51
C SER B 184 -27.00 29.30 -27.81
N ILE B 185 -26.32 28.37 -28.47
CA ILE B 185 -25.61 28.71 -29.70
C ILE B 185 -26.57 29.07 -30.83
N LYS B 186 -27.79 28.56 -30.78
CA LYS B 186 -28.83 28.91 -31.76
C LYS B 186 -29.13 30.40 -31.81
N GLU B 187 -29.03 31.10 -30.69
CA GLU B 187 -29.11 32.55 -30.70
C GLU B 187 -27.73 33.19 -30.61
N ASP B 188 -26.72 32.56 -31.17
CA ASP B 188 -25.37 33.09 -31.25
C ASP B 188 -24.73 33.62 -29.89
N ARG B 189 -25.05 32.93 -28.79
CA ARG B 189 -24.49 33.24 -27.48
C ARG B 189 -23.94 31.96 -26.87
N ALA B 190 -22.98 32.11 -25.95
CA ALA B 190 -22.59 31.05 -24.99
C ALA B 190 -22.83 31.43 -23.55
N ASP B 191 -23.62 30.67 -22.84
CA ASP B 191 -23.81 31.00 -21.46
C ASP B 191 -22.66 30.39 -20.72
N VAL B 192 -21.92 31.21 -19.99
CA VAL B 192 -20.80 30.73 -19.21
C VAL B 192 -21.05 30.67 -17.69
N ASN B 193 -20.94 29.50 -17.07
CA ASN B 193 -21.08 29.38 -15.59
C ASN B 193 -19.68 29.21 -14.98
N ILE B 194 -19.44 29.91 -13.88
CA ILE B 194 -18.15 29.95 -13.29
C ILE B 194 -18.27 29.66 -11.83
N LYS B 195 -17.70 28.54 -11.38
CA LYS B 195 -17.73 28.24 -9.98
C LYS B 195 -16.27 28.40 -9.48
N THR B 196 -16.10 29.24 -8.47
CA THR B 196 -14.80 29.50 -7.88
C THR B 196 -14.76 29.07 -6.41
N LYS B 197 -13.71 28.36 -5.99
CA LYS B 197 -13.60 27.94 -4.58
C LYS B 197 -12.42 28.71 -3.96
N ILE B 198 -12.69 29.40 -2.84
CA ILE B 198 -11.69 30.22 -2.16
C ILE B 198 -11.34 29.70 -0.77
N SER B 199 -10.05 29.42 -0.57
CA SER B 199 -9.56 28.97 0.70
C SER B 199 -9.14 30.13 1.55
N ASN B 200 -9.50 30.04 2.82
CA ASN B 200 -8.99 30.93 3.83
C ASN B 200 -8.11 30.16 4.79
N ASP B 201 -6.80 30.21 4.56
CA ASP B 201 -5.84 29.51 5.44
C ASP B 201 -5.25 30.46 6.48
N ALA B 202 -5.81 31.67 6.62
CA ALA B 202 -5.44 32.57 7.69
C ALA B 202 -6.20 32.30 8.98
N ALA B 203 -5.73 32.99 10.02
CA ALA B 203 -6.25 32.94 11.36
C ALA B 203 -7.70 33.44 11.45
N GLU B 204 -8.07 34.53 10.79
CA GLU B 204 -9.40 35.10 11.01
C GLU B 204 -10.27 35.20 9.79
N ALA B 205 -11.58 35.08 9.97
CA ALA B 205 -12.55 35.35 8.88
C ALA B 205 -12.28 36.67 8.13
N LYS B 206 -12.71 36.76 6.88
CA LYS B 206 -12.38 37.91 6.03
C LYS B 206 -13.46 38.08 5.00
N GLN B 207 -13.54 39.28 4.44
CA GLN B 207 -14.65 39.66 3.57
C GLN B 207 -14.09 39.69 2.19
N VAL B 208 -14.66 38.84 1.34
CA VAL B 208 -14.03 38.52 0.08
C VAL B 208 -14.98 38.67 -1.07
N LYS B 209 -14.48 39.26 -2.17
CA LYS B 209 -15.22 39.28 -3.44
C LYS B 209 -14.29 38.72 -4.55
N ILE B 210 -14.89 38.34 -5.66
CA ILE B 210 -14.18 37.69 -6.76
C ILE B 210 -14.48 38.52 -7.96
N LYS B 211 -13.43 38.96 -8.65
CA LYS B 211 -13.59 39.57 -9.97
C LYS B 211 -13.10 38.60 -11.05
N SER B 212 -13.98 38.32 -12.00
CA SER B 212 -13.73 37.34 -13.06
C SER B 212 -13.72 38.03 -14.41
N THR B 213 -12.63 37.96 -15.12
CA THR B 213 -12.53 38.59 -16.40
C THR B 213 -12.18 37.56 -17.49
N ILE B 214 -12.91 37.61 -18.59
CA ILE B 214 -12.62 36.74 -19.71
C ILE B 214 -11.95 37.50 -20.82
N TYR B 215 -10.80 36.99 -21.24
CA TYR B 215 -10.07 37.50 -22.39
C TYR B 215 -10.18 36.56 -23.54
N ASP B 216 -10.05 37.07 -24.73
CA ASP B 216 -9.99 36.21 -25.87
C ASP B 216 -8.54 35.85 -26.16
N GLY B 217 -8.33 35.21 -27.29
CA GLY B 217 -7.02 34.72 -27.66
C GLY B 217 -6.05 35.81 -27.99
N ALA B 218 -6.55 36.99 -28.32
CA ALA B 218 -5.69 38.13 -28.57
C ALA B 218 -5.37 38.92 -27.33
N GLY B 219 -6.07 38.73 -26.22
CA GLY B 219 -5.82 39.54 -25.04
C GLY B 219 -6.91 40.57 -24.79
N ASN B 220 -7.90 40.67 -25.66
CA ASN B 220 -8.98 41.64 -25.47
C ASN B 220 -9.96 41.20 -24.43
N THR B 221 -10.40 42.15 -23.62
CA THR B 221 -11.43 41.88 -22.65
C THR B 221 -12.76 41.58 -23.31
N VAL B 222 -13.44 40.55 -22.85
CA VAL B 222 -14.74 40.15 -23.35
C VAL B 222 -15.83 40.27 -22.31
N GLN B 223 -15.55 39.98 -21.04
CA GLN B 223 -16.55 40.22 -19.99
C GLN B 223 -15.83 40.48 -18.72
N THR B 224 -16.52 41.15 -17.79
CA THR B 224 -15.99 41.31 -16.46
C THR B 224 -17.16 41.15 -15.54
N VAL B 225 -17.00 40.45 -14.43
CA VAL B 225 -18.11 40.15 -13.57
C VAL B 225 -17.56 40.00 -12.16
N GLU B 226 -18.06 40.82 -11.22
CA GLU B 226 -17.50 40.96 -9.85
C GLU B 226 -18.59 40.53 -8.91
N THR B 227 -18.27 39.84 -7.82
CA THR B 227 -19.33 39.45 -6.91
C THR B 227 -19.53 40.46 -5.80
N GLU B 228 -20.61 40.25 -5.06
CA GLU B 228 -20.78 40.78 -3.72
C GLU B 228 -19.67 40.28 -2.83
N GLU B 229 -19.27 41.06 -1.83
CA GLU B 229 -18.51 40.52 -0.70
C GLU B 229 -19.30 39.44 0.05
N LYS B 230 -18.56 38.58 0.73
CA LYS B 230 -19.08 37.35 1.29
C LYS B 230 -18.13 36.95 2.41
N THR B 231 -18.69 36.39 3.47
CA THR B 231 -17.84 36.05 4.58
C THR B 231 -17.09 34.74 4.31
N ALA B 232 -15.78 34.81 4.36
CA ALA B 232 -14.97 33.63 4.18
C ALA B 232 -14.42 33.15 5.50
N ALA B 233 -15.08 32.20 6.14
CA ALA B 233 -14.60 31.81 7.48
C ALA B 233 -13.17 31.23 7.49
N ALA B 234 -12.40 31.60 8.49
CA ALA B 234 -11.07 30.98 8.71
C ALA B 234 -11.11 29.46 8.65
N GLY B 235 -10.05 28.88 8.05
CA GLY B 235 -9.86 27.44 7.97
C GLY B 235 -10.89 26.72 7.13
N THR B 236 -11.54 27.41 6.20
CA THR B 236 -12.58 26.79 5.36
C THR B 236 -12.42 27.18 3.92
N VAL B 237 -13.22 26.52 3.09
CA VAL B 237 -13.39 26.90 1.72
C VAL B 237 -14.73 27.55 1.55
N THR B 238 -14.78 28.61 0.75
CA THR B 238 -16.01 29.38 0.55
C THR B 238 -16.26 29.44 -0.96
N PRO B 239 -17.44 28.98 -1.41
CA PRO B 239 -17.75 28.95 -2.84
C PRO B 239 -18.40 30.23 -3.35
N PHE B 240 -18.13 30.54 -4.63
CA PHE B 240 -18.78 31.59 -5.39
C PHE B 240 -19.26 31.00 -6.71
N GLU B 241 -20.37 31.49 -7.21
CA GLU B 241 -20.87 31.06 -8.49
C GLU B 241 -21.26 32.30 -9.33
N GLN B 242 -20.91 32.40 -10.59
CA GLN B 242 -21.28 33.56 -11.40
C GLN B 242 -21.78 33.09 -12.78
N ASN B 243 -22.73 33.83 -13.38
CA ASN B 243 -23.12 33.56 -14.76
C ASN B 243 -22.86 34.75 -15.60
N THR B 244 -22.39 34.56 -16.82
CA THR B 244 -22.20 35.62 -17.75
C THR B 244 -22.40 34.98 -19.15
N VAL B 245 -21.87 35.63 -20.18
CA VAL B 245 -22.23 35.37 -21.54
C VAL B 245 -21.08 35.73 -22.42
N ILE B 246 -20.89 35.00 -23.51
CA ILE B 246 -20.02 35.43 -24.60
C ILE B 246 -20.81 35.40 -25.89
N LYS B 247 -20.77 36.53 -26.59
CA LYS B 247 -21.59 36.75 -27.78
C LYS B 247 -20.73 36.52 -28.99
N GLN B 248 -21.36 35.94 -30.02
CA GLN B 248 -20.64 35.29 -31.14
C GLN B 248 -19.34 34.65 -30.68
N PRO B 249 -19.44 33.60 -29.85
CA PRO B 249 -18.26 32.91 -29.33
C PRO B 249 -17.49 32.24 -30.43
N LYS B 250 -16.18 32.35 -30.40
CA LYS B 250 -15.33 31.55 -31.26
C LYS B 250 -15.24 30.11 -30.65
N LEU B 251 -15.64 29.10 -31.40
CA LEU B 251 -15.70 27.75 -30.86
C LEU B 251 -14.39 27.03 -30.93
N TRP B 252 -14.13 26.18 -29.92
CA TRP B 252 -12.99 25.25 -29.99
C TRP B 252 -13.38 24.10 -30.90
N SER B 253 -12.54 23.77 -31.87
CA SER B 253 -12.80 22.60 -32.69
C SER B 253 -11.48 21.96 -33.14
N ILE B 254 -11.59 20.84 -33.80
CA ILE B 254 -10.43 20.11 -34.25
C ILE B 254 -9.65 20.94 -35.25
N ASP B 255 -10.40 21.56 -36.16
CA ASP B 255 -9.78 22.40 -37.18
C ASP B 255 -9.35 23.75 -36.62
N LYS B 256 -10.03 24.31 -35.62
CA LYS B 256 -9.70 25.65 -35.07
C LYS B 256 -9.75 25.62 -33.57
N PRO B 257 -8.67 25.20 -32.98
CA PRO B 257 -8.66 25.00 -31.54
C PRO B 257 -8.62 26.27 -30.66
N TYR B 258 -9.65 27.08 -30.75
CA TYR B 258 -9.66 28.36 -30.06
C TYR B 258 -9.95 28.28 -28.57
N ARG B 259 -9.15 28.98 -27.76
CA ARG B 259 -9.40 29.09 -26.34
C ARG B 259 -9.37 30.52 -25.80
N TYR B 260 -10.28 30.74 -24.84
CA TYR B 260 -10.36 31.93 -24.04
C TYR B 260 -9.56 31.74 -22.78
N ASN B 261 -9.40 32.82 -22.02
CA ASN B 261 -8.70 32.77 -20.76
C ASN B 261 -9.45 33.53 -19.68
N LEU B 262 -9.79 32.83 -18.62
CA LEU B 262 -10.42 33.45 -17.47
C LEU B 262 -9.34 33.87 -16.45
N VAL B 263 -9.33 35.15 -16.08
CA VAL B 263 -8.53 35.61 -14.95
C VAL B 263 -9.41 35.85 -13.72
N THR B 264 -9.06 35.18 -12.64
CA THR B 264 -9.78 35.25 -11.41
C THR B 264 -8.96 36.07 -10.41
N GLU B 265 -9.53 37.17 -9.96
CA GLU B 265 -8.89 38.06 -8.98
C GLU B 265 -9.64 37.92 -7.66
N VAL B 266 -8.89 37.53 -6.65
CA VAL B 266 -9.39 37.46 -5.29
C VAL B 266 -9.06 38.75 -4.55
N ILE B 267 -10.14 39.38 -4.08
CA ILE B 267 -10.08 40.74 -3.57
C ILE B 267 -10.53 40.86 -2.11
N VAL B 268 -9.62 41.38 -1.30
CA VAL B 268 -9.85 41.60 0.12
C VAL B 268 -9.42 42.98 0.53
N GLY B 269 -10.38 43.74 1.09
CA GLY B 269 -10.23 45.16 1.41
C GLY B 269 -9.70 45.95 0.24
N GLY B 270 -10.43 45.91 -0.89
CA GLY B 270 -10.04 46.62 -2.13
C GLY B 270 -8.67 46.27 -2.72
N GLN B 271 -8.00 45.24 -2.20
CA GLN B 271 -6.70 44.77 -2.72
C GLN B 271 -6.92 43.43 -3.43
N THR B 272 -6.37 43.29 -4.64
CA THR B 272 -6.25 41.98 -5.27
C THR B 272 -5.10 41.22 -4.60
N VAL B 273 -5.42 40.23 -3.76
CA VAL B 273 -4.35 39.45 -3.09
C VAL B 273 -3.99 38.13 -3.76
N ASP B 274 -4.72 37.71 -4.80
CA ASP B 274 -4.42 36.47 -5.48
C ASP B 274 -5.03 36.45 -6.86
N THR B 275 -4.29 35.90 -7.79
CA THR B 275 -4.67 35.91 -9.17
C THR B 275 -4.46 34.51 -9.79
N TYR B 276 -5.48 34.01 -10.50
CA TYR B 276 -5.52 32.63 -11.00
C TYR B 276 -6.06 32.63 -12.39
N GLU B 277 -5.40 31.88 -13.28
CA GLU B 277 -5.82 31.82 -14.66
C GLU B 277 -6.40 30.45 -14.95
N THR B 278 -7.39 30.42 -15.85
CA THR B 278 -8.02 29.20 -16.32
C THR B 278 -8.23 29.30 -17.84
N LYS B 279 -7.39 28.65 -18.63
CA LYS B 279 -7.60 28.56 -20.08
C LYS B 279 -8.82 27.61 -20.34
N PHE B 280 -9.73 27.98 -21.24
CA PHE B 280 -10.88 27.11 -21.52
C PHE B 280 -11.41 27.27 -22.91
N GLY B 281 -12.19 26.30 -23.35
CA GLY B 281 -12.69 26.31 -24.73
C GLY B 281 -14.20 26.25 -24.71
N VAL B 282 -14.81 26.74 -25.77
CA VAL B 282 -16.25 26.70 -25.91
C VAL B 282 -16.60 25.74 -27.03
N ARG B 283 -17.22 24.63 -26.64
CA ARG B 283 -17.64 23.59 -27.58
C ARG B 283 -18.63 22.65 -26.98
N TYR B 284 -19.44 22.05 -27.83
CA TYR B 284 -20.42 21.05 -27.39
C TYR B 284 -20.29 19.80 -28.23
N PHE B 285 -20.71 18.68 -27.70
CA PHE B 285 -20.54 17.42 -28.42
C PHE B 285 -21.44 16.41 -27.87
N LYS B 286 -21.57 15.29 -28.57
CA LYS B 286 -22.60 14.29 -28.22
C LYS B 286 -22.22 12.95 -28.76
N PHE B 287 -22.39 11.94 -27.90
CA PHE B 287 -22.43 10.55 -28.36
C PHE B 287 -23.88 10.12 -28.50
N ASP B 288 -24.29 9.73 -29.69
CA ASP B 288 -25.66 9.30 -29.91
C ASP B 288 -25.71 7.78 -30.18
N GLU B 289 -26.70 7.09 -29.62
CA GLU B 289 -26.89 5.62 -29.85
C GLU B 289 -26.85 5.13 -31.27
N ASN B 290 -27.45 5.95 -32.15
CA ASN B 290 -27.67 5.59 -33.53
C ASN B 290 -26.81 6.42 -34.45
N GLU B 291 -26.53 7.66 -34.08
CA GLU B 291 -25.89 8.55 -35.02
C GLU B 291 -24.42 8.65 -34.79
N GLY B 292 -23.91 8.07 -33.71
CA GLY B 292 -22.50 8.19 -33.36
C GLY B 292 -22.14 9.56 -32.73
N PHE B 293 -21.01 10.12 -33.15
CA PHE B 293 -20.45 11.24 -32.48
C PHE B 293 -20.57 12.53 -33.31
N SER B 294 -20.70 13.65 -32.59
CA SER B 294 -20.63 14.97 -33.20
C SER B 294 -20.02 16.01 -32.25
N LEU B 295 -19.45 17.04 -32.88
CA LEU B 295 -18.80 18.15 -32.22
C LEU B 295 -19.29 19.44 -32.85
N ASN B 296 -19.84 20.28 -32.01
CA ASN B 296 -20.46 21.55 -32.44
C ASN B 296 -21.46 21.32 -33.59
N GLY B 297 -22.25 20.27 -33.50
CA GLY B 297 -23.21 19.98 -34.56
C GLY B 297 -22.66 19.37 -35.85
N GLU B 298 -21.35 19.10 -35.89
CA GLU B 298 -20.80 18.37 -37.03
C GLU B 298 -20.60 16.89 -36.74
N TYR B 299 -21.25 16.02 -37.50
CA TYR B 299 -21.05 14.57 -37.41
C TYR B 299 -19.63 14.25 -37.86
N MET B 300 -18.95 13.43 -37.10
CA MET B 300 -17.61 12.95 -37.43
C MET B 300 -17.36 11.69 -36.63
N LYS B 301 -16.50 10.89 -37.23
CA LYS B 301 -16.00 9.73 -36.63
C LYS B 301 -14.81 10.12 -35.85
N LEU B 302 -14.67 9.50 -34.68
CA LEU B 302 -13.41 9.55 -33.91
C LEU B 302 -12.33 8.70 -34.55
N HIS B 303 -11.41 9.34 -35.27
CA HIS B 303 -10.29 8.66 -35.83
C HIS B 303 -9.19 8.68 -34.77
N GLY B 304 -9.18 7.66 -33.93
CA GLY B 304 -8.37 7.67 -32.70
C GLY B 304 -7.16 6.75 -32.68
N VAL B 305 -6.19 7.16 -31.88
CA VAL B 305 -5.09 6.29 -31.51
C VAL B 305 -4.93 6.22 -29.99
N SER B 306 -4.39 5.10 -29.54
CA SER B 306 -3.96 4.94 -28.17
C SER B 306 -2.51 5.40 -28.09
N MET B 307 -2.14 6.00 -26.96
CA MET B 307 -0.78 6.47 -26.69
C MET B 307 -0.35 6.18 -25.26
N HIS B 308 0.80 5.53 -25.15
CA HIS B 308 1.47 5.45 -23.88
C HIS B 308 2.28 6.72 -23.65
N HIS B 309 2.90 6.81 -22.48
CA HIS B 309 3.40 8.10 -21.97
C HIS B 309 4.86 8.36 -22.27
N ASP B 310 5.65 7.35 -22.62
CA ASP B 310 7.10 7.61 -22.86
C ASP B 310 7.26 8.36 -24.13
N LEU B 311 8.41 9.04 -24.22
CA LEU B 311 8.79 9.85 -25.38
C LEU B 311 10.06 9.32 -26.06
N GLY B 312 10.13 8.01 -26.16
CA GLY B 312 11.20 7.41 -26.85
C GLY B 312 12.51 7.55 -26.11
N ALA B 313 13.47 8.17 -26.79
CA ALA B 313 14.80 8.23 -26.24
C ALA B 313 14.83 9.12 -25.00
N LEU B 314 13.80 9.93 -24.81
CA LEU B 314 13.71 10.67 -23.56
C LEU B 314 13.19 9.83 -22.39
N GLY B 315 12.70 8.61 -22.66
CA GLY B 315 12.07 7.78 -21.64
C GLY B 315 10.77 8.43 -21.24
N ALA B 316 10.44 8.31 -19.97
CA ALA B 316 9.25 8.89 -19.40
C ALA B 316 9.37 10.38 -19.07
N ALA B 317 10.60 10.90 -19.08
CA ALA B 317 10.81 12.33 -18.73
C ALA B 317 10.05 13.25 -19.65
N THR B 318 9.00 13.88 -19.14
CA THR B 318 8.07 14.66 -19.98
C THR B 318 8.75 15.91 -20.58
N ASN B 319 8.19 16.38 -21.68
CA ASN B 319 8.77 17.49 -22.42
C ASN B 319 7.73 18.07 -23.34
N ALA B 320 7.48 19.34 -23.21
CA ALA B 320 6.38 19.94 -23.93
C ALA B 320 6.54 19.74 -25.46
N ARG B 321 7.73 20.01 -25.95
CA ARG B 321 7.96 19.87 -27.39
C ARG B 321 7.92 18.40 -27.86
N GLY B 322 8.46 17.54 -26.98
CA GLY B 322 8.48 16.12 -27.23
C GLY B 322 7.10 15.59 -27.58
N VAL B 323 6.10 15.82 -26.69
CA VAL B 323 4.75 15.29 -26.87
C VAL B 323 4.06 16.04 -27.97
N GLU B 324 4.30 17.33 -28.01
CA GLU B 324 3.66 18.16 -29.04
C GLU B 324 4.05 17.62 -30.44
N ARG B 325 5.31 17.20 -30.59
CA ARG B 325 5.75 16.62 -31.81
C ARG B 325 5.00 15.35 -32.13
N GLN B 326 4.83 14.51 -31.12
CA GLN B 326 4.08 13.28 -31.32
C GLN B 326 2.65 13.63 -31.80
N MET B 327 2.05 14.62 -31.15
CA MET B 327 0.71 14.93 -31.50
C MET B 327 0.62 15.56 -32.89
N GLN B 328 1.63 16.30 -33.33
CA GLN B 328 1.52 16.86 -34.66
C GLN B 328 1.55 15.76 -35.69
N ILE B 329 2.40 14.76 -35.43
CA ILE B 329 2.59 13.67 -36.36
C ILE B 329 1.31 12.87 -36.46
N MET B 330 0.61 12.75 -35.33
CA MET B 330 -0.68 12.09 -35.35
C MET B 330 -1.67 12.93 -36.14
N LYS B 331 -1.69 14.24 -35.96
CA LYS B 331 -2.55 15.08 -36.76
C LYS B 331 -2.21 14.90 -38.22
N ASP B 332 -0.94 14.78 -38.61
CA ASP B 332 -0.69 14.58 -40.04
C ASP B 332 -1.27 13.26 -40.53
N MET B 333 -1.44 12.27 -39.65
CA MET B 333 -1.92 11.00 -40.09
C MET B 333 -3.44 11.07 -40.33
N GLY B 334 -4.07 12.13 -39.84
CA GLY B 334 -5.53 12.22 -39.92
C GLY B 334 -6.22 11.89 -38.60
N VAL B 335 -5.45 11.78 -37.52
CA VAL B 335 -5.97 11.49 -36.22
C VAL B 335 -6.68 12.70 -35.62
N ASN B 336 -7.82 12.48 -34.96
CA ASN B 336 -8.46 13.55 -34.26
C ASN B 336 -8.74 13.25 -32.84
N ALA B 337 -8.28 12.10 -32.38
CA ALA B 337 -8.55 11.74 -30.95
C ALA B 337 -7.50 10.88 -30.33
N ILE B 338 -7.34 11.06 -29.03
CA ILE B 338 -6.32 10.32 -28.29
C ILE B 338 -6.92 9.58 -27.09
N ARG B 339 -6.67 8.27 -26.99
CA ARG B 339 -7.00 7.61 -25.77
C ARG B 339 -5.72 7.53 -24.98
N VAL B 340 -5.76 8.05 -23.75
CA VAL B 340 -4.54 8.08 -22.96
C VAL B 340 -4.49 6.80 -22.15
N THR B 341 -3.78 5.83 -22.74
CA THR B 341 -3.81 4.44 -22.26
C THR B 341 -2.61 4.17 -21.37
N HIS B 342 -2.78 3.76 -20.13
CA HIS B 342 -4.04 3.49 -19.43
C HIS B 342 -3.91 4.17 -18.06
N ASN B 343 -3.84 5.48 -18.08
CA ASN B 343 -3.46 6.27 -16.93
C ASN B 343 -3.56 7.71 -17.35
N PRO B 344 -3.69 8.62 -16.38
CA PRO B 344 -3.78 10.04 -16.77
C PRO B 344 -2.59 10.61 -17.57
N ALA B 345 -2.92 11.67 -18.28
CA ALA B 345 -1.96 12.38 -19.11
C ALA B 345 -0.99 13.27 -18.30
N SER B 346 0.17 13.55 -18.85
CA SER B 346 0.94 14.68 -18.38
C SER B 346 0.18 15.97 -18.76
N PRO B 347 0.46 17.07 -18.05
CA PRO B 347 -0.06 18.41 -18.40
C PRO B 347 0.39 18.80 -19.76
N GLU B 348 1.60 18.35 -20.13
CA GLU B 348 2.13 18.68 -21.45
C GLU B 348 1.30 18.10 -22.59
N LEU B 349 0.86 16.87 -22.41
CA LEU B 349 0.07 16.18 -23.41
C LEU B 349 -1.32 16.81 -23.53
N LEU B 350 -1.93 17.13 -22.39
CA LEU B 350 -3.20 17.83 -22.41
C LEU B 350 -3.11 19.16 -23.17
N GLU B 351 -2.03 19.89 -22.90
CA GLU B 351 -1.81 21.18 -23.50
C GLU B 351 -1.63 21.03 -25.02
N ALA B 352 -0.88 20.00 -25.43
CA ALA B 352 -0.73 19.74 -26.86
C ALA B 352 -2.09 19.54 -27.53
N ALA B 353 -2.96 18.76 -26.91
CA ALA B 353 -4.22 18.42 -27.57
C ALA B 353 -5.09 19.64 -27.57
N ASN B 354 -5.11 20.39 -26.45
CA ASN B 354 -5.85 21.67 -26.41
C ASN B 354 -5.45 22.67 -27.57
N LYS B 355 -4.14 22.74 -27.86
CA LYS B 355 -3.56 23.72 -28.83
C LYS B 355 -3.67 23.25 -30.22
N LEU B 356 -3.49 21.97 -30.46
CA LEU B 356 -3.41 21.50 -31.83
C LEU B 356 -4.70 20.97 -32.41
N GLY B 357 -5.67 20.70 -31.55
CA GLY B 357 -6.97 20.16 -31.98
C GLY B 357 -7.10 18.65 -31.96
N LEU B 358 -7.14 18.04 -30.78
CA LEU B 358 -7.35 16.60 -30.61
C LEU B 358 -8.24 16.31 -29.44
N PHE B 359 -9.23 15.45 -29.64
CA PHE B 359 -10.01 15.00 -28.50
C PHE B 359 -9.12 14.14 -27.62
N ILE B 360 -9.43 14.14 -26.34
CA ILE B 360 -8.76 13.32 -25.34
C ILE B 360 -9.81 12.49 -24.58
N ILE B 361 -9.52 11.18 -24.47
CA ILE B 361 -10.19 10.31 -23.51
C ILE B 361 -9.18 9.96 -22.48
N GLU B 362 -9.45 10.34 -21.25
CA GLU B 362 -8.46 10.17 -20.24
C GLU B 362 -8.89 9.02 -19.39
N GLU B 363 -7.98 8.10 -19.18
CA GLU B 363 -8.27 6.87 -18.44
C GLU B 363 -7.51 6.85 -17.15
N ALA B 364 -8.21 6.48 -16.11
CA ALA B 364 -7.59 6.38 -14.79
C ALA B 364 -6.70 5.16 -14.53
N PHE B 365 -7.18 3.98 -14.92
CA PHE B 365 -6.69 2.73 -14.36
C PHE B 365 -6.55 1.55 -15.32
N ASP B 366 -5.51 0.74 -15.07
CA ASP B 366 -5.27 -0.52 -15.76
C ASP B 366 -5.64 -1.71 -14.89
N SER B 367 -5.92 -1.48 -13.61
CA SER B 367 -6.50 -2.56 -12.79
C SER B 367 -7.38 -1.91 -11.79
N TRP B 368 -8.34 -2.67 -11.27
CA TRP B 368 -9.00 -2.25 -10.01
C TRP B 368 -8.27 -3.00 -8.86
N ALA B 369 -9.01 -3.63 -7.97
CA ALA B 369 -8.40 -4.36 -6.84
C ALA B 369 -7.66 -5.68 -7.17
N GLN B 370 -7.99 -6.32 -8.30
CA GLN B 370 -7.27 -7.49 -8.74
C GLN B 370 -6.08 -7.03 -9.57
N SER B 371 -4.89 -7.33 -9.07
CA SER B 371 -3.65 -6.98 -9.78
C SER B 371 -3.44 -7.72 -11.08
N LYS B 372 -2.77 -7.05 -12.03
CA LYS B 372 -2.25 -7.70 -13.23
C LYS B 372 -0.80 -8.05 -13.05
N LYS B 373 -0.03 -7.15 -12.44
CA LYS B 373 1.34 -7.43 -12.02
C LYS B 373 1.44 -7.19 -10.52
N PRO B 374 2.31 -7.93 -9.84
CA PRO B 374 2.27 -7.93 -8.40
C PRO B 374 2.49 -6.53 -7.78
N TYR B 375 3.35 -5.72 -8.39
CA TYR B 375 3.62 -4.39 -7.87
C TYR B 375 2.89 -3.27 -8.56
N ASP B 376 1.82 -3.59 -9.29
CA ASP B 376 1.05 -2.53 -9.89
C ASP B 376 0.15 -1.84 -8.82
N TYR B 377 -0.88 -1.12 -9.25
CA TYR B 377 -1.70 -0.34 -8.37
C TYR B 377 -2.79 -1.17 -7.70
N GLY B 378 -2.94 -2.42 -8.11
CA GLY B 378 -4.04 -3.26 -7.56
C GLY B 378 -3.95 -3.30 -6.05
N ARG B 379 -2.72 -3.42 -5.56
CA ARG B 379 -2.54 -3.50 -4.13
C ARG B 379 -2.89 -2.19 -3.40
N PHE B 380 -2.96 -1.08 -4.12
CA PHE B 380 -3.35 0.20 -3.51
C PHE B 380 -4.77 0.68 -3.82
N PHE B 381 -5.47 -0.08 -4.62
CA PHE B 381 -6.65 0.45 -5.26
C PHE B 381 -7.75 0.77 -4.28
N ASN B 382 -8.06 -0.18 -3.42
CA ASN B 382 -9.17 0.06 -2.54
C ASN B 382 -8.98 1.29 -1.71
N ALA B 383 -7.76 1.53 -1.26
CA ALA B 383 -7.52 2.67 -0.45
C ALA B 383 -7.39 3.98 -1.21
N TRP B 384 -6.91 3.95 -2.44
CA TRP B 384 -6.60 5.22 -3.16
C TRP B 384 -7.42 5.59 -4.37
N ALA B 385 -8.25 4.67 -4.81
CA ALA B 385 -8.92 4.88 -6.08
C ALA B 385 -9.82 6.10 -6.09
N GLU B 386 -10.57 6.32 -5.02
CA GLU B 386 -11.42 7.51 -4.94
C GLU B 386 -10.56 8.77 -5.12
N HIS B 387 -9.46 8.85 -4.39
CA HIS B 387 -8.61 10.00 -4.49
C HIS B 387 -8.05 10.13 -5.90
N ASP B 388 -7.52 9.05 -6.47
CA ASP B 388 -6.81 9.16 -7.72
C ASP B 388 -7.73 9.47 -8.88
N ILE B 389 -8.91 8.92 -8.86
CA ILE B 389 -9.79 9.21 -9.98
C ILE B 389 -10.31 10.61 -9.84
N LYS B 390 -10.58 11.05 -8.64
CA LYS B 390 -10.98 12.44 -8.48
C LYS B 390 -9.88 13.45 -8.85
N GLU B 391 -8.65 13.14 -8.48
CA GLU B 391 -7.53 13.96 -8.90
C GLU B 391 -7.56 14.12 -10.42
N MET B 392 -7.74 13.01 -11.13
CA MET B 392 -7.71 13.08 -12.59
C MET B 392 -8.77 14.07 -13.07
N VAL B 393 -9.99 13.86 -12.65
CA VAL B 393 -11.08 14.61 -13.15
C VAL B 393 -10.99 16.08 -12.73
N ASP B 394 -10.69 16.30 -11.45
CA ASP B 394 -10.61 17.66 -10.93
C ASP B 394 -9.52 18.41 -11.69
N ARG B 395 -8.40 17.75 -11.96
CA ARG B 395 -7.31 18.39 -12.70
C ARG B 395 -7.73 18.82 -14.10
N GLY B 396 -8.46 17.97 -14.81
CA GLY B 396 -8.75 18.17 -16.21
C GLY B 396 -10.12 18.71 -16.54
N LYS B 397 -10.93 19.01 -15.54
CA LYS B 397 -12.33 19.40 -15.86
C LYS B 397 -12.60 20.68 -16.68
N ASN B 398 -11.59 21.49 -16.92
CA ASN B 398 -11.76 22.70 -17.76
C ASN B 398 -11.16 22.61 -19.13
N GLU B 399 -10.59 21.46 -19.44
CA GLU B 399 -9.85 21.28 -20.70
C GLU B 399 -10.79 20.92 -21.81
N PRO B 400 -10.85 21.77 -22.82
CA PRO B 400 -11.81 21.51 -23.88
C PRO B 400 -11.51 20.27 -24.69
N ALA B 401 -10.23 19.88 -24.81
CA ALA B 401 -9.91 18.67 -25.56
C ALA B 401 -10.50 17.43 -24.93
N ILE B 402 -10.65 17.42 -23.61
CA ILE B 402 -11.09 16.22 -22.96
C ILE B 402 -12.58 16.08 -23.18
N ILE B 403 -12.99 14.92 -23.64
CA ILE B 403 -14.41 14.63 -23.84
C ILE B 403 -14.94 13.40 -23.10
N MET B 404 -14.10 12.61 -22.45
CA MET B 404 -14.61 11.38 -21.86
C MET B 404 -13.64 10.86 -20.83
N TRP B 405 -14.18 10.32 -19.75
CA TRP B 405 -13.38 9.81 -18.65
C TRP B 405 -13.56 8.26 -18.60
N SER B 406 -12.46 7.55 -18.70
CA SER B 406 -12.50 6.08 -18.73
C SER B 406 -12.14 5.55 -17.37
N ILE B 407 -13.01 4.71 -16.82
CA ILE B 407 -12.77 4.23 -15.45
C ILE B 407 -11.86 3.01 -15.40
N GLY B 408 -11.49 2.46 -16.55
CA GLY B 408 -10.62 1.30 -16.53
C GLY B 408 -10.45 0.63 -17.87
N ASN B 409 -9.38 -0.14 -17.99
CA ASN B 409 -9.04 -0.90 -19.17
C ASN B 409 -8.86 -2.40 -18.86
N GLU B 410 -9.61 -3.28 -19.51
CA GLU B 410 -9.38 -4.72 -19.44
C GLU B 410 -9.33 -5.19 -17.98
N ILE B 411 -10.33 -4.79 -17.24
CA ILE B 411 -10.34 -4.93 -15.80
C ILE B 411 -10.88 -6.33 -15.45
N TYR B 412 -10.06 -7.14 -14.77
CA TYR B 412 -10.46 -8.50 -14.45
C TYR B 412 -11.77 -8.57 -13.68
N ASP B 413 -11.96 -7.62 -12.76
CA ASP B 413 -13.07 -7.62 -11.82
C ASP B 413 -14.48 -7.52 -12.50
N THR B 414 -14.57 -7.21 -13.81
CA THR B 414 -15.86 -6.90 -14.45
C THR B 414 -16.80 -8.10 -14.66
N THR B 415 -16.28 -9.29 -14.38
CA THR B 415 -17.10 -10.51 -14.51
C THR B 415 -17.60 -10.97 -13.16
N ASN B 416 -17.55 -10.10 -12.15
CA ASN B 416 -18.19 -10.46 -10.89
C ASN B 416 -18.93 -9.30 -10.19
N ALA B 417 -19.70 -9.68 -9.19
CA ALA B 417 -20.57 -8.79 -8.53
C ALA B 417 -19.80 -7.64 -7.81
N ALA B 418 -18.67 -7.96 -7.23
CA ALA B 418 -17.91 -6.94 -6.54
C ALA B 418 -17.41 -5.87 -7.52
N GLY B 419 -17.06 -6.29 -8.74
CA GLY B 419 -16.63 -5.38 -9.80
C GLY B 419 -17.76 -4.46 -10.28
N VAL B 420 -18.97 -4.97 -10.34
CA VAL B 420 -20.08 -4.11 -10.62
C VAL B 420 -20.19 -3.00 -9.55
N GLU B 421 -20.04 -3.40 -8.30
CA GLU B 421 -20.16 -2.44 -7.20
C GLU B 421 -19.05 -1.40 -7.37
N THR B 422 -17.87 -1.88 -7.70
CA THR B 422 -16.73 -1.01 -7.84
C THR B 422 -16.96 -0.01 -8.99
N ALA B 423 -17.56 -0.47 -10.07
CA ALA B 423 -17.86 0.41 -11.14
C ALA B 423 -18.84 1.49 -10.73
N ARG B 424 -19.85 1.13 -9.98
CA ARG B 424 -20.79 2.13 -9.45
C ARG B 424 -20.03 3.19 -8.70
N ASN B 425 -19.13 2.77 -7.81
CA ASN B 425 -18.40 3.75 -7.03
C ASN B 425 -17.58 4.75 -7.83
N LEU B 426 -16.86 4.20 -8.81
CA LEU B 426 -15.97 4.94 -9.64
C LEU B 426 -16.76 5.98 -10.41
N VAL B 427 -17.86 5.55 -11.01
CA VAL B 427 -18.66 6.44 -11.81
C VAL B 427 -19.28 7.52 -10.91
N GLY B 428 -19.65 7.17 -9.68
CA GLY B 428 -20.11 8.15 -8.72
C GLY B 428 -19.03 9.16 -8.37
N TRP B 429 -17.86 8.65 -8.11
CA TRP B 429 -16.79 9.55 -7.77
C TRP B 429 -16.47 10.55 -8.87
N VAL B 430 -16.53 10.11 -10.13
CA VAL B 430 -16.29 11.00 -11.22
C VAL B 430 -17.32 12.10 -11.17
N LYS B 431 -18.57 11.71 -10.99
CA LYS B 431 -19.70 12.61 -11.15
C LYS B 431 -19.82 13.59 -10.00
N GLU B 432 -19.27 13.25 -8.85
CA GLU B 432 -19.09 14.27 -7.80
C GLU B 432 -18.23 15.49 -8.29
N ILE B 433 -17.36 15.35 -9.29
CA ILE B 433 -16.50 16.43 -9.78
C ILE B 433 -17.01 16.97 -11.10
N ASP B 434 -17.45 16.10 -12.01
CA ASP B 434 -17.83 16.55 -13.34
C ASP B 434 -18.89 15.66 -13.91
N THR B 435 -20.01 16.27 -14.27
CA THR B 435 -21.08 15.56 -14.96
C THR B 435 -21.17 15.92 -16.40
N THR B 436 -20.32 16.81 -16.90
CA THR B 436 -20.43 17.36 -18.23
C THR B 436 -19.77 16.53 -19.29
N ARG B 437 -19.15 15.43 -18.91
CA ARG B 437 -18.52 14.53 -19.86
C ARG B 437 -18.88 13.11 -19.47
N PRO B 438 -19.07 12.25 -20.45
CA PRO B 438 -19.49 10.89 -20.19
C PRO B 438 -18.42 10.06 -19.63
N THR B 439 -18.81 9.11 -18.78
CA THR B 439 -17.88 8.02 -18.36
C THR B 439 -17.85 6.88 -19.36
N THR B 440 -16.76 6.12 -19.32
CA THR B 440 -16.64 4.97 -20.20
C THR B 440 -15.73 3.93 -19.56
N ILE B 441 -15.56 2.83 -20.30
CA ILE B 441 -14.64 1.77 -19.94
C ILE B 441 -14.16 1.10 -21.20
N GLY B 442 -12.98 0.50 -21.17
CA GLY B 442 -12.49 -0.34 -22.29
C GLY B 442 -12.57 -1.80 -21.88
N GLU B 443 -13.35 -2.57 -22.63
CA GLU B 443 -13.65 -3.95 -22.22
C GLU B 443 -13.37 -4.96 -23.36
N ASP B 444 -12.54 -5.96 -23.00
CA ASP B 444 -12.09 -6.99 -23.89
C ASP B 444 -12.83 -8.33 -23.76
N LYS B 445 -13.44 -8.61 -22.62
CA LYS B 445 -13.94 -9.96 -22.37
C LYS B 445 -15.33 -10.28 -22.97
N THR B 446 -15.79 -9.56 -24.00
CA THR B 446 -16.93 -10.01 -24.79
C THR B 446 -16.49 -10.50 -26.16
N ARG B 447 -15.21 -10.55 -26.41
CA ARG B 447 -14.71 -10.87 -27.72
C ARG B 447 -15.15 -12.23 -28.24
N GLY B 448 -15.11 -13.22 -27.39
CA GLY B 448 -15.65 -14.55 -27.79
C GLY B 448 -14.85 -15.20 -28.83
N ASP B 449 -15.47 -15.80 -29.81
CA ASP B 449 -14.71 -16.39 -30.92
C ASP B 449 -14.42 -15.40 -32.09
N LYS B 450 -14.65 -14.09 -31.87
CA LYS B 450 -14.40 -13.04 -32.89
C LYS B 450 -15.31 -13.09 -34.07
N VAL B 451 -16.31 -13.96 -34.05
CA VAL B 451 -17.24 -14.08 -35.17
C VAL B 451 -18.66 -13.96 -34.73
N ASN B 452 -19.07 -14.78 -33.79
CA ASN B 452 -20.42 -14.76 -33.34
C ASN B 452 -20.65 -13.57 -32.39
N VAL B 453 -21.86 -13.08 -32.33
CA VAL B 453 -22.19 -12.08 -31.36
C VAL B 453 -22.23 -12.69 -30.00
N THR B 454 -21.18 -12.47 -29.25
CA THR B 454 -20.94 -13.11 -28.01
C THR B 454 -22.08 -12.84 -26.97
N PRO B 455 -22.72 -13.90 -26.49
CA PRO B 455 -23.65 -13.71 -25.41
C PRO B 455 -22.97 -13.02 -24.26
N ILE B 456 -23.52 -11.91 -23.83
CA ILE B 456 -22.78 -11.05 -22.96
C ILE B 456 -22.85 -11.49 -21.49
N ASN B 457 -21.70 -11.64 -20.85
CA ASN B 457 -21.63 -11.86 -19.43
C ASN B 457 -22.48 -10.88 -18.69
N SER B 458 -23.22 -11.35 -17.70
CA SER B 458 -24.31 -10.53 -17.08
C SER B 458 -23.73 -9.40 -16.22
N TYR B 459 -22.59 -9.65 -15.60
CA TYR B 459 -21.91 -8.57 -14.81
C TYR B 459 -21.32 -7.49 -15.72
N ILE B 460 -20.76 -7.92 -16.83
CA ILE B 460 -20.23 -6.96 -17.73
C ILE B 460 -21.40 -6.10 -18.20
N LYS B 461 -22.51 -6.74 -18.41
CA LYS B 461 -23.61 -6.05 -18.98
C LYS B 461 -24.17 -5.06 -17.98
N GLU B 462 -24.13 -5.40 -16.69
CA GLU B 462 -24.54 -4.41 -15.68
C GLU B 462 -23.66 -3.20 -15.81
N ILE B 463 -22.36 -3.44 -15.96
CA ILE B 463 -21.37 -2.36 -15.99
C ILE B 463 -21.48 -1.48 -17.24
N PHE B 464 -21.76 -2.08 -18.39
CA PHE B 464 -22.05 -1.30 -19.60
C PHE B 464 -23.26 -0.41 -19.41
N ASN B 465 -24.17 -0.82 -18.54
CA ASN B 465 -25.32 0.05 -18.18
C ASN B 465 -25.00 1.09 -17.11
N ILE B 466 -23.95 0.91 -16.38
CA ILE B 466 -23.54 1.91 -15.43
C ILE B 466 -22.72 3.05 -16.03
N VAL B 467 -21.88 2.77 -16.99
CA VAL B 467 -21.15 3.84 -17.65
C VAL B 467 -22.05 4.45 -18.71
N ASP B 468 -21.64 5.62 -19.17
CA ASP B 468 -22.41 6.37 -20.17
C ASP B 468 -22.16 5.89 -21.60
N VAL B 469 -20.92 5.53 -21.88
CA VAL B 469 -20.51 5.13 -23.19
C VAL B 469 -19.65 3.88 -23.10
N VAL B 470 -19.94 2.93 -23.95
CA VAL B 470 -19.30 1.63 -23.92
C VAL B 470 -18.16 1.50 -24.90
N GLY B 471 -16.96 1.24 -24.36
CA GLY B 471 -15.78 0.95 -25.17
C GLY B 471 -15.53 -0.55 -25.29
N LEU B 472 -15.46 -1.02 -26.53
CA LEU B 472 -15.08 -2.38 -26.81
C LEU B 472 -13.66 -2.52 -27.32
N ASN B 473 -12.89 -3.34 -26.61
CA ASN B 473 -11.55 -3.75 -27.04
C ASN B 473 -11.65 -5.03 -27.93
N TYR B 474 -11.21 -4.89 -29.20
CA TYR B 474 -11.01 -6.01 -30.14
C TYR B 474 -12.23 -6.88 -30.40
N SER B 475 -13.42 -6.29 -30.41
CA SER B 475 -14.63 -7.04 -30.35
C SER B 475 -15.62 -6.52 -31.38
N GLU B 476 -15.10 -6.35 -32.58
CA GLU B 476 -15.86 -5.89 -33.75
C GLU B 476 -17.09 -6.77 -34.09
N ASN B 477 -16.97 -8.04 -33.76
CA ASN B 477 -18.06 -8.97 -33.97
C ASN B 477 -19.32 -8.61 -33.19
N ASN B 478 -19.19 -7.75 -32.19
CA ASN B 478 -20.33 -7.27 -31.40
C ASN B 478 -20.78 -5.86 -31.73
N TYR B 479 -20.11 -5.17 -32.69
CA TYR B 479 -20.43 -3.74 -32.92
C TYR B 479 -21.90 -3.54 -33.28
N ASP B 480 -22.42 -4.30 -34.22
CA ASP B 480 -23.80 -4.11 -34.61
C ASP B 480 -24.74 -4.83 -33.67
N GLY B 481 -24.38 -6.06 -33.33
CA GLY B 481 -25.22 -6.90 -32.49
C GLY B 481 -25.61 -6.33 -31.14
N TYR B 482 -24.64 -5.78 -30.41
CA TYR B 482 -24.93 -5.23 -29.09
C TYR B 482 -25.79 -3.95 -29.22
N HIS B 483 -25.65 -3.29 -30.35
CA HIS B 483 -26.45 -2.09 -30.68
C HIS B 483 -27.90 -2.44 -30.90
N LYS B 484 -28.13 -3.54 -31.60
CA LYS B 484 -29.48 -4.04 -31.74
C LYS B 484 -30.10 -4.59 -30.47
N GLN B 485 -29.32 -5.23 -29.61
CA GLN B 485 -29.88 -5.81 -28.38
C GLN B 485 -30.09 -4.74 -27.31
N ASN B 486 -29.42 -3.59 -27.45
CA ASN B 486 -29.41 -2.57 -26.41
C ASN B 486 -29.44 -1.28 -27.12
N PRO B 487 -30.63 -0.95 -27.59
CA PRO B 487 -30.80 0.21 -28.45
C PRO B 487 -30.40 1.53 -27.79
N SER B 488 -30.27 1.58 -26.47
CA SER B 488 -29.86 2.85 -25.86
C SER B 488 -28.30 3.04 -25.72
N TRP B 489 -27.56 1.98 -26.02
CA TRP B 489 -26.11 2.04 -25.84
C TRP B 489 -25.40 2.87 -26.86
N LYS B 490 -24.38 3.55 -26.39
CA LYS B 490 -23.43 4.23 -27.24
C LYS B 490 -22.12 3.45 -27.29
N LEU B 491 -21.73 3.03 -28.45
CA LEU B 491 -20.60 2.20 -28.58
C LEU B 491 -19.46 2.75 -29.43
N TYR B 492 -18.26 2.37 -29.06
CA TYR B 492 -17.10 2.59 -29.89
C TYR B 492 -16.05 1.50 -29.69
N GLY B 493 -15.07 1.50 -30.58
CA GLY B 493 -13.88 0.65 -30.41
C GLY B 493 -12.84 1.33 -29.55
N SER B 494 -12.79 0.98 -28.27
CA SER B 494 -11.84 1.60 -27.39
C SER B 494 -10.43 1.12 -27.64
N GLU B 495 -10.25 -0.03 -28.26
CA GLU B 495 -8.92 -0.50 -28.59
C GLU B 495 -9.06 -1.48 -29.75
N THR B 496 -8.35 -1.23 -30.86
CA THR B 496 -8.56 -1.97 -32.10
C THR B 496 -7.25 -2.26 -32.83
N SER B 497 -7.32 -3.28 -33.71
CA SER B 497 -6.25 -3.73 -34.60
C SER B 497 -5.14 -4.44 -33.89
N SER B 498 -4.22 -3.69 -33.32
CA SER B 498 -3.03 -4.25 -32.68
C SER B 498 -2.24 -5.06 -33.71
N ALA B 499 -2.28 -4.57 -34.93
CA ALA B 499 -1.41 -5.05 -35.96
C ALA B 499 0.01 -4.58 -35.66
N THR B 500 0.99 -5.36 -36.15
CA THR B 500 2.38 -5.25 -35.74
C THR B 500 3.25 -5.17 -36.95
N ARG B 501 4.19 -4.25 -36.90
CA ARG B 501 4.89 -3.85 -38.09
C ARG B 501 6.19 -3.12 -37.77
N SER B 502 7.24 -3.43 -38.55
CA SER B 502 8.53 -2.74 -38.41
C SER B 502 8.70 -1.78 -39.59
N ARG B 503 9.35 -0.64 -39.31
CA ARG B 503 9.61 0.39 -40.34
C ARG B 503 10.49 -0.20 -41.40
N GLY B 504 10.07 -0.14 -42.65
CA GLY B 504 10.96 -0.51 -43.75
C GLY B 504 11.19 -1.99 -43.95
N VAL B 505 10.36 -2.81 -43.30
CA VAL B 505 10.48 -4.24 -43.45
C VAL B 505 9.32 -4.78 -44.26
N TYR B 506 9.65 -5.60 -45.23
CA TYR B 506 8.68 -6.02 -46.21
C TYR B 506 8.60 -7.51 -46.40
N THR B 507 8.41 -8.24 -45.33
CA THR B 507 8.45 -9.69 -45.35
C THR B 507 7.06 -10.31 -45.64
N HIS B 508 7.14 -11.58 -46.03
CA HIS B 508 6.01 -12.49 -46.37
C HIS B 508 4.83 -11.74 -46.98
N PRO B 509 5.09 -11.05 -48.09
CA PRO B 509 4.17 -10.11 -48.63
C PRO B 509 2.83 -10.69 -48.98
N TYR B 510 2.77 -11.97 -49.35
CA TYR B 510 1.47 -12.58 -49.69
C TYR B 510 0.79 -13.46 -48.59
N GLN B 511 1.32 -13.44 -47.36
CA GLN B 511 0.66 -14.05 -46.22
C GLN B 511 0.29 -13.15 -45.11
N TYR B 512 -0.92 -13.35 -44.63
CA TYR B 512 -1.46 -12.64 -43.50
C TYR B 512 -1.29 -13.57 -42.28
N ASN B 513 -0.39 -13.21 -41.38
CA ASN B 513 -0.04 -14.07 -40.26
C ASN B 513 -0.41 -13.51 -38.87
N GLN B 514 -0.85 -14.42 -38.00
CA GLN B 514 -1.26 -14.04 -36.68
C GLN B 514 -0.22 -14.39 -35.61
N SER B 515 0.11 -13.41 -34.78
CA SER B 515 0.99 -13.66 -33.63
C SER B 515 2.18 -14.54 -34.03
N THR B 516 2.84 -14.18 -35.12
CA THR B 516 3.90 -14.98 -35.69
C THR B 516 5.25 -14.29 -35.58
N LYS B 517 6.21 -15.07 -35.10
CA LYS B 517 7.57 -14.60 -34.94
C LYS B 517 8.46 -15.03 -36.08
N TYR B 518 9.47 -14.22 -36.37
CA TYR B 518 10.44 -14.55 -37.39
C TYR B 518 11.84 -14.49 -36.80
N ALA B 519 12.80 -15.05 -37.52
CA ALA B 519 14.19 -15.10 -37.06
C ALA B 519 14.85 -13.70 -37.05
N ASP B 520 14.37 -12.80 -37.90
CA ASP B 520 14.87 -11.45 -37.96
C ASP B 520 14.38 -10.52 -36.84
N LEU B 521 13.53 -11.02 -35.93
CA LEU B 521 13.00 -10.19 -34.85
C LEU B 521 12.32 -8.92 -35.32
N GLN B 522 11.61 -9.01 -36.43
CA GLN B 522 10.87 -7.89 -36.96
C GLN B 522 9.43 -8.31 -37.37
N GLN B 523 8.64 -7.35 -37.89
CA GLN B 523 7.29 -7.67 -38.40
C GLN B 523 7.07 -6.88 -39.67
N SER B 524 6.17 -7.33 -40.54
CA SER B 524 6.06 -6.79 -41.87
C SER B 524 5.14 -5.59 -41.97
N SER B 525 5.47 -4.68 -42.91
CA SER B 525 4.75 -3.43 -43.12
C SER B 525 3.85 -3.54 -44.31
N TYR B 526 3.40 -4.76 -44.59
CA TYR B 526 2.36 -4.99 -45.60
C TYR B 526 0.96 -5.19 -45.02
N ASP B 527 0.74 -4.61 -43.83
CA ASP B 527 -0.52 -4.79 -43.06
C ASP B 527 -0.93 -6.26 -43.07
N ASN B 528 0.07 -7.10 -42.77
CA ASN B 528 -0.10 -8.54 -42.86
C ASN B 528 0.52 -9.30 -41.68
N ASP B 529 0.91 -8.58 -40.62
CA ASP B 529 1.19 -9.19 -39.34
C ASP B 529 0.31 -8.55 -38.31
N TYR B 530 -0.39 -9.37 -37.54
CA TYR B 530 -1.26 -8.86 -36.46
C TYR B 530 -1.52 -9.92 -35.38
N VAL B 531 -1.82 -9.50 -34.15
CA VAL B 531 -1.94 -10.45 -33.04
C VAL B 531 -3.20 -11.26 -33.20
N GLY B 532 -3.25 -12.46 -32.61
CA GLY B 532 -4.38 -13.38 -32.83
C GLY B 532 -5.71 -12.83 -32.35
N TRP B 533 -5.72 -11.94 -31.38
CA TRP B 533 -6.99 -11.37 -30.88
C TRP B 533 -7.38 -10.11 -31.67
N GLY B 534 -6.51 -9.71 -32.60
CA GLY B 534 -6.71 -8.46 -33.32
C GLY B 534 -7.01 -8.64 -34.78
N ARG B 535 -6.71 -7.58 -35.54
CA ARG B 535 -7.06 -7.46 -36.96
C ARG B 535 -6.07 -6.57 -37.70
N THR B 536 -6.03 -6.70 -39.03
CA THR B 536 -5.34 -5.70 -39.88
C THR B 536 -5.87 -4.33 -39.68
N ALA B 537 -5.02 -3.35 -39.89
CA ALA B 537 -5.53 -1.99 -39.81
C ALA B 537 -6.81 -1.85 -40.70
N GLU B 538 -6.76 -2.44 -41.90
CA GLU B 538 -7.85 -2.34 -42.83
C GLU B 538 -9.17 -2.97 -42.29
N ASP B 539 -9.06 -4.17 -41.76
CA ASP B 539 -10.22 -4.91 -41.32
C ASP B 539 -10.88 -4.17 -40.12
N ALA B 540 -10.09 -3.78 -39.13
CA ALA B 540 -10.61 -2.98 -38.02
C ALA B 540 -11.24 -1.68 -38.47
N TRP B 541 -10.66 -1.04 -39.47
CA TRP B 541 -11.24 0.20 -40.04
C TRP B 541 -12.60 -0.06 -40.69
N LYS B 542 -12.69 -1.05 -41.54
CA LYS B 542 -13.92 -1.33 -42.22
C LYS B 542 -15.13 -1.50 -41.32
N TYR B 543 -14.95 -2.25 -40.22
CA TYR B 543 -16.07 -2.48 -39.30
C TYR B 543 -16.61 -1.18 -38.82
N ASP B 544 -15.71 -0.24 -38.52
CA ASP B 544 -16.05 1.11 -38.00
C ASP B 544 -16.63 1.96 -39.13
N ARG B 545 -15.90 2.07 -40.24
CA ARG B 545 -16.32 2.82 -41.39
C ARG B 545 -17.77 2.55 -41.78
N ASP B 546 -18.16 1.27 -41.71
CA ASP B 546 -19.45 0.81 -42.23
C ASP B 546 -20.63 1.09 -41.31
N LEU B 547 -20.41 1.51 -40.07
CA LEU B 547 -21.53 1.62 -39.11
C LEU B 547 -21.64 3.01 -38.56
N LYS B 548 -22.75 3.65 -38.79
CA LYS B 548 -22.94 5.02 -38.28
C LYS B 548 -22.86 5.09 -36.77
N HIS B 549 -23.44 4.10 -36.09
CA HIS B 549 -23.60 4.21 -34.65
C HIS B 549 -22.31 4.01 -33.84
N ILE B 550 -21.30 3.44 -34.50
CA ILE B 550 -20.03 3.29 -33.87
C ILE B 550 -19.33 4.62 -33.90
N ALA B 551 -19.03 5.16 -32.72
CA ALA B 551 -18.53 6.55 -32.67
C ALA B 551 -17.19 6.71 -33.35
N GLY B 552 -16.42 5.62 -33.31
CA GLY B 552 -15.12 5.57 -33.96
C GLY B 552 -14.24 4.50 -33.31
N GLN B 553 -12.92 4.66 -33.43
CA GLN B 553 -12.02 3.74 -32.83
C GLN B 553 -10.73 4.35 -32.40
N PHE B 554 -10.00 3.61 -31.57
CA PHE B 554 -8.71 3.99 -31.06
C PHE B 554 -7.74 2.84 -31.28
N ILE B 555 -6.88 3.01 -32.27
CA ILE B 555 -6.04 1.91 -32.61
C ILE B 555 -4.93 1.67 -31.60
N TRP B 556 -4.45 0.43 -31.51
CA TRP B 556 -3.32 0.10 -30.64
C TRP B 556 -2.11 -0.11 -31.55
N THR B 557 -1.20 0.87 -31.74
CA THR B 557 -1.18 2.21 -31.16
C THR B 557 -0.77 3.26 -32.18
N GLY B 558 -0.83 4.54 -31.77
CA GLY B 558 -0.32 5.61 -32.61
C GLY B 558 1.19 5.59 -32.78
N PHE B 559 1.88 5.64 -31.65
CA PHE B 559 3.32 5.60 -31.59
C PHE B 559 3.72 4.30 -30.92
N ASP B 560 4.79 3.70 -31.40
CA ASP B 560 5.42 2.66 -30.63
C ASP B 560 5.82 3.23 -29.25
N TYR B 561 6.01 2.31 -28.32
CA TYR B 561 6.43 2.65 -26.99
C TYR B 561 7.39 1.58 -26.54
N ILE B 562 8.09 1.90 -25.47
CA ILE B 562 9.07 0.97 -24.97
C ILE B 562 8.37 -0.15 -24.15
N GLY B 563 8.92 -1.36 -24.20
CA GLY B 563 8.26 -2.53 -23.63
C GLY B 563 7.34 -3.24 -24.62
N GLU B 564 6.56 -4.16 -24.05
CA GLU B 564 5.52 -4.98 -24.77
C GLU B 564 5.81 -5.31 -26.23
N PRO B 565 6.92 -5.99 -26.49
CA PRO B 565 7.39 -6.31 -27.87
C PRO B 565 6.65 -7.47 -28.54
N THR B 566 5.38 -7.61 -28.21
CA THR B 566 4.50 -8.61 -28.81
C THR B 566 4.59 -8.57 -30.34
N PRO B 567 4.68 -9.73 -31.00
CA PRO B 567 4.59 -11.10 -30.46
C PRO B 567 5.87 -11.75 -29.95
N TYR B 568 6.92 -10.98 -29.79
CA TYR B 568 8.14 -11.51 -29.29
C TYR B 568 8.22 -11.47 -27.74
N TYR B 569 7.53 -12.39 -27.09
CA TYR B 569 7.65 -12.52 -25.65
C TYR B 569 8.97 -13.21 -25.28
N ASN B 570 9.63 -12.78 -24.22
CA ASN B 570 10.81 -13.51 -23.77
C ASN B 570 11.80 -13.78 -24.89
N SER B 571 12.04 -12.73 -25.69
CA SER B 571 13.04 -12.80 -26.75
C SER B 571 13.97 -11.64 -26.81
N TYR B 572 14.57 -11.29 -25.68
CA TYR B 572 15.69 -10.33 -25.69
C TYR B 572 16.51 -10.65 -26.95
N PRO B 573 16.89 -9.67 -27.77
CA PRO B 573 16.79 -8.24 -27.51
C PRO B 573 15.54 -7.55 -28.03
N ALA B 574 14.49 -8.27 -28.38
CA ALA B 574 13.22 -7.58 -28.59
C ALA B 574 12.79 -6.92 -27.26
N LYS B 575 12.73 -5.57 -27.27
CA LYS B 575 12.43 -4.81 -26.05
C LYS B 575 11.43 -3.65 -26.15
N SER B 576 11.05 -3.27 -27.34
CA SER B 576 10.03 -2.23 -27.55
C SER B 576 8.99 -2.64 -28.63
N SER B 577 8.00 -1.84 -28.85
CA SER B 577 6.81 -2.32 -29.47
C SER B 577 6.88 -2.25 -30.98
N TYR B 578 5.96 -2.97 -31.60
CA TYR B 578 5.76 -3.05 -33.04
C TYR B 578 4.35 -2.49 -33.44
N PHE B 579 3.53 -2.11 -32.46
CA PHE B 579 2.14 -1.79 -32.69
C PHE B 579 1.90 -0.44 -33.32
N GLY B 580 2.87 0.45 -33.21
CA GLY B 580 2.69 1.83 -33.61
C GLY B 580 2.61 2.04 -35.12
N ALA B 581 1.82 3.01 -35.52
CA ALA B 581 1.85 3.44 -36.91
C ALA B 581 3.13 4.23 -37.21
N VAL B 582 3.73 4.77 -36.14
CA VAL B 582 4.93 5.55 -36.22
C VAL B 582 5.90 4.97 -35.17
N ASP B 583 7.17 4.85 -35.48
CA ASP B 583 8.15 4.28 -34.52
C ASP B 583 8.52 5.22 -33.38
N THR B 584 9.35 4.75 -32.43
CA THR B 584 9.65 5.57 -31.26
C THR B 584 10.34 6.87 -31.64
N ALA B 585 11.06 6.82 -32.73
CA ALA B 585 11.76 7.97 -33.25
C ALA B 585 10.94 8.98 -34.03
N GLY B 586 9.66 8.80 -34.20
CA GLY B 586 8.84 9.76 -34.95
C GLY B 586 8.87 9.58 -36.45
N PHE B 587 9.42 8.45 -36.88
CA PHE B 587 9.46 8.14 -38.28
C PHE B 587 8.27 7.28 -38.62
N PRO B 588 7.55 7.66 -39.66
CA PRO B 588 6.34 6.91 -40.00
C PRO B 588 6.64 5.59 -40.64
N LYS B 589 5.79 4.61 -40.39
CA LYS B 589 5.85 3.35 -41.12
C LYS B 589 4.86 3.50 -42.26
N ASP B 590 4.85 2.54 -43.20
CA ASP B 590 3.98 2.69 -44.32
C ASP B 590 2.51 2.83 -43.93
N ILE B 591 2.13 2.17 -42.83
CA ILE B 591 0.73 2.19 -42.43
C ILE B 591 0.23 3.60 -42.04
N PHE B 592 1.12 4.51 -41.68
CA PHE B 592 0.75 5.91 -41.46
C PHE B 592 0.06 6.45 -42.72
N TYR B 593 0.59 6.12 -43.88
CA TYR B 593 0.01 6.59 -45.12
C TYR B 593 -1.33 5.92 -45.40
N TYR B 594 -1.49 4.70 -44.91
CA TYR B 594 -2.76 4.02 -45.13
C TYR B 594 -3.83 4.81 -44.38
N TYR B 595 -3.53 5.15 -43.13
CA TYR B 595 -4.49 5.89 -42.36
C TYR B 595 -4.82 7.24 -42.99
N GLN B 596 -3.80 7.90 -43.55
CA GLN B 596 -4.08 9.16 -44.30
C GLN B 596 -5.07 8.94 -45.42
N SER B 597 -4.85 7.86 -46.15
CA SER B 597 -5.67 7.57 -47.26
C SER B 597 -7.10 7.38 -46.86
N GLN B 598 -7.36 6.89 -45.66
CA GLN B 598 -8.72 6.67 -45.23
C GLN B 598 -9.30 7.81 -44.45
N TRP B 599 -8.48 8.62 -43.82
CA TRP B 599 -9.01 9.61 -42.91
C TRP B 599 -8.82 11.11 -43.27
N LYS B 600 -8.12 11.43 -44.33
CA LYS B 600 -7.89 12.83 -44.75
C LYS B 600 -8.49 13.18 -46.10
N LYS B 601 -8.92 14.43 -46.31
CA LYS B 601 -9.43 14.85 -47.63
C LYS B 601 -8.30 15.20 -48.63
N GLU B 602 -7.18 15.80 -48.19
CA GLU B 602 -6.08 16.26 -49.09
C GLU B 602 -5.62 15.09 -49.87
N PRO B 603 -5.68 15.18 -51.18
CA PRO B 603 -5.28 14.07 -52.03
C PRO B 603 -3.84 13.68 -51.79
N MET B 604 -3.60 12.39 -51.71
CA MET B 604 -2.24 11.91 -51.59
C MET B 604 -2.12 10.55 -52.25
N VAL B 605 -0.87 10.14 -52.39
CA VAL B 605 -0.55 8.81 -52.79
C VAL B 605 0.85 8.47 -52.24
N HIS B 606 0.98 7.21 -51.80
CA HIS B 606 2.19 6.69 -51.19
C HIS B 606 2.46 5.29 -51.65
N LEU B 607 3.63 5.07 -52.22
CA LEU B 607 4.01 3.73 -52.62
C LEU B 607 4.85 2.99 -51.59
N LEU B 608 4.70 1.67 -51.61
CA LEU B 608 5.62 0.77 -50.97
C LEU B 608 5.70 -0.48 -51.82
N PRO B 609 6.78 -1.23 -51.68
CA PRO B 609 7.89 -0.98 -50.77
C PRO B 609 9.00 -0.04 -51.34
N HIS B 610 10.22 -0.15 -50.81
CA HIS B 610 11.37 0.44 -51.48
C HIS B 610 11.62 -0.28 -52.81
N TRP B 611 12.60 0.23 -53.55
CA TRP B 611 12.90 -0.22 -54.90
C TRP B 611 14.34 -0.70 -55.02
N ASN B 612 14.76 -1.52 -54.05
CA ASN B 612 16.04 -2.22 -54.05
C ASN B 612 15.89 -3.70 -53.86
N TRP B 613 15.62 -4.38 -54.96
CA TRP B 613 15.41 -5.83 -54.99
C TRP B 613 16.38 -6.49 -56.00
N LYS B 614 16.30 -7.81 -56.20
CA LYS B 614 17.09 -8.52 -57.22
C LYS B 614 16.33 -8.50 -58.56
N GLU B 615 17.06 -8.31 -59.67
CA GLU B 615 16.49 -8.24 -61.02
C GLU B 615 15.52 -9.37 -61.25
N GLY B 616 14.33 -9.08 -61.75
CA GLY B 616 13.36 -10.13 -62.13
C GLY B 616 12.46 -10.68 -61.02
N GLU B 617 12.95 -10.72 -59.78
CA GLU B 617 12.13 -10.90 -58.56
C GLU B 617 10.83 -10.09 -58.64
N LYS B 618 9.73 -10.76 -58.36
CA LYS B 618 8.43 -10.16 -58.53
C LYS B 618 8.00 -9.47 -57.19
N VAL B 619 7.74 -8.16 -57.20
CA VAL B 619 7.55 -7.35 -56.00
C VAL B 619 6.08 -6.97 -55.79
N ARG B 620 5.58 -7.17 -54.56
CA ARG B 620 4.23 -6.78 -54.25
C ARG B 620 4.26 -5.27 -54.02
N VAL B 621 3.59 -4.53 -54.91
CA VAL B 621 3.62 -3.10 -54.84
C VAL B 621 2.27 -2.57 -54.50
N LEU B 622 2.24 -1.67 -53.52
CA LEU B 622 0.96 -1.14 -53.05
C LEU B 622 0.99 0.35 -53.13
N ALA B 623 -0.18 0.93 -53.41
CA ALA B 623 -0.36 2.37 -53.28
C ALA B 623 -1.44 2.67 -52.27
N TYR B 624 -1.10 3.42 -51.23
CA TYR B 624 -2.10 3.89 -50.34
C TYR B 624 -2.47 5.25 -50.87
N THR B 625 -3.77 5.48 -51.02
CA THR B 625 -4.23 6.65 -51.73
C THR B 625 -5.74 6.93 -51.61
N ASN B 626 -6.09 8.22 -51.59
CA ASN B 626 -7.50 8.63 -51.63
C ASN B 626 -7.95 9.13 -52.98
N ALA B 627 -7.09 9.05 -53.98
CA ALA B 627 -7.51 9.27 -55.38
C ALA B 627 -8.46 8.19 -55.93
N SER B 628 -9.14 8.48 -57.04
CA SER B 628 -10.00 7.49 -57.74
C SER B 628 -9.20 6.40 -58.39
N LYS B 629 -8.07 6.78 -58.96
CA LYS B 629 -7.21 5.82 -59.65
C LYS B 629 -5.75 6.24 -59.66
N VAL B 630 -4.89 5.26 -59.92
CA VAL B 630 -3.47 5.51 -59.95
C VAL B 630 -2.88 4.74 -61.10
N GLU B 631 -2.00 5.44 -61.84
CA GLU B 631 -1.16 4.81 -62.85
C GLU B 631 0.27 4.71 -62.35
N LEU B 632 0.83 3.56 -62.62
CA LEU B 632 2.11 3.20 -62.12
C LEU B 632 3.03 3.13 -63.32
N VAL B 633 4.18 3.77 -63.18
CA VAL B 633 5.14 3.95 -64.26
C VAL B 633 6.56 3.60 -63.79
N LEU B 634 7.18 2.66 -64.49
CA LEU B 634 8.52 2.21 -64.20
C LEU B 634 9.52 2.66 -65.28
N ASN B 635 10.36 3.62 -64.93
CA ASN B 635 11.34 4.11 -65.86
C ASN B 635 10.67 4.65 -67.12
N GLY B 636 9.66 5.47 -66.93
CA GLY B 636 8.89 6.02 -68.01
C GLY B 636 7.95 5.06 -68.70
N GLU B 637 7.95 3.76 -68.43
CA GLU B 637 6.91 2.87 -69.05
C GLU B 637 5.69 2.53 -68.19
N SER B 638 4.49 2.76 -68.68
CA SER B 638 3.27 2.47 -67.95
C SER B 638 3.06 1.01 -67.65
N LEU B 639 2.64 0.70 -66.42
CA LEU B 639 2.32 -0.64 -66.01
C LEU B 639 0.83 -0.73 -65.72
N GLY B 640 0.07 0.28 -66.13
CA GLY B 640 -1.40 0.24 -66.01
C GLY B 640 -2.04 1.04 -64.88
N GLU B 641 -3.31 1.39 -65.08
CA GLU B 641 -4.11 2.05 -64.03
C GLU B 641 -4.81 1.01 -63.20
N LYS B 642 -4.92 1.26 -61.91
CA LYS B 642 -5.83 0.52 -61.08
C LYS B 642 -6.77 1.55 -60.50
N ASN B 643 -8.01 1.14 -60.30
CA ASN B 643 -8.95 2.06 -59.71
C ASN B 643 -9.80 1.53 -58.55
N TYR B 644 -10.32 2.48 -57.78
CA TYR B 644 -11.34 2.20 -56.84
C TYR B 644 -12.71 2.32 -57.55
N ASP B 645 -13.76 1.76 -56.95
CA ASP B 645 -15.15 2.17 -57.22
C ASP B 645 -15.59 3.18 -56.18
N ASN B 646 -16.45 4.13 -56.54
CA ASN B 646 -17.08 4.97 -55.52
C ASN B 646 -18.23 4.22 -54.91
N LYS B 647 -18.16 4.07 -53.59
CA LYS B 647 -19.14 3.34 -52.87
C LYS B 647 -19.76 4.26 -51.86
N GLN B 648 -20.87 3.76 -51.35
CA GLN B 648 -21.61 4.46 -50.34
C GLN B 648 -22.07 3.45 -49.29
N THR B 649 -22.01 3.80 -48.01
CA THR B 649 -22.60 2.93 -47.01
C THR B 649 -24.08 3.00 -47.19
N SER B 650 -24.75 2.01 -46.62
CA SER B 650 -26.20 1.96 -46.71
C SER B 650 -26.86 3.21 -46.11
N TRP B 651 -26.18 3.99 -45.31
CA TRP B 651 -26.76 5.21 -44.76
C TRP B 651 -26.13 6.42 -45.40
N GLY B 652 -25.39 6.20 -46.48
CA GLY B 652 -24.97 7.32 -47.37
C GLY B 652 -23.64 8.01 -47.17
N ALA B 653 -22.70 7.34 -46.50
CA ALA B 653 -21.32 7.87 -46.44
C ALA B 653 -20.51 7.33 -47.58
N PRO B 654 -19.89 8.23 -48.32
CA PRO B 654 -19.16 7.76 -49.47
C PRO B 654 -17.79 7.27 -49.04
N TYR B 655 -17.23 6.37 -49.83
CA TYR B 655 -15.89 5.92 -49.58
C TYR B 655 -15.35 5.23 -50.81
N LYS B 656 -14.05 5.02 -50.84
CA LYS B 656 -13.43 4.32 -51.95
C LYS B 656 -12.90 2.96 -51.63
N GLU B 657 -13.13 2.04 -52.56
CA GLU B 657 -12.80 0.61 -52.36
C GLU B 657 -12.87 -0.09 -53.67
N THR B 658 -12.02 -1.09 -53.89
CA THR B 658 -11.98 -1.82 -55.19
C THR B 658 -13.12 -2.82 -55.27
N LYS B 659 -13.36 -3.33 -56.47
CA LYS B 659 -14.50 -4.25 -56.70
C LYS B 659 -14.32 -5.42 -55.78
N ASP B 660 -13.05 -5.77 -55.51
CA ASP B 660 -12.75 -6.91 -54.61
C ASP B 660 -12.56 -6.59 -53.12
N GLY B 661 -12.93 -5.43 -52.68
CA GLY B 661 -12.93 -5.15 -51.27
C GLY B 661 -11.71 -4.43 -50.72
N LYS B 662 -10.67 -4.17 -51.52
CA LYS B 662 -9.43 -3.57 -51.02
C LYS B 662 -9.54 -2.06 -50.91
N THR B 663 -8.93 -1.49 -49.87
CA THR B 663 -8.93 -0.06 -49.60
C THR B 663 -7.60 0.52 -49.91
N TYR B 664 -6.93 -0.11 -50.85
CA TYR B 664 -5.64 0.35 -51.37
C TYR B 664 -5.50 -0.26 -52.78
N LEU B 665 -4.49 0.15 -53.52
CA LEU B 665 -4.33 -0.39 -54.87
C LEU B 665 -3.06 -1.22 -54.97
N GLU B 666 -3.07 -2.23 -55.84
CA GLU B 666 -2.00 -3.22 -55.86
C GLU B 666 -1.59 -3.61 -57.27
N TRP B 667 -0.28 -3.83 -57.44
CA TRP B 667 0.35 -4.37 -58.66
C TRP B 667 1.39 -5.41 -58.23
N ALA B 668 1.79 -6.25 -59.19
CA ALA B 668 2.85 -7.23 -58.98
C ALA B 668 3.83 -6.94 -60.06
N VAL B 669 5.03 -6.54 -59.71
CA VAL B 669 5.94 -5.95 -60.66
C VAL B 669 7.28 -6.65 -60.66
N PRO B 670 7.71 -7.16 -61.81
CA PRO B 670 9.08 -7.73 -61.81
C PRO B 670 10.13 -6.63 -61.70
N PHE B 671 11.11 -6.87 -60.82
CA PHE B 671 12.01 -5.79 -60.48
C PHE B 671 12.94 -5.43 -61.64
N LYS B 672 13.01 -4.14 -61.92
CA LYS B 672 13.98 -3.53 -62.78
C LYS B 672 14.40 -2.26 -62.02
N PRO B 673 15.69 -2.07 -61.76
CA PRO B 673 16.17 -0.86 -61.07
C PRO B 673 15.75 0.45 -61.74
N GLY B 674 15.59 1.52 -60.98
CA GLY B 674 15.28 2.81 -61.56
C GLY B 674 14.38 3.60 -60.69
N LYS B 675 13.30 4.07 -61.29
CA LYS B 675 12.36 4.97 -60.69
C LYS B 675 10.95 4.46 -60.98
N LEU B 676 10.22 4.19 -59.90
CA LEU B 676 8.86 3.69 -59.97
C LEU B 676 7.98 4.79 -59.46
N GLU B 677 7.03 5.23 -60.28
CA GLU B 677 6.28 6.46 -60.01
C GLU B 677 4.80 6.18 -60.02
N ALA B 678 4.08 6.84 -59.13
CA ALA B 678 2.65 6.68 -59.11
C ALA B 678 2.00 8.03 -59.43
N VAL B 679 1.03 7.98 -60.36
CA VAL B 679 0.30 9.15 -60.79
C VAL B 679 -1.14 9.00 -60.41
N ALA B 680 -1.53 9.77 -59.41
CA ALA B 680 -2.87 9.67 -58.87
C ALA B 680 -3.81 10.65 -59.56
N LYS B 681 -4.99 10.21 -59.96
CA LYS B 681 -5.92 11.00 -60.75
C LYS B 681 -7.35 10.98 -60.21
N ASP B 682 -8.10 12.06 -60.44
CA ASP B 682 -9.55 12.09 -60.14
C ASP B 682 -10.39 11.39 -61.19
N GLU B 683 -11.71 11.54 -61.11
CA GLU B 683 -12.62 10.81 -62.01
C GLU B 683 -12.46 11.34 -63.39
N ASN B 684 -12.22 12.64 -63.48
CA ASN B 684 -11.97 13.29 -64.77
C ASN B 684 -10.57 13.05 -65.34
N GLY B 685 -9.77 12.11 -64.83
CA GLY B 685 -8.41 11.86 -65.39
C GLY B 685 -7.37 12.93 -65.05
N LYS B 686 -7.76 13.94 -64.27
CA LYS B 686 -6.82 14.98 -63.84
C LYS B 686 -5.84 14.53 -62.72
N VAL B 687 -4.60 14.92 -62.83
CA VAL B 687 -3.58 14.45 -61.90
C VAL B 687 -3.65 15.24 -60.63
N ILE B 688 -3.79 14.57 -59.50
CA ILE B 688 -3.92 15.23 -58.21
C ILE B 688 -2.87 14.85 -57.18
N ALA B 689 -2.12 13.79 -57.38
CA ALA B 689 -0.94 13.59 -56.55
C ALA B 689 0.08 12.70 -57.21
N ARG B 690 1.31 12.72 -56.68
CA ARG B 690 2.38 11.82 -57.15
C ARG B 690 3.26 11.31 -56.01
N ASP B 691 3.89 10.17 -56.25
CA ASP B 691 4.89 9.67 -55.33
C ASP B 691 5.79 8.83 -56.16
N GLN B 692 6.98 8.64 -55.64
CA GLN B 692 7.88 7.70 -56.29
C GLN B 692 8.88 7.04 -55.37
N VAL B 693 9.32 5.87 -55.79
CA VAL B 693 10.40 5.25 -55.13
C VAL B 693 11.50 5.01 -56.16
N VAL B 694 12.72 5.12 -55.67
CA VAL B 694 13.87 5.09 -56.52
C VAL B 694 14.93 4.14 -55.99
N THR B 695 15.48 3.31 -56.86
CA THR B 695 16.60 2.46 -56.48
C THR B 695 17.80 3.28 -56.04
N ALA B 696 18.36 2.93 -54.90
CA ALA B 696 19.43 3.67 -54.30
C ALA B 696 20.73 3.04 -54.69
N GLY B 697 21.77 3.88 -54.81
CA GLY B 697 23.12 3.40 -55.05
C GLY B 697 23.83 2.94 -53.80
N GLU B 698 25.14 2.82 -53.89
CA GLU B 698 26.02 2.62 -52.72
C GLU B 698 25.86 3.77 -51.72
N PRO B 699 25.91 3.44 -50.43
CA PRO B 699 25.90 4.46 -49.39
C PRO B 699 27.09 5.34 -49.60
N ALA B 700 26.89 6.64 -49.52
CA ALA B 700 27.93 7.62 -49.83
C ALA B 700 28.17 8.56 -48.67
N SER B 701 27.09 8.98 -48.02
CA SER B 701 27.23 9.87 -46.90
C SER B 701 26.05 9.75 -45.95
N VAL B 702 26.23 10.42 -44.79
CA VAL B 702 25.16 10.70 -43.84
C VAL B 702 24.67 12.13 -44.01
N ARG B 703 23.37 12.34 -43.82
CA ARG B 703 22.75 13.61 -44.11
C ARG B 703 21.79 14.00 -42.99
N LEU B 704 22.01 15.19 -42.43
CA LEU B 704 21.27 15.64 -41.27
C LEU B 704 20.20 16.62 -41.64
N THR B 705 19.01 16.47 -41.06
CA THR B 705 17.93 17.39 -41.26
C THR B 705 17.23 17.64 -39.94
N ALA B 706 17.28 18.90 -39.51
CA ALA B 706 16.69 19.28 -38.28
C ALA B 706 15.22 19.59 -38.51
N ASP B 707 14.34 19.17 -37.60
CA ASP B 707 12.95 19.37 -37.86
C ASP B 707 12.61 20.83 -37.68
N ARG B 708 13.36 21.51 -36.81
CA ARG B 708 13.18 22.92 -36.58
C ARG B 708 14.55 23.62 -36.45
N LYS B 709 14.78 24.65 -37.25
CA LYS B 709 16.08 25.30 -37.33
C LYS B 709 16.24 26.34 -36.22
N VAL B 710 15.14 26.67 -35.58
CA VAL B 710 15.16 27.67 -34.53
C VAL B 710 14.27 27.22 -33.39
N VAL B 711 14.83 27.29 -32.19
CA VAL B 711 14.12 26.88 -31.00
C VAL B 711 14.40 27.88 -29.86
N LYS B 712 13.76 27.69 -28.73
CA LYS B 712 13.94 28.57 -27.62
C LYS B 712 15.10 28.16 -26.78
N ALA B 713 15.80 29.18 -26.27
CA ALA B 713 16.92 28.98 -25.35
C ALA B 713 16.36 29.04 -23.94
N ASP B 714 15.54 28.07 -23.61
CA ASP B 714 14.87 27.97 -22.31
C ASP B 714 15.27 26.74 -21.52
N GLY B 715 16.30 26.03 -21.96
CA GLY B 715 16.73 24.87 -21.21
C GLY B 715 15.92 23.59 -21.45
N THR B 716 14.74 23.67 -22.08
CA THR B 716 13.95 22.49 -22.37
C THR B 716 13.58 22.22 -23.80
N ASP B 717 13.49 23.25 -24.63
CA ASP B 717 13.02 23.07 -25.99
C ASP B 717 13.99 22.14 -26.75
N LEU B 718 13.49 21.49 -27.79
CA LEU B 718 14.22 20.43 -28.47
C LEU B 718 14.25 20.60 -29.96
N SER B 719 15.29 20.12 -30.61
CA SER B 719 15.24 19.92 -32.04
C SER B 719 15.51 18.45 -32.34
N PHE B 720 14.76 17.94 -33.29
CA PHE B 720 14.88 16.57 -33.70
C PHE B 720 15.62 16.49 -35.02
N ILE B 721 16.76 15.80 -34.96
CA ILE B 721 17.67 15.71 -36.07
C ILE B 721 17.64 14.35 -36.70
N THR B 722 17.09 14.32 -37.90
CA THR B 722 17.05 13.10 -38.69
C THR B 722 18.43 12.87 -39.26
N ALA B 723 18.96 11.68 -39.10
CA ALA B 723 20.16 11.29 -39.82
C ALA B 723 19.81 10.19 -40.82
N ASP B 724 19.99 10.47 -42.11
CA ASP B 724 19.72 9.50 -43.16
C ASP B 724 21.04 8.99 -43.72
N ILE B 725 21.16 7.69 -44.01
CA ILE B 725 22.23 7.21 -44.88
C ILE B 725 21.72 7.29 -46.32
N VAL B 726 22.45 8.06 -47.14
CA VAL B 726 22.05 8.29 -48.53
C VAL B 726 23.13 7.83 -49.50
N ASP B 727 22.74 7.56 -50.76
CA ASP B 727 23.68 7.41 -51.88
C ASP B 727 24.12 8.79 -52.37
N SER B 728 24.99 8.79 -53.37
CA SER B 728 25.56 10.04 -53.89
C SER B 728 24.46 10.92 -54.50
N LYS B 729 23.31 10.37 -54.85
CA LYS B 729 22.20 11.18 -55.40
C LYS B 729 21.21 11.68 -54.32
N GLY B 730 21.46 11.38 -53.06
CA GLY B 730 20.62 11.86 -51.96
C GLY B 730 19.44 10.95 -51.64
N ILE B 731 19.41 9.78 -52.27
CA ILE B 731 18.36 8.81 -52.04
C ILE B 731 18.68 8.01 -50.79
N VAL B 732 17.70 7.79 -49.93
CA VAL B 732 17.94 7.01 -48.73
C VAL B 732 18.15 5.51 -49.02
N VAL B 733 19.20 4.95 -48.48
CA VAL B 733 19.47 3.53 -48.69
C VAL B 733 18.57 2.70 -47.77
N PRO B 734 17.60 2.01 -48.34
CA PRO B 734 16.46 1.55 -47.56
C PRO B 734 16.78 0.47 -46.50
N ASP B 735 17.88 -0.23 -46.64
CA ASP B 735 18.23 -1.28 -45.68
C ASP B 735 19.51 -0.93 -44.86
N ALA B 736 19.95 0.32 -44.94
CA ALA B 736 21.19 0.68 -44.28
C ALA B 736 21.12 0.62 -42.78
N ASP B 737 22.21 0.12 -42.15
CA ASP B 737 22.29 0.02 -40.70
C ASP B 737 23.61 0.46 -40.06
N HIS B 738 24.24 1.41 -40.72
CA HIS B 738 25.55 1.95 -40.39
C HIS B 738 25.55 2.60 -39.03
N LEU B 739 26.63 2.42 -38.30
CA LEU B 739 26.81 3.13 -37.04
C LEU B 739 27.21 4.57 -37.25
N ILE B 740 26.44 5.46 -36.67
CA ILE B 740 26.63 6.87 -36.81
C ILE B 740 27.05 7.42 -35.48
N THR B 741 28.04 8.29 -35.50
CA THR B 741 28.49 9.00 -34.31
C THR B 741 28.14 10.49 -34.39
N PHE B 742 27.52 10.98 -33.33
CA PHE B 742 27.03 12.34 -33.23
C PHE B 742 27.90 13.13 -32.27
N ASN B 743 28.08 14.40 -32.57
CA ASN B 743 28.81 15.32 -31.74
C ASN B 743 28.14 16.69 -31.72
N VAL B 744 27.83 17.16 -30.51
CA VAL B 744 27.05 18.37 -30.38
C VAL B 744 27.91 19.40 -29.68
N THR B 745 27.91 20.62 -30.24
CA THR B 745 28.64 21.76 -29.68
C THR B 745 27.75 22.97 -29.67
N GLY B 746 28.09 23.94 -28.84
CA GLY B 746 27.34 25.19 -28.82
C GLY B 746 26.42 25.23 -27.64
N GLN B 747 25.28 25.92 -27.82
CA GLN B 747 24.35 26.23 -26.71
C GLN B 747 23.27 25.15 -26.58
N GLY B 748 23.73 23.94 -26.32
CA GLY B 748 22.86 22.78 -26.22
C GLY B 748 23.62 21.48 -26.01
N GLU B 749 22.85 20.40 -25.80
CA GLU B 749 23.37 19.11 -25.43
C GLU B 749 22.59 18.07 -26.17
N LEU B 750 23.24 16.98 -26.42
CA LEU B 750 22.57 15.77 -26.89
C LEU B 750 21.70 15.20 -25.74
N ALA B 751 20.44 14.95 -26.07
CA ALA B 751 19.48 14.47 -25.11
C ALA B 751 19.11 13.02 -25.36
N GLY B 752 19.38 12.49 -26.54
CA GLY B 752 19.23 11.06 -26.82
C GLY B 752 19.36 10.69 -28.28
N VAL B 753 19.41 9.39 -28.54
CA VAL B 753 19.45 8.85 -29.91
C VAL B 753 18.54 7.64 -30.03
N ASP B 754 18.10 7.32 -31.24
CA ASP B 754 17.07 6.30 -31.45
C ASP B 754 17.06 5.89 -32.93
N ASN B 755 16.60 4.69 -33.21
CA ASN B 755 16.23 4.33 -34.57
C ASN B 755 14.88 3.60 -34.74
N GLY B 756 14.12 3.47 -33.64
CA GLY B 756 12.83 2.80 -33.71
C GLY B 756 12.89 1.28 -33.88
N ASN B 757 14.10 0.72 -33.91
CA ASN B 757 14.23 -0.75 -34.00
C ASN B 757 13.89 -1.43 -32.68
N ALA B 758 12.78 -2.15 -32.71
CA ALA B 758 12.23 -2.73 -31.54
C ALA B 758 13.13 -3.78 -30.92
N SER B 759 13.98 -4.39 -31.75
CA SER B 759 14.85 -5.44 -31.28
C SER B 759 16.29 -5.00 -31.21
N SER B 760 16.51 -3.69 -31.12
CA SER B 760 17.83 -3.16 -30.70
C SER B 760 17.87 -2.95 -29.21
N VAL B 761 19.01 -3.28 -28.61
CA VAL B 761 19.25 -2.96 -27.21
C VAL B 761 20.40 -1.97 -27.13
N GLU B 762 20.60 -1.21 -28.19
CA GLU B 762 21.45 -0.01 -28.12
C GLU B 762 20.95 0.98 -27.09
N ARG B 763 21.88 1.69 -26.47
CA ARG B 763 21.52 2.75 -25.52
C ARG B 763 20.77 3.87 -26.22
N TYR B 764 19.78 4.42 -25.53
CA TYR B 764 19.08 5.65 -25.97
C TYR B 764 19.90 6.88 -25.52
N LYS B 765 20.58 6.73 -24.39
CA LYS B 765 21.40 7.77 -23.83
C LYS B 765 22.84 7.50 -24.14
N ASP B 766 23.24 7.94 -25.33
CA ASP B 766 24.55 7.72 -25.85
C ASP B 766 24.69 8.68 -26.97
N ASN B 767 25.86 8.67 -27.59
CA ASN B 767 26.10 9.55 -28.70
C ASN B 767 26.33 8.83 -30.03
N LYS B 768 26.17 7.52 -30.05
CA LYS B 768 26.18 6.79 -31.31
C LYS B 768 24.90 5.97 -31.46
N ARG B 769 24.51 5.66 -32.69
CA ARG B 769 23.32 4.85 -32.96
C ARG B 769 23.38 4.29 -34.37
N LYS B 770 22.99 3.03 -34.57
CA LYS B 770 22.91 2.52 -35.93
C LYS B 770 21.72 3.12 -36.63
N ALA B 771 21.81 3.30 -37.93
CA ALA B 771 20.63 3.55 -38.67
C ALA B 771 19.78 2.28 -38.64
N PHE B 772 18.49 2.46 -38.89
CA PHE B 772 17.63 1.33 -39.11
C PHE B 772 16.75 1.63 -40.31
N SER B 773 16.74 0.70 -41.25
CA SER B 773 16.09 0.98 -42.54
C SER B 773 16.43 2.44 -43.02
N GLY B 774 17.74 2.73 -43.01
CA GLY B 774 18.26 3.97 -43.52
C GLY B 774 18.24 5.20 -42.63
N LYS B 775 17.65 5.12 -41.45
CA LYS B 775 17.44 6.32 -40.64
C LYS B 775 17.78 6.12 -39.16
N ALA B 776 18.26 7.21 -38.56
CA ALA B 776 18.40 7.35 -37.13
C ALA B 776 18.03 8.77 -36.67
N LEU B 777 17.96 8.95 -35.37
CA LEU B 777 17.53 10.19 -34.77
C LEU B 777 18.45 10.60 -33.67
N ALA B 778 18.72 11.91 -33.64
CA ALA B 778 19.40 12.54 -32.50
C ALA B 778 18.59 13.70 -32.03
N ILE B 779 18.43 13.77 -30.72
CA ILE B 779 17.62 14.79 -30.12
C ILE B 779 18.55 15.78 -29.42
N VAL B 780 18.38 17.07 -29.68
CA VAL B 780 19.18 18.07 -28.98
C VAL B 780 18.31 18.99 -28.20
N GLN B 781 18.83 19.38 -27.05
CA GLN B 781 18.13 20.26 -26.14
C GLN B 781 18.94 21.55 -25.92
N SER B 782 18.22 22.65 -25.92
CA SER B 782 18.83 23.95 -25.67
C SER B 782 19.25 24.20 -24.23
N SER B 783 20.10 25.21 -24.04
CA SER B 783 20.46 25.73 -22.72
C SER B 783 19.67 27.01 -22.50
N LYS B 784 19.99 27.72 -21.44
CA LYS B 784 19.39 29.02 -21.24
C LYS B 784 20.15 30.18 -21.88
N LEU B 785 21.29 29.93 -22.52
CA LEU B 785 22.01 30.99 -23.26
C LEU B 785 21.63 30.97 -24.72
N SER B 786 21.20 32.08 -25.29
CA SER B 786 20.88 32.09 -26.70
C SER B 786 22.15 31.93 -27.50
N GLY B 787 22.03 31.39 -28.70
CA GLY B 787 23.19 31.18 -29.50
C GLY B 787 22.90 30.17 -30.57
N LYS B 788 23.75 29.17 -30.66
CA LYS B 788 23.67 28.25 -31.76
C LYS B 788 24.19 26.90 -31.36
N ILE B 789 23.49 25.90 -31.86
CA ILE B 789 23.83 24.50 -31.67
C ILE B 789 24.34 23.89 -32.94
N THR B 790 25.45 23.16 -32.83
CA THR B 790 25.94 22.45 -33.99
C THR B 790 25.99 20.97 -33.75
N VAL B 791 25.38 20.22 -34.67
CA VAL B 791 25.39 18.77 -34.65
C VAL B 791 26.24 18.21 -35.80
N HIS B 792 27.27 17.45 -35.45
CA HIS B 792 28.13 16.83 -36.43
C HIS B 792 27.79 15.31 -36.42
N ALA B 793 27.82 14.69 -37.60
CA ALA B 793 27.64 13.26 -37.67
C ALA B 793 28.61 12.61 -38.60
N SER B 794 29.09 11.44 -38.22
CA SER B 794 30.02 10.71 -39.06
C SER B 794 29.81 9.17 -39.03
N VAL B 795 30.26 8.55 -40.11
CA VAL B 795 30.08 7.14 -40.37
C VAL B 795 31.33 6.70 -41.06
N ALA B 796 31.93 5.67 -40.52
CA ALA B 796 33.11 5.09 -41.11
C ALA B 796 32.86 4.82 -42.57
N GLY B 797 33.69 5.40 -43.41
CA GLY B 797 33.68 5.07 -44.81
C GLY B 797 32.83 6.02 -45.62
N LEU B 798 32.10 6.95 -45.01
CA LEU B 798 31.24 7.84 -45.79
C LEU B 798 31.48 9.28 -45.39
N SER B 799 30.92 10.26 -46.10
CA SER B 799 31.21 11.64 -45.72
C SER B 799 30.38 12.00 -44.54
N SER B 800 31.00 12.78 -43.67
CA SER B 800 30.31 13.41 -42.59
C SER B 800 29.33 14.49 -43.06
N ASP B 801 28.55 15.03 -42.10
CA ASP B 801 27.65 16.15 -42.34
C ASP B 801 27.46 16.93 -41.04
N SER B 802 26.94 18.15 -41.19
CA SER B 802 26.70 19.08 -40.08
C SER B 802 25.42 19.83 -40.31
N THR B 803 24.75 20.18 -39.22
CA THR B 803 23.69 21.13 -39.32
C THR B 803 23.61 21.91 -38.03
N SER B 804 22.93 23.03 -38.12
CA SER B 804 22.91 23.98 -37.07
C SER B 804 21.50 24.33 -36.71
N VAL B 805 21.31 24.66 -35.44
CA VAL B 805 20.05 25.14 -34.94
C VAL B 805 20.31 26.31 -34.03
N PHE B 806 19.58 27.37 -34.29
CA PHE B 806 19.73 28.60 -33.54
C PHE B 806 18.81 28.56 -32.37
N THR B 807 19.28 29.08 -31.25
CA THR B 807 18.46 29.21 -30.07
C THR B 807 18.30 30.68 -29.67
N VAL B 808 17.11 31.04 -29.23
CA VAL B 808 16.69 32.42 -29.10
C VAL B 808 16.08 32.67 -27.73
N THR B 809 16.39 33.82 -27.13
CA THR B 809 15.87 34.13 -25.79
C THR B 809 14.38 34.22 -25.91
N PRO B 810 13.60 33.41 -25.15
CA PRO B 810 12.14 33.55 -25.31
C PRO B 810 11.73 34.81 -24.58
#